data_7ZAA
# 
_entry.id   7ZAA 
# 
_audit_conform.dict_name       mmcif_pdbx.dic 
_audit_conform.dict_version    5.384 
_audit_conform.dict_location   http://mmcif.pdb.org/dictionaries/ascii/mmcif_pdbx.dic 
# 
loop_
_database_2.database_id 
_database_2.database_code 
_database_2.pdbx_database_accession 
_database_2.pdbx_DOI 
PDB   7ZAA         pdb_00007zaa 10.2210/pdb7zaa/pdb 
WWPDB D_1292121862 ?            ?                   
# 
loop_
_pdbx_audit_revision_history.ordinal 
_pdbx_audit_revision_history.data_content_type 
_pdbx_audit_revision_history.major_revision 
_pdbx_audit_revision_history.minor_revision 
_pdbx_audit_revision_history.revision_date 
1 'Structure model' 1 0 2022-11-23 
2 'Structure model' 1 1 2022-12-07 
3 'Structure model' 1 2 2023-01-11 
4 'Structure model' 1 3 2024-01-31 
# 
_pdbx_audit_revision_details.ordinal             1 
_pdbx_audit_revision_details.revision_ordinal    1 
_pdbx_audit_revision_details.data_content_type   'Structure model' 
_pdbx_audit_revision_details.provider            repository 
_pdbx_audit_revision_details.type                'Initial release' 
_pdbx_audit_revision_details.description         ? 
_pdbx_audit_revision_details.details             ? 
# 
loop_
_pdbx_audit_revision_group.ordinal 
_pdbx_audit_revision_group.revision_ordinal 
_pdbx_audit_revision_group.data_content_type 
_pdbx_audit_revision_group.group 
1 2 'Structure model' 'Database references'    
2 3 'Structure model' 'Database references'    
3 4 'Structure model' 'Data collection'        
4 4 'Structure model' 'Refinement description' 
# 
loop_
_pdbx_audit_revision_category.ordinal 
_pdbx_audit_revision_category.revision_ordinal 
_pdbx_audit_revision_category.data_content_type 
_pdbx_audit_revision_category.category 
1 2 'Structure model' citation                      
2 2 'Structure model' citation_author               
3 3 'Structure model' citation_author               
4 4 'Structure model' chem_comp_atom                
5 4 'Structure model' chem_comp_bond                
6 4 'Structure model' pdbx_initial_refinement_model 
# 
loop_
_pdbx_audit_revision_item.ordinal 
_pdbx_audit_revision_item.revision_ordinal 
_pdbx_audit_revision_item.data_content_type 
_pdbx_audit_revision_item.item 
1 2 'Structure model' '_citation.journal_volume'          
2 2 'Structure model' '_citation.page_first'              
3 2 'Structure model' '_citation.page_last'               
4 2 'Structure model' '_citation_author.identifier_ORCID' 
5 3 'Structure model' '_citation_author.identifier_ORCID' 
# 
_pdbx_database_status.status_code                     REL 
_pdbx_database_status.status_code_sf                  REL 
_pdbx_database_status.status_code_mr                  ? 
_pdbx_database_status.entry_id                        7ZAA 
_pdbx_database_status.recvd_initial_deposition_date   2022-03-22 
_pdbx_database_status.SG_entry                        N 
_pdbx_database_status.deposit_site                    PDBE 
_pdbx_database_status.process_site                    PDBE 
_pdbx_database_status.status_code_cs                  ? 
_pdbx_database_status.status_code_nmr_data            ? 
_pdbx_database_status.methods_development_category    ? 
_pdbx_database_status.pdb_format_compatible           N 
# 
_pdbx_contact_author.id                 2 
_pdbx_contact_author.email              martin.noble@ncl.ac.uk 
_pdbx_contact_author.name_first         Martin 
_pdbx_contact_author.name_last          Noble 
_pdbx_contact_author.name_mi            E.M 
_pdbx_contact_author.role               'principal investigator/group leader' 
_pdbx_contact_author.identifier_ORCID   0000-0002-3595-9807 
# 
loop_
_audit_author.name 
_audit_author.pdbx_ordinal 
_audit_author.identifier_ORCID 
'Turberville, S.' 1 0000-0003-2173-9675 
'Martin, M.P.'    2 0000-0003-4810-3351 
'Hope, I.'        3 ?                   
'Noble, M.E.M.'   4 0000-0002-3595-9807 
# 
_citation.abstract                  ? 
_citation.abstract_id_CAS           ? 
_citation.book_id_ISBN              ? 
_citation.book_publisher            ? 
_citation.book_publisher_city       ? 
_citation.book_title                ? 
_citation.coordinate_linkage        ? 
_citation.country                   US 
_citation.database_id_Medline       ? 
_citation.details                   ? 
_citation.id                        primary 
_citation.journal_abbrev            J.Med.Chem. 
_citation.journal_id_ASTM           JMCMAR 
_citation.journal_id_CSD            0151 
_citation.journal_id_ISSN           0022-2623 
_citation.journal_full              ? 
_citation.journal_issue             ? 
_citation.journal_volume            65 
_citation.language                  ? 
_citation.page_first                15416 
_citation.page_last                 15432 
_citation.title                     
;Mapping Ligand Interactions of Bromodomains BRD4 and ATAD2 with FragLites and PepLites&#9472;Halogenated Probes of Druglike and Peptide-like Molecular Interactions.
;
_citation.year                      2022 
_citation.database_id_CSD           ? 
_citation.pdbx_database_id_DOI      10.1021/acs.jmedchem.2c01357 
_citation.pdbx_database_id_PubMed   36367089 
_citation.pdbx_database_id_patent   ? 
_citation.unpublished_flag          ? 
# 
loop_
_citation_author.citation_id 
_citation_author.name 
_citation_author.ordinal 
_citation_author.identifier_ORCID 
primary 'Davison, G.'       1  0000-0001-5466-2702 
primary 'Martin, M.P.'      2  ?                   
primary 'Turberville, S.'   3  ?                   
primary 'Dormen, S.'        4  ?                   
primary 'Heath, R.'         5  ?                   
primary 'Heptinstall, A.B.' 6  ?                   
primary 'Lawson, M.'        7  ?                   
primary 'Miller, D.C.'      8  0000-0001-6846-2007 
primary 'Ng, Y.M.'          9  ?                   
primary 'Sanderson, J.N.'   10 0000-0003-1000-2897 
primary 'Hope, I.'          11 0000-0002-8002-5026 
primary 'Wood, D.J.'        12 ?                   
primary 'Cano, C.'          13 0000-0002-2032-2272 
primary 'Endicott, J.A.'    14 ?                   
primary 'Hardcastle, I.R.'  15 0000-0001-7495-3769 
primary 'Noble, M.E.M.'     16 ?                   
primary 'Waring, M.J.'      17 0000-0002-9110-8783 
# 
loop_
_entity.id 
_entity.type 
_entity.src_method 
_entity.pdbx_description 
_entity.formula_weight 
_entity.pdbx_number_of_molecules 
_entity.pdbx_ec 
_entity.pdbx_mutation 
_entity.pdbx_fragment 
_entity.details 
1 polymer     man 'Isoform C of Bromodomain-containing protein 4' 15294.578 1   ? ? ? ? 
2 non-polymer syn GLYCEROL                                        92.094    1   ? ? ? ? 
3 non-polymer syn '~{N}-(4-bromophenyl)ethanamide'                214.059   1   ? ? ? ? 
4 water       nat water                                           18.015    167 ? ? ? ? 
# 
_entity_name_com.entity_id   1 
_entity_name_com.name        'Protein HUNK1' 
# 
_entity_poly.entity_id                      1 
_entity_poly.type                           'polypeptide(L)' 
_entity_poly.nstd_linkage                   no 
_entity_poly.nstd_monomer                   no 
_entity_poly.pdbx_seq_one_letter_code       
;GSHMNPPPPETSNPNKPKRQTNQLQYLLRVVLKTLWKHQFAWPFQQPVDAVKLNLPDYYKIIKTPMDMGTIKKRLENNYY
WNAQECIQDFNTMFTNCYIYNKPGDDIVLMAEALEKLFLQKINELPTEE
;
_entity_poly.pdbx_seq_one_letter_code_can   
;GSHMNPPPPETSNPNKPKRQTNQLQYLLRVVLKTLWKHQFAWPFQQPVDAVKLNLPDYYKIIKTPMDMGTIKKRLENNYY
WNAQECIQDFNTMFTNCYIYNKPGDDIVLMAEALEKLFLQKINELPTEE
;
_entity_poly.pdbx_strand_id                 AAA 
_entity_poly.pdbx_target_identifier         ? 
# 
loop_
_pdbx_entity_nonpoly.entity_id 
_pdbx_entity_nonpoly.name 
_pdbx_entity_nonpoly.comp_id 
2 GLYCEROL                         GOL 
3 '~{N}-(4-bromophenyl)ethanamide' IJX 
4 water                            HOH 
# 
loop_
_entity_poly_seq.entity_id 
_entity_poly_seq.num 
_entity_poly_seq.mon_id 
_entity_poly_seq.hetero 
1 1   GLY n 
1 2   SER n 
1 3   HIS n 
1 4   MET n 
1 5   ASN n 
1 6   PRO n 
1 7   PRO n 
1 8   PRO n 
1 9   PRO n 
1 10  GLU n 
1 11  THR n 
1 12  SER n 
1 13  ASN n 
1 14  PRO n 
1 15  ASN n 
1 16  LYS n 
1 17  PRO n 
1 18  LYS n 
1 19  ARG n 
1 20  GLN n 
1 21  THR n 
1 22  ASN n 
1 23  GLN n 
1 24  LEU n 
1 25  GLN n 
1 26  TYR n 
1 27  LEU n 
1 28  LEU n 
1 29  ARG n 
1 30  VAL n 
1 31  VAL n 
1 32  LEU n 
1 33  LYS n 
1 34  THR n 
1 35  LEU n 
1 36  TRP n 
1 37  LYS n 
1 38  HIS n 
1 39  GLN n 
1 40  PHE n 
1 41  ALA n 
1 42  TRP n 
1 43  PRO n 
1 44  PHE n 
1 45  GLN n 
1 46  GLN n 
1 47  PRO n 
1 48  VAL n 
1 49  ASP n 
1 50  ALA n 
1 51  VAL n 
1 52  LYS n 
1 53  LEU n 
1 54  ASN n 
1 55  LEU n 
1 56  PRO n 
1 57  ASP n 
1 58  TYR n 
1 59  TYR n 
1 60  LYS n 
1 61  ILE n 
1 62  ILE n 
1 63  LYS n 
1 64  THR n 
1 65  PRO n 
1 66  MET n 
1 67  ASP n 
1 68  MET n 
1 69  GLY n 
1 70  THR n 
1 71  ILE n 
1 72  LYS n 
1 73  LYS n 
1 74  ARG n 
1 75  LEU n 
1 76  GLU n 
1 77  ASN n 
1 78  ASN n 
1 79  TYR n 
1 80  TYR n 
1 81  TRP n 
1 82  ASN n 
1 83  ALA n 
1 84  GLN n 
1 85  GLU n 
1 86  CYS n 
1 87  ILE n 
1 88  GLN n 
1 89  ASP n 
1 90  PHE n 
1 91  ASN n 
1 92  THR n 
1 93  MET n 
1 94  PHE n 
1 95  THR n 
1 96  ASN n 
1 97  CYS n 
1 98  TYR n 
1 99  ILE n 
1 100 TYR n 
1 101 ASN n 
1 102 LYS n 
1 103 PRO n 
1 104 GLY n 
1 105 ASP n 
1 106 ASP n 
1 107 ILE n 
1 108 VAL n 
1 109 LEU n 
1 110 MET n 
1 111 ALA n 
1 112 GLU n 
1 113 ALA n 
1 114 LEU n 
1 115 GLU n 
1 116 LYS n 
1 117 LEU n 
1 118 PHE n 
1 119 LEU n 
1 120 GLN n 
1 121 LYS n 
1 122 ILE n 
1 123 ASN n 
1 124 GLU n 
1 125 LEU n 
1 126 PRO n 
1 127 THR n 
1 128 GLU n 
1 129 GLU n 
# 
_entity_src_gen.entity_id                          1 
_entity_src_gen.pdbx_src_id                        1 
_entity_src_gen.pdbx_alt_source_flag               sample 
_entity_src_gen.pdbx_seq_type                      'Biological sequence' 
_entity_src_gen.pdbx_beg_seq_num                   1 
_entity_src_gen.pdbx_end_seq_num                   129 
_entity_src_gen.gene_src_common_name               human 
_entity_src_gen.gene_src_genus                     ? 
_entity_src_gen.pdbx_gene_src_gene                 'BRD4, HUNK1' 
_entity_src_gen.gene_src_species                   ? 
_entity_src_gen.gene_src_strain                    ? 
_entity_src_gen.gene_src_tissue                    ? 
_entity_src_gen.gene_src_tissue_fraction           ? 
_entity_src_gen.gene_src_details                   ? 
_entity_src_gen.pdbx_gene_src_fragment             ? 
_entity_src_gen.pdbx_gene_src_scientific_name      'Homo sapiens' 
_entity_src_gen.pdbx_gene_src_ncbi_taxonomy_id     9606 
_entity_src_gen.pdbx_gene_src_variant              ? 
_entity_src_gen.pdbx_gene_src_cell_line            ? 
_entity_src_gen.pdbx_gene_src_atcc                 ? 
_entity_src_gen.pdbx_gene_src_organ                ? 
_entity_src_gen.pdbx_gene_src_organelle            ? 
_entity_src_gen.pdbx_gene_src_cell                 ? 
_entity_src_gen.pdbx_gene_src_cellular_location    ? 
_entity_src_gen.host_org_common_name               ? 
_entity_src_gen.pdbx_host_org_scientific_name      'Escherichia coli BL21(DE3)' 
_entity_src_gen.pdbx_host_org_ncbi_taxonomy_id     469008 
_entity_src_gen.host_org_genus                     ? 
_entity_src_gen.pdbx_host_org_gene                 ? 
_entity_src_gen.pdbx_host_org_organ                ? 
_entity_src_gen.host_org_species                   ? 
_entity_src_gen.pdbx_host_org_tissue               ? 
_entity_src_gen.pdbx_host_org_tissue_fraction      ? 
_entity_src_gen.pdbx_host_org_strain               ? 
_entity_src_gen.pdbx_host_org_variant              ? 
_entity_src_gen.pdbx_host_org_cell_line            ? 
_entity_src_gen.pdbx_host_org_atcc                 ? 
_entity_src_gen.pdbx_host_org_culture_collection   ? 
_entity_src_gen.pdbx_host_org_cell                 ? 
_entity_src_gen.pdbx_host_org_organelle            ? 
_entity_src_gen.pdbx_host_org_cellular_location    ? 
_entity_src_gen.pdbx_host_org_vector_type          ? 
_entity_src_gen.pdbx_host_org_vector               ? 
_entity_src_gen.host_org_details                   ? 
_entity_src_gen.expression_system_id               ? 
_entity_src_gen.plasmid_name                       pET28b 
_entity_src_gen.plasmid_details                    ? 
_entity_src_gen.pdbx_description                   ? 
# 
loop_
_chem_comp.id 
_chem_comp.type 
_chem_comp.mon_nstd_flag 
_chem_comp.name 
_chem_comp.pdbx_synonyms 
_chem_comp.formula 
_chem_comp.formula_weight 
ALA 'L-peptide linking' y ALANINE                          ?                               'C3 H7 N O2'     89.093  
ARG 'L-peptide linking' y ARGININE                         ?                               'C6 H15 N4 O2 1' 175.209 
ASN 'L-peptide linking' y ASPARAGINE                       ?                               'C4 H8 N2 O3'    132.118 
ASP 'L-peptide linking' y 'ASPARTIC ACID'                  ?                               'C4 H7 N O4'     133.103 
CYS 'L-peptide linking' y CYSTEINE                         ?                               'C3 H7 N O2 S'   121.158 
GLN 'L-peptide linking' y GLUTAMINE                        ?                               'C5 H10 N2 O3'   146.144 
GLU 'L-peptide linking' y 'GLUTAMIC ACID'                  ?                               'C5 H9 N O4'     147.129 
GLY 'peptide linking'   y GLYCINE                          ?                               'C2 H5 N O2'     75.067  
GOL non-polymer         . GLYCEROL                         'GLYCERIN; PROPANE-1,2,3-TRIOL' 'C3 H8 O3'       92.094  
HIS 'L-peptide linking' y HISTIDINE                        ?                               'C6 H10 N3 O2 1' 156.162 
HOH non-polymer         . WATER                            ?                               'H2 O'           18.015  
IJX non-polymer         . '~{N}-(4-bromophenyl)ethanamide' ?                               'C8 H8 Br N O'   214.059 
ILE 'L-peptide linking' y ISOLEUCINE                       ?                               'C6 H13 N O2'    131.173 
LEU 'L-peptide linking' y LEUCINE                          ?                               'C6 H13 N O2'    131.173 
LYS 'L-peptide linking' y LYSINE                           ?                               'C6 H15 N2 O2 1' 147.195 
MET 'L-peptide linking' y METHIONINE                       ?                               'C5 H11 N O2 S'  149.211 
PHE 'L-peptide linking' y PHENYLALANINE                    ?                               'C9 H11 N O2'    165.189 
PRO 'L-peptide linking' y PROLINE                          ?                               'C5 H9 N O2'     115.130 
SER 'L-peptide linking' y SERINE                           ?                               'C3 H7 N O3'     105.093 
THR 'L-peptide linking' y THREONINE                        ?                               'C4 H9 N O3'     119.119 
TRP 'L-peptide linking' y TRYPTOPHAN                       ?                               'C11 H12 N2 O2'  204.225 
TYR 'L-peptide linking' y TYROSINE                         ?                               'C9 H11 N O3'    181.189 
VAL 'L-peptide linking' y VALINE                           ?                               'C5 H11 N O2'    117.146 
# 
loop_
_pdbx_poly_seq_scheme.asym_id 
_pdbx_poly_seq_scheme.entity_id 
_pdbx_poly_seq_scheme.seq_id 
_pdbx_poly_seq_scheme.mon_id 
_pdbx_poly_seq_scheme.ndb_seq_num 
_pdbx_poly_seq_scheme.pdb_seq_num 
_pdbx_poly_seq_scheme.auth_seq_num 
_pdbx_poly_seq_scheme.pdb_mon_id 
_pdbx_poly_seq_scheme.auth_mon_id 
_pdbx_poly_seq_scheme.pdb_strand_id 
_pdbx_poly_seq_scheme.pdb_ins_code 
_pdbx_poly_seq_scheme.hetero 
A 1 1   GLY 1   40  40  GLY GLY AAA . n 
A 1 2   SER 2   41  41  SER SER AAA . n 
A 1 3   HIS 3   42  42  HIS HIS AAA . n 
A 1 4   MET 4   43  43  MET MET AAA . n 
A 1 5   ASN 5   44  44  ASN ASN AAA . n 
A 1 6   PRO 6   45  45  PRO PRO AAA . n 
A 1 7   PRO 7   46  46  PRO PRO AAA . n 
A 1 8   PRO 8   47  47  PRO PRO AAA . n 
A 1 9   PRO 9   48  48  PRO PRO AAA . n 
A 1 10  GLU 10  49  49  GLU GLU AAA . n 
A 1 11  THR 11  50  50  THR THR AAA . n 
A 1 12  SER 12  51  51  SER SER AAA . n 
A 1 13  ASN 13  52  52  ASN ASN AAA . n 
A 1 14  PRO 14  53  53  PRO PRO AAA . n 
A 1 15  ASN 15  54  54  ASN ASN AAA . n 
A 1 16  LYS 16  55  55  LYS LYS AAA . n 
A 1 17  PRO 17  56  56  PRO PRO AAA . n 
A 1 18  LYS 18  57  57  LYS LYS AAA . n 
A 1 19  ARG 19  58  58  ARG ARG AAA . n 
A 1 20  GLN 20  59  59  GLN GLN AAA . n 
A 1 21  THR 21  60  60  THR THR AAA . n 
A 1 22  ASN 22  61  61  ASN ASN AAA . n 
A 1 23  GLN 23  62  62  GLN GLN AAA . n 
A 1 24  LEU 24  63  63  LEU LEU AAA . n 
A 1 25  GLN 25  64  64  GLN GLN AAA . n 
A 1 26  TYR 26  65  65  TYR TYR AAA . n 
A 1 27  LEU 27  66  66  LEU LEU AAA . n 
A 1 28  LEU 28  67  67  LEU LEU AAA . n 
A 1 29  ARG 29  68  68  ARG ARG AAA . n 
A 1 30  VAL 30  69  69  VAL VAL AAA . n 
A 1 31  VAL 31  70  70  VAL VAL AAA . n 
A 1 32  LEU 32  71  71  LEU LEU AAA . n 
A 1 33  LYS 33  72  72  LYS LYS AAA . n 
A 1 34  THR 34  73  73  THR THR AAA . n 
A 1 35  LEU 35  74  74  LEU LEU AAA . n 
A 1 36  TRP 36  75  75  TRP TRP AAA . n 
A 1 37  LYS 37  76  76  LYS LYS AAA . n 
A 1 38  HIS 38  77  77  HIS HIS AAA . n 
A 1 39  GLN 39  78  78  GLN GLN AAA . n 
A 1 40  PHE 40  79  79  PHE PHE AAA . n 
A 1 41  ALA 41  80  80  ALA ALA AAA . n 
A 1 42  TRP 42  81  81  TRP TRP AAA . n 
A 1 43  PRO 43  82  82  PRO PRO AAA . n 
A 1 44  PHE 44  83  83  PHE PHE AAA . n 
A 1 45  GLN 45  84  84  GLN GLN AAA . n 
A 1 46  GLN 46  85  85  GLN GLN AAA . n 
A 1 47  PRO 47  86  86  PRO PRO AAA . n 
A 1 48  VAL 48  87  87  VAL VAL AAA . n 
A 1 49  ASP 49  88  88  ASP ASP AAA . n 
A 1 50  ALA 50  89  89  ALA ALA AAA . n 
A 1 51  VAL 51  90  90  VAL VAL AAA . n 
A 1 52  LYS 52  91  91  LYS LYS AAA . n 
A 1 53  LEU 53  92  92  LEU LEU AAA . n 
A 1 54  ASN 54  93  93  ASN ASN AAA . n 
A 1 55  LEU 55  94  94  LEU LEU AAA . n 
A 1 56  PRO 56  95  95  PRO PRO AAA . n 
A 1 57  ASP 57  96  96  ASP ASP AAA . n 
A 1 58  TYR 58  97  97  TYR TYR AAA . n 
A 1 59  TYR 59  98  98  TYR TYR AAA . n 
A 1 60  LYS 60  99  99  LYS LYS AAA . n 
A 1 61  ILE 61  100 100 ILE ILE AAA . n 
A 1 62  ILE 62  101 101 ILE ILE AAA . n 
A 1 63  LYS 63  102 102 LYS LYS AAA . n 
A 1 64  THR 64  103 103 THR THR AAA . n 
A 1 65  PRO 65  104 104 PRO PRO AAA . n 
A 1 66  MET 66  105 105 MET MET AAA . n 
A 1 67  ASP 67  106 106 ASP ASP AAA . n 
A 1 68  MET 68  107 107 MET MET AAA . n 
A 1 69  GLY 69  108 108 GLY GLY AAA . n 
A 1 70  THR 70  109 109 THR THR AAA . n 
A 1 71  ILE 71  110 110 ILE ILE AAA . n 
A 1 72  LYS 72  111 111 LYS LYS AAA . n 
A 1 73  LYS 73  112 112 LYS LYS AAA . n 
A 1 74  ARG 74  113 113 ARG ARG AAA . n 
A 1 75  LEU 75  114 114 LEU LEU AAA . n 
A 1 76  GLU 76  115 115 GLU GLU AAA . n 
A 1 77  ASN 77  116 116 ASN ASN AAA . n 
A 1 78  ASN 78  117 117 ASN ASN AAA . n 
A 1 79  TYR 79  118 118 TYR TYR AAA . n 
A 1 80  TYR 80  119 119 TYR TYR AAA . n 
A 1 81  TRP 81  120 120 TRP TRP AAA . n 
A 1 82  ASN 82  121 121 ASN ASN AAA . n 
A 1 83  ALA 83  122 122 ALA ALA AAA . n 
A 1 84  GLN 84  123 123 GLN GLN AAA . n 
A 1 85  GLU 85  124 124 GLU GLU AAA . n 
A 1 86  CYS 86  125 125 CYS CYS AAA . n 
A 1 87  ILE 87  126 126 ILE ILE AAA . n 
A 1 88  GLN 88  127 127 GLN GLN AAA . n 
A 1 89  ASP 89  128 128 ASP ASP AAA . n 
A 1 90  PHE 90  129 129 PHE PHE AAA . n 
A 1 91  ASN 91  130 130 ASN ASN AAA . n 
A 1 92  THR 92  131 131 THR THR AAA . n 
A 1 93  MET 93  132 132 MET MET AAA . n 
A 1 94  PHE 94  133 133 PHE PHE AAA . n 
A 1 95  THR 95  134 134 THR THR AAA . n 
A 1 96  ASN 96  135 135 ASN ASN AAA . n 
A 1 97  CYS 97  136 136 CYS CYS AAA . n 
A 1 98  TYR 98  137 137 TYR TYR AAA . n 
A 1 99  ILE 99  138 138 ILE ILE AAA . n 
A 1 100 TYR 100 139 139 TYR TYR AAA . n 
A 1 101 ASN 101 140 140 ASN ASN AAA . n 
A 1 102 LYS 102 141 141 LYS LYS AAA . n 
A 1 103 PRO 103 142 142 PRO PRO AAA . n 
A 1 104 GLY 104 143 143 GLY GLY AAA . n 
A 1 105 ASP 105 144 144 ASP ASP AAA . n 
A 1 106 ASP 106 145 145 ASP ASP AAA . n 
A 1 107 ILE 107 146 146 ILE ILE AAA . n 
A 1 108 VAL 108 147 147 VAL VAL AAA . n 
A 1 109 LEU 109 148 148 LEU LEU AAA . n 
A 1 110 MET 110 149 149 MET MET AAA . n 
A 1 111 ALA 111 150 150 ALA ALA AAA . n 
A 1 112 GLU 112 151 151 GLU GLU AAA . n 
A 1 113 ALA 113 152 152 ALA ALA AAA . n 
A 1 114 LEU 114 153 153 LEU LEU AAA . n 
A 1 115 GLU 115 154 154 GLU GLU AAA . n 
A 1 116 LYS 116 155 155 LYS LYS AAA . n 
A 1 117 LEU 117 156 156 LEU LEU AAA . n 
A 1 118 PHE 118 157 157 PHE PHE AAA . n 
A 1 119 LEU 119 158 158 LEU LEU AAA . n 
A 1 120 GLN 120 159 159 GLN GLN AAA . n 
A 1 121 LYS 121 160 160 LYS LYS AAA . n 
A 1 122 ILE 122 161 161 ILE ILE AAA . n 
A 1 123 ASN 123 162 162 ASN ASN AAA . n 
A 1 124 GLU 124 163 163 GLU GLU AAA . n 
A 1 125 LEU 125 164 164 LEU LEU AAA . n 
A 1 126 PRO 126 165 165 PRO PRO AAA . n 
A 1 127 THR 127 166 166 THR THR AAA . n 
A 1 128 GLU 128 167 167 GLU GLU AAA . n 
A 1 129 GLU 129 168 168 GLU GLU AAA . n 
# 
loop_
_pdbx_nonpoly_scheme.asym_id 
_pdbx_nonpoly_scheme.entity_id 
_pdbx_nonpoly_scheme.mon_id 
_pdbx_nonpoly_scheme.ndb_seq_num 
_pdbx_nonpoly_scheme.pdb_seq_num 
_pdbx_nonpoly_scheme.auth_seq_num 
_pdbx_nonpoly_scheme.pdb_mon_id 
_pdbx_nonpoly_scheme.auth_mon_id 
_pdbx_nonpoly_scheme.pdb_strand_id 
_pdbx_nonpoly_scheme.pdb_ins_code 
B 2 GOL 1   201 1   GOL GOL AAA . 
C 3 IJX 1   202 1   IJX DRG AAA . 
D 4 HOH 1   301 10  HOH HOH AAA . 
D 4 HOH 2   302 89  HOH HOH AAA . 
D 4 HOH 3   303 14  HOH HOH AAA . 
D 4 HOH 4   304 138 HOH HOH AAA . 
D 4 HOH 5   305 160 HOH HOH AAA . 
D 4 HOH 6   306 104 HOH HOH AAA . 
D 4 HOH 7   307 70  HOH HOH AAA . 
D 4 HOH 8   308 116 HOH HOH AAA . 
D 4 HOH 9   309 98  HOH HOH AAA . 
D 4 HOH 10  310 29  HOH HOH AAA . 
D 4 HOH 11  311 22  HOH HOH AAA . 
D 4 HOH 12  312 72  HOH HOH AAA . 
D 4 HOH 13  313 139 HOH HOH AAA . 
D 4 HOH 14  314 4   HOH HOH AAA . 
D 4 HOH 15  315 130 HOH HOH AAA . 
D 4 HOH 16  316 35  HOH HOH AAA . 
D 4 HOH 17  317 118 HOH HOH AAA . 
D 4 HOH 18  318 112 HOH HOH AAA . 
D 4 HOH 19  319 103 HOH HOH AAA . 
D 4 HOH 20  320 73  HOH HOH AAA . 
D 4 HOH 21  321 167 HOH HOH AAA . 
D 4 HOH 22  322 135 HOH HOH AAA . 
D 4 HOH 23  323 82  HOH HOH AAA . 
D 4 HOH 24  324 71  HOH HOH AAA . 
D 4 HOH 25  325 132 HOH HOH AAA . 
D 4 HOH 26  326 62  HOH HOH AAA . 
D 4 HOH 27  327 48  HOH HOH AAA . 
D 4 HOH 28  328 129 HOH HOH AAA . 
D 4 HOH 29  329 109 HOH HOH AAA . 
D 4 HOH 30  330 97  HOH HOH AAA . 
D 4 HOH 31  331 154 HOH HOH AAA . 
D 4 HOH 32  332 90  HOH HOH AAA . 
D 4 HOH 33  333 24  HOH HOH AAA . 
D 4 HOH 34  334 50  HOH HOH AAA . 
D 4 HOH 35  335 11  HOH HOH AAA . 
D 4 HOH 36  336 74  HOH HOH AAA . 
D 4 HOH 37  337 33  HOH HOH AAA . 
D 4 HOH 38  338 161 HOH HOH AAA . 
D 4 HOH 39  339 52  HOH HOH AAA . 
D 4 HOH 40  340 36  HOH HOH AAA . 
D 4 HOH 41  341 141 HOH HOH AAA . 
D 4 HOH 42  342 147 HOH HOH AAA . 
D 4 HOH 43  343 155 HOH HOH AAA . 
D 4 HOH 44  344 25  HOH HOH AAA . 
D 4 HOH 45  345 17  HOH HOH AAA . 
D 4 HOH 46  346 94  HOH HOH AAA . 
D 4 HOH 47  347 2   HOH HOH AAA . 
D 4 HOH 48  348 39  HOH HOH AAA . 
D 4 HOH 49  349 23  HOH HOH AAA . 
D 4 HOH 50  350 49  HOH HOH AAA . 
D 4 HOH 51  351 159 HOH HOH AAA . 
D 4 HOH 52  352 61  HOH HOH AAA . 
D 4 HOH 53  353 47  HOH HOH AAA . 
D 4 HOH 54  354 134 HOH HOH AAA . 
D 4 HOH 55  355 12  HOH HOH AAA . 
D 4 HOH 56  356 56  HOH HOH AAA . 
D 4 HOH 57  357 80  HOH HOH AAA . 
D 4 HOH 58  358 113 HOH HOH AAA . 
D 4 HOH 59  359 20  HOH HOH AAA . 
D 4 HOH 60  360 13  HOH HOH AAA . 
D 4 HOH 61  361 38  HOH HOH AAA . 
D 4 HOH 62  362 151 HOH HOH AAA . 
D 4 HOH 63  363 45  HOH HOH AAA . 
D 4 HOH 64  364 128 HOH HOH AAA . 
D 4 HOH 65  365 92  HOH HOH AAA . 
D 4 HOH 66  366 88  HOH HOH AAA . 
D 4 HOH 67  367 68  HOH HOH AAA . 
D 4 HOH 68  368 152 HOH HOH AAA . 
D 4 HOH 69  369 42  HOH HOH AAA . 
D 4 HOH 70  370 9   HOH HOH AAA . 
D 4 HOH 71  371 148 HOH HOH AAA . 
D 4 HOH 72  372 55  HOH HOH AAA . 
D 4 HOH 73  373 51  HOH HOH AAA . 
D 4 HOH 74  374 6   HOH HOH AAA . 
D 4 HOH 75  375 8   HOH HOH AAA . 
D 4 HOH 76  376 121 HOH HOH AAA . 
D 4 HOH 77  377 1   HOH HOH AAA . 
D 4 HOH 78  378 16  HOH HOH AAA . 
D 4 HOH 79  379 53  HOH HOH AAA . 
D 4 HOH 80  380 43  HOH HOH AAA . 
D 4 HOH 81  381 143 HOH HOH AAA . 
D 4 HOH 82  382 81  HOH HOH AAA . 
D 4 HOH 83  383 30  HOH HOH AAA . 
D 4 HOH 84  384 41  HOH HOH AAA . 
D 4 HOH 85  385 60  HOH HOH AAA . 
D 4 HOH 86  386 59  HOH HOH AAA . 
D 4 HOH 87  387 32  HOH HOH AAA . 
D 4 HOH 88  388 107 HOH HOH AAA . 
D 4 HOH 89  389 65  HOH HOH AAA . 
D 4 HOH 90  390 157 HOH HOH AAA . 
D 4 HOH 91  391 79  HOH HOH AAA . 
D 4 HOH 92  392 133 HOH HOH AAA . 
D 4 HOH 93  393 158 HOH HOH AAA . 
D 4 HOH 94  394 58  HOH HOH AAA . 
D 4 HOH 95  395 21  HOH HOH AAA . 
D 4 HOH 96  396 3   HOH HOH AAA . 
D 4 HOH 97  397 28  HOH HOH AAA . 
D 4 HOH 98  398 165 HOH HOH AAA . 
D 4 HOH 99  399 19  HOH HOH AAA . 
D 4 HOH 100 400 101 HOH HOH AAA . 
D 4 HOH 101 401 99  HOH HOH AAA . 
D 4 HOH 102 402 86  HOH HOH AAA . 
D 4 HOH 103 403 136 HOH HOH AAA . 
D 4 HOH 104 404 124 HOH HOH AAA . 
D 4 HOH 105 405 108 HOH HOH AAA . 
D 4 HOH 106 406 7   HOH HOH AAA . 
D 4 HOH 107 407 40  HOH HOH AAA . 
D 4 HOH 108 408 162 HOH HOH AAA . 
D 4 HOH 109 409 5   HOH HOH AAA . 
D 4 HOH 110 410 96  HOH HOH AAA . 
D 4 HOH 111 411 57  HOH HOH AAA . 
D 4 HOH 112 412 77  HOH HOH AAA . 
D 4 HOH 113 413 37  HOH HOH AAA . 
D 4 HOH 114 414 34  HOH HOH AAA . 
D 4 HOH 115 415 149 HOH HOH AAA . 
D 4 HOH 116 416 150 HOH HOH AAA . 
D 4 HOH 117 417 87  HOH HOH AAA . 
D 4 HOH 118 418 31  HOH HOH AAA . 
D 4 HOH 119 419 93  HOH HOH AAA . 
D 4 HOH 120 420 127 HOH HOH AAA . 
D 4 HOH 121 421 123 HOH HOH AAA . 
D 4 HOH 122 422 15  HOH HOH AAA . 
D 4 HOH 123 423 95  HOH HOH AAA . 
D 4 HOH 124 424 83  HOH HOH AAA . 
D 4 HOH 125 425 114 HOH HOH AAA . 
D 4 HOH 126 426 46  HOH HOH AAA . 
D 4 HOH 127 427 119 HOH HOH AAA . 
D 4 HOH 128 428 91  HOH HOH AAA . 
D 4 HOH 129 429 44  HOH HOH AAA . 
D 4 HOH 130 430 164 HOH HOH AAA . 
D 4 HOH 131 431 125 HOH HOH AAA . 
D 4 HOH 132 432 66  HOH HOH AAA . 
D 4 HOH 133 433 126 HOH HOH AAA . 
D 4 HOH 134 434 85  HOH HOH AAA . 
D 4 HOH 135 435 131 HOH HOH AAA . 
D 4 HOH 136 436 153 HOH HOH AAA . 
D 4 HOH 137 437 67  HOH HOH AAA . 
D 4 HOH 138 438 140 HOH HOH AAA . 
D 4 HOH 139 439 78  HOH HOH AAA . 
D 4 HOH 140 440 64  HOH HOH AAA . 
D 4 HOH 141 441 110 HOH HOH AAA . 
D 4 HOH 142 442 120 HOH HOH AAA . 
D 4 HOH 143 443 156 HOH HOH AAA . 
D 4 HOH 144 444 18  HOH HOH AAA . 
D 4 HOH 145 445 63  HOH HOH AAA . 
D 4 HOH 146 446 137 HOH HOH AAA . 
D 4 HOH 147 447 102 HOH HOH AAA . 
D 4 HOH 148 448 145 HOH HOH AAA . 
D 4 HOH 149 449 84  HOH HOH AAA . 
D 4 HOH 150 450 26  HOH HOH AAA . 
D 4 HOH 151 451 115 HOH HOH AAA . 
D 4 HOH 152 452 27  HOH HOH AAA . 
D 4 HOH 153 453 163 HOH HOH AAA . 
D 4 HOH 154 454 100 HOH HOH AAA . 
D 4 HOH 155 455 106 HOH HOH AAA . 
D 4 HOH 156 456 144 HOH HOH AAA . 
D 4 HOH 157 457 54  HOH HOH AAA . 
D 4 HOH 158 458 105 HOH HOH AAA . 
D 4 HOH 159 459 117 HOH HOH AAA . 
D 4 HOH 160 460 75  HOH HOH AAA . 
D 4 HOH 161 461 166 HOH HOH AAA . 
D 4 HOH 162 462 122 HOH HOH AAA . 
D 4 HOH 163 463 142 HOH HOH AAA . 
D 4 HOH 164 464 69  HOH HOH AAA . 
D 4 HOH 165 465 111 HOH HOH AAA . 
D 4 HOH 166 466 146 HOH HOH AAA . 
D 4 HOH 167 467 76  HOH HOH AAA . 
# 
loop_
_software.citation_id 
_software.classification 
_software.compiler_name 
_software.compiler_version 
_software.contact_author 
_software.contact_author_email 
_software.date 
_software.description 
_software.dependencies 
_software.hardware 
_software.language 
_software.location 
_software.mods 
_software.name 
_software.os 
_software.os_version 
_software.type 
_software.version 
_software.pdbx_ordinal 
? refinement       ? ? ? ? ? ? ? ? ? ? ? REFMAC  ? ? ? 5.8.0258 1 
? refinement       ? ? ? ? ? ? ? ? ? ? ? REFMAC  ? ? ? 5.8.0258 2 
? 'data scaling'   ? ? ? ? ? ? ? ? ? ? ? Aimless ? ? ? 0.7.4    3 
? 'data reduction' ? ? ? ? ? ? ? ? ? ? ? xia2    ? ? ? .        4 
? phasing          ? ? ? ? ? ? ? ? ? ? ? PHASER  ? ? ? .        5 
# 
_cell.angle_alpha                  90.000 
_cell.angle_alpha_esd              ? 
_cell.angle_beta                   90.000 
_cell.angle_beta_esd               ? 
_cell.angle_gamma                  90.000 
_cell.angle_gamma_esd              ? 
_cell.entry_id                     7ZAA 
_cell.details                      ? 
_cell.formula_units_Z              ? 
_cell.length_a                     37.950 
_cell.length_a_esd                 ? 
_cell.length_b                     43.199 
_cell.length_b_esd                 ? 
_cell.length_c                     79.260 
_cell.length_c_esd                 ? 
_cell.volume                       ? 
_cell.volume_esd                   ? 
_cell.Z_PDB                        4 
_cell.reciprocal_angle_alpha       ? 
_cell.reciprocal_angle_beta        ? 
_cell.reciprocal_angle_gamma       ? 
_cell.reciprocal_angle_alpha_esd   ? 
_cell.reciprocal_angle_beta_esd    ? 
_cell.reciprocal_angle_gamma_esd   ? 
_cell.reciprocal_length_a          ? 
_cell.reciprocal_length_b          ? 
_cell.reciprocal_length_c          ? 
_cell.reciprocal_length_a_esd      ? 
_cell.reciprocal_length_b_esd      ? 
_cell.reciprocal_length_c_esd      ? 
_cell.pdbx_unique_axis             ? 
# 
_symmetry.entry_id                         7ZAA 
_symmetry.cell_setting                     ? 
_symmetry.Int_Tables_number                19 
_symmetry.space_group_name_Hall            ? 
_symmetry.space_group_name_H-M             'P 21 21 21' 
_symmetry.pdbx_full_space_group_name_H-M   ? 
# 
_exptl.absorpt_coefficient_mu     ? 
_exptl.absorpt_correction_T_max   ? 
_exptl.absorpt_correction_T_min   ? 
_exptl.absorpt_correction_type    ? 
_exptl.absorpt_process_details    ? 
_exptl.entry_id                   7ZAA 
_exptl.crystals_number            1 
_exptl.details                    ? 
_exptl.method                     'X-RAY DIFFRACTION' 
_exptl.method_details             ? 
# 
_exptl_crystal.colour                      ? 
_exptl_crystal.density_diffrn              ? 
_exptl_crystal.density_Matthews            2.12 
_exptl_crystal.density_method              ? 
_exptl_crystal.density_percent_sol         42.09 
_exptl_crystal.description                 ? 
_exptl_crystal.F_000                       ? 
_exptl_crystal.id                          1 
_exptl_crystal.preparation                 ? 
_exptl_crystal.size_max                    ? 
_exptl_crystal.size_mid                    ? 
_exptl_crystal.size_min                    ? 
_exptl_crystal.size_rad                    ? 
_exptl_crystal.colour_lustre               ? 
_exptl_crystal.colour_modifier             ? 
_exptl_crystal.colour_primary              ? 
_exptl_crystal.density_meas                ? 
_exptl_crystal.density_meas_esd            ? 
_exptl_crystal.density_meas_gt             ? 
_exptl_crystal.density_meas_lt             ? 
_exptl_crystal.density_meas_temp           ? 
_exptl_crystal.density_meas_temp_esd       ? 
_exptl_crystal.density_meas_temp_gt        ? 
_exptl_crystal.density_meas_temp_lt        ? 
_exptl_crystal.pdbx_crystal_image_url      ? 
_exptl_crystal.pdbx_crystal_image_format   ? 
_exptl_crystal.pdbx_mosaicity              ? 
_exptl_crystal.pdbx_mosaicity_esd          ? 
# 
_exptl_crystal_grow.apparatus       ? 
_exptl_crystal_grow.atmosphere      ? 
_exptl_crystal_grow.crystal_id      1 
_exptl_crystal_grow.details         ? 
_exptl_crystal_grow.method          'VAPOR DIFFUSION, SITTING DROP' 
_exptl_crystal_grow.method_ref      ? 
_exptl_crystal_grow.pH              8.5 
_exptl_crystal_grow.pressure        ? 
_exptl_crystal_grow.pressure_esd    ? 
_exptl_crystal_grow.seeding         ? 
_exptl_crystal_grow.seeding_ref     ? 
_exptl_crystal_grow.temp            293 
_exptl_crystal_grow.temp_details    ? 
_exptl_crystal_grow.temp_esd        ? 
_exptl_crystal_grow.time            ? 
_exptl_crystal_grow.pdbx_details    
;0.1 M Buffer system 3 (1 M Tris, 1 M BICINE, pH 8.5), 34-44% Precipitant Solution 3 (20% PEG 4000, 40%) and 60-80 mM Halogens Mix (NaF, NaBr and NaI) solution
;
_exptl_crystal_grow.pdbx_pH_range   ? 
# 
_diffrn.ambient_environment              ? 
_diffrn.ambient_temp                     100 
_diffrn.ambient_temp_details             ? 
_diffrn.ambient_temp_esd                 ? 
_diffrn.crystal_id                       1 
_diffrn.crystal_support                  ? 
_diffrn.crystal_treatment                ? 
_diffrn.details                          ? 
_diffrn.id                               1 
_diffrn.ambient_pressure                 ? 
_diffrn.ambient_pressure_esd             ? 
_diffrn.ambient_pressure_gt              ? 
_diffrn.ambient_pressure_lt              ? 
_diffrn.ambient_temp_gt                  ? 
_diffrn.ambient_temp_lt                  ? 
_diffrn.pdbx_serial_crystal_experiment   N 
# 
_diffrn_detector.details                      ? 
_diffrn_detector.detector                     PIXEL 
_diffrn_detector.diffrn_id                    1 
_diffrn_detector.type                         'DECTRIS PILATUS 6M' 
_diffrn_detector.area_resol_mean              ? 
_diffrn_detector.dtime                        ? 
_diffrn_detector.pdbx_frames_total            ? 
_diffrn_detector.pdbx_collection_time_total   ? 
_diffrn_detector.pdbx_collection_date         2019-10-18 
_diffrn_detector.pdbx_frequency               ? 
# 
_diffrn_radiation.collimation                      ? 
_diffrn_radiation.diffrn_id                        1 
_diffrn_radiation.filter_edge                      ? 
_diffrn_radiation.inhomogeneity                    ? 
_diffrn_radiation.monochromator                    ? 
_diffrn_radiation.polarisn_norm                    ? 
_diffrn_radiation.polarisn_ratio                   ? 
_diffrn_radiation.probe                            ? 
_diffrn_radiation.type                             ? 
_diffrn_radiation.xray_symbol                      ? 
_diffrn_radiation.wavelength_id                    1 
_diffrn_radiation.pdbx_monochromatic_or_laue_m_l   M 
_diffrn_radiation.pdbx_wavelength_list             ? 
_diffrn_radiation.pdbx_wavelength                  ? 
_diffrn_radiation.pdbx_diffrn_protocol             'SINGLE WAVELENGTH' 
_diffrn_radiation.pdbx_analyzer                    ? 
_diffrn_radiation.pdbx_scattering_type             x-ray 
# 
_diffrn_radiation_wavelength.id           1 
_diffrn_radiation_wavelength.wavelength   0.89844 
_diffrn_radiation_wavelength.wt           1.0 
# 
_diffrn_source.current                     ? 
_diffrn_source.details                     ? 
_diffrn_source.diffrn_id                   1 
_diffrn_source.power                       ? 
_diffrn_source.size                        ? 
_diffrn_source.source                      SYNCHROTRON 
_diffrn_source.target                      ? 
_diffrn_source.type                        'DIAMOND BEAMLINE I04-1' 
_diffrn_source.voltage                     ? 
_diffrn_source.take-off_angle              ? 
_diffrn_source.pdbx_wavelength_list        0.89844 
_diffrn_source.pdbx_wavelength             ? 
_diffrn_source.pdbx_synchrotron_beamline   I04-1 
_diffrn_source.pdbx_synchrotron_site       Diamond 
# 
_reflns.B_iso_Wilson_estimate                          ? 
_reflns.entry_id                                       7ZAA 
_reflns.data_reduction_details                         ? 
_reflns.data_reduction_method                          ? 
_reflns.d_resolution_high                              1.15 
_reflns.d_resolution_low                               39.63 
_reflns.details                                        ? 
_reflns.limit_h_max                                    ? 
_reflns.limit_h_min                                    ? 
_reflns.limit_k_max                                    ? 
_reflns.limit_k_min                                    ? 
_reflns.limit_l_max                                    ? 
_reflns.limit_l_min                                    ? 
_reflns.number_all                                     ? 
_reflns.number_obs                                     46536 
_reflns.observed_criterion                             ? 
_reflns.observed_criterion_F_max                       ? 
_reflns.observed_criterion_F_min                       ? 
_reflns.observed_criterion_I_max                       ? 
_reflns.observed_criterion_I_min                       ? 
_reflns.observed_criterion_sigma_F                     ? 
_reflns.observed_criterion_sigma_I                     ? 
_reflns.percent_possible_obs                           98.7 
_reflns.R_free_details                                 ? 
_reflns.Rmerge_F_all                                   ? 
_reflns.Rmerge_F_obs                                   ? 
_reflns.Friedel_coverage                               ? 
_reflns.number_gt                                      ? 
_reflns.threshold_expression                           ? 
_reflns.pdbx_redundancy                                12.5 
_reflns.pdbx_Rmerge_I_obs                              0.089 
_reflns.pdbx_Rmerge_I_all                              ? 
_reflns.pdbx_Rsym_value                                ? 
_reflns.pdbx_netI_over_av_sigmaI                       ? 
_reflns.pdbx_netI_over_sigmaI                          12.0 
_reflns.pdbx_res_netI_over_av_sigmaI_2                 ? 
_reflns.pdbx_res_netI_over_sigmaI_2                    ? 
_reflns.pdbx_chi_squared                               ? 
_reflns.pdbx_scaling_rejects                           ? 
_reflns.pdbx_d_res_high_opt                            ? 
_reflns.pdbx_d_res_low_opt                             ? 
_reflns.pdbx_d_res_opt_method                          ? 
_reflns.phase_calculation_details                      ? 
_reflns.pdbx_Rrim_I_all                                0.096 
_reflns.pdbx_Rpim_I_all                                0.037 
_reflns.pdbx_d_opt                                     ? 
_reflns.pdbx_number_measured_all                       ? 
_reflns.pdbx_diffrn_id                                 1 
_reflns.pdbx_ordinal                                   1 
_reflns.pdbx_CC_half                                   1.000 
_reflns.pdbx_CC_star                                   ? 
_reflns.pdbx_R_split                                   ? 
_reflns.pdbx_aniso_diffraction_limit_axis_1_ortho[1]   ? 
_reflns.pdbx_aniso_diffraction_limit_axis_1_ortho[2]   ? 
_reflns.pdbx_aniso_diffraction_limit_axis_1_ortho[3]   ? 
_reflns.pdbx_aniso_diffraction_limit_axis_2_ortho[1]   ? 
_reflns.pdbx_aniso_diffraction_limit_axis_2_ortho[2]   ? 
_reflns.pdbx_aniso_diffraction_limit_axis_2_ortho[3]   ? 
_reflns.pdbx_aniso_diffraction_limit_axis_3_ortho[1]   ? 
_reflns.pdbx_aniso_diffraction_limit_axis_3_ortho[2]   ? 
_reflns.pdbx_aniso_diffraction_limit_axis_3_ortho[3]   ? 
_reflns.pdbx_aniso_diffraction_limit_1                 ? 
_reflns.pdbx_aniso_diffraction_limit_2                 ? 
_reflns.pdbx_aniso_diffraction_limit_3                 ? 
_reflns.pdbx_aniso_B_tensor_eigenvector_1_ortho[1]     ? 
_reflns.pdbx_aniso_B_tensor_eigenvector_1_ortho[2]     ? 
_reflns.pdbx_aniso_B_tensor_eigenvector_1_ortho[3]     ? 
_reflns.pdbx_aniso_B_tensor_eigenvector_2_ortho[1]     ? 
_reflns.pdbx_aniso_B_tensor_eigenvector_2_ortho[2]     ? 
_reflns.pdbx_aniso_B_tensor_eigenvector_2_ortho[3]     ? 
_reflns.pdbx_aniso_B_tensor_eigenvector_3_ortho[1]     ? 
_reflns.pdbx_aniso_B_tensor_eigenvector_3_ortho[2]     ? 
_reflns.pdbx_aniso_B_tensor_eigenvector_3_ortho[3]     ? 
_reflns.pdbx_aniso_B_tensor_eigenvalue_1               ? 
_reflns.pdbx_aniso_B_tensor_eigenvalue_2               ? 
_reflns.pdbx_aniso_B_tensor_eigenvalue_3               ? 
_reflns.pdbx_orthogonalization_convention              ? 
_reflns.pdbx_percent_possible_ellipsoidal              ? 
_reflns.pdbx_percent_possible_spherical                ? 
_reflns.pdbx_percent_possible_ellipsoidal_anomalous    ? 
_reflns.pdbx_percent_possible_spherical_anomalous      ? 
_reflns.pdbx_redundancy_anomalous                      ? 
_reflns.pdbx_CC_half_anomalous                         ? 
_reflns.pdbx_absDiff_over_sigma_anomalous              ? 
_reflns.pdbx_percent_possible_anomalous                ? 
_reflns.pdbx_observed_signal_threshold                 ? 
_reflns.pdbx_signal_type                               ? 
_reflns.pdbx_signal_details                            ? 
_reflns.pdbx_signal_software_id                        ? 
# 
loop_
_reflns_shell.d_res_high 
_reflns_shell.d_res_low 
_reflns_shell.meanI_over_sigI_all 
_reflns_shell.meanI_over_sigI_obs 
_reflns_shell.number_measured_all 
_reflns_shell.number_measured_obs 
_reflns_shell.number_possible 
_reflns_shell.number_unique_all 
_reflns_shell.number_unique_obs 
_reflns_shell.percent_possible_all 
_reflns_shell.percent_possible_obs 
_reflns_shell.Rmerge_F_all 
_reflns_shell.Rmerge_F_obs 
_reflns_shell.Rmerge_I_all 
_reflns_shell.Rmerge_I_obs 
_reflns_shell.meanI_over_sigI_gt 
_reflns_shell.meanI_over_uI_all 
_reflns_shell.meanI_over_uI_gt 
_reflns_shell.number_measured_gt 
_reflns_shell.number_unique_gt 
_reflns_shell.percent_possible_gt 
_reflns_shell.Rmerge_F_gt 
_reflns_shell.Rmerge_I_gt 
_reflns_shell.pdbx_redundancy 
_reflns_shell.pdbx_Rsym_value 
_reflns_shell.pdbx_chi_squared 
_reflns_shell.pdbx_netI_over_sigmaI_all 
_reflns_shell.pdbx_netI_over_sigmaI_obs 
_reflns_shell.pdbx_Rrim_I_all 
_reflns_shell.pdbx_Rpim_I_all 
_reflns_shell.pdbx_rejects 
_reflns_shell.pdbx_ordinal 
_reflns_shell.pdbx_diffrn_id 
_reflns_shell.pdbx_CC_half 
_reflns_shell.pdbx_CC_star 
_reflns_shell.pdbx_R_split 
_reflns_shell.pdbx_percent_possible_ellipsoidal 
_reflns_shell.pdbx_percent_possible_spherical 
_reflns_shell.pdbx_percent_possible_ellipsoidal_anomalous 
_reflns_shell.pdbx_percent_possible_spherical_anomalous 
_reflns_shell.pdbx_redundancy_anomalous 
_reflns_shell.pdbx_CC_half_anomalous 
_reflns_shell.pdbx_absDiff_over_sigma_anomalous 
_reflns_shell.pdbx_percent_possible_anomalous 
6.30 39.63 ? ? ? ? ? ? 353  ? ? ? ? ? 0.028 ? ? ? ? ? ? ? ? 11.5 ? ? ? ? 0.030 0.011 ? 1 1 0.999 ? ? ? ? ? ? ? ? ? ? 
1.15 1.17  ? ? ? ? ? ? 1864 ? ? ? ? ? 2.650 ? ? ? ? ? ? ? ? 8.8  ? ? ? ? 2.978 1.320 ? 2 1 0.341 ? ? ? ? ? ? ? ? ? ? 
# 
_refine.aniso_B[1][1]                            0.920 
_refine.aniso_B[1][2]                            0.000 
_refine.aniso_B[1][3]                            -0.000 
_refine.aniso_B[2][2]                            -0.683 
_refine.aniso_B[2][3]                            0.000 
_refine.aniso_B[3][3]                            -0.236 
_refine.B_iso_max                                ? 
_refine.B_iso_mean                               18.076 
_refine.B_iso_min                                ? 
_refine.correlation_coeff_Fo_to_Fc               0.965 
_refine.correlation_coeff_Fo_to_Fc_free          0.958 
_refine.details                                  'Hydrogens have been added in their riding positions' 
_refine.diff_density_max                         ? 
_refine.diff_density_max_esd                     ? 
_refine.diff_density_min                         ? 
_refine.diff_density_min_esd                     ? 
_refine.diff_density_rms                         ? 
_refine.diff_density_rms_esd                     ? 
_refine.entry_id                                 7ZAA 
_refine.pdbx_refine_id                           'X-RAY DIFFRACTION' 
_refine.ls_abs_structure_details                 ? 
_refine.ls_abs_structure_Flack                   ? 
_refine.ls_abs_structure_Flack_esd               ? 
_refine.ls_abs_structure_Rogers                  ? 
_refine.ls_abs_structure_Rogers_esd              ? 
_refine.ls_d_res_high                            1.150 
_refine.ls_d_res_low                             39.63 
_refine.ls_extinction_coef                       ? 
_refine.ls_extinction_coef_esd                   ? 
_refine.ls_extinction_expression                 ? 
_refine.ls_extinction_method                     ? 
_refine.ls_goodness_of_fit_all                   ? 
_refine.ls_goodness_of_fit_all_esd               ? 
_refine.ls_goodness_of_fit_obs                   ? 
_refine.ls_goodness_of_fit_obs_esd               ? 
_refine.ls_hydrogen_treatment                    ? 
_refine.ls_matrix_type                           ? 
_refine.ls_number_constraints                    ? 
_refine.ls_number_parameters                     ? 
_refine.ls_number_reflns_all                     ? 
_refine.ls_number_reflns_obs                     46470 
_refine.ls_number_reflns_R_free                  2290 
_refine.ls_number_reflns_R_work                  44180 
_refine.ls_number_restraints                     ? 
_refine.ls_percent_reflns_obs                    98.692 
_refine.ls_percent_reflns_R_free                 4.928 
_refine.ls_R_factor_all                          0.206 
_refine.ls_R_factor_obs                          ? 
_refine.ls_R_factor_R_free                       0.2252 
_refine.ls_R_factor_R_free_error                 ? 
_refine.ls_R_factor_R_free_error_details         ? 
_refine.ls_R_factor_R_work                       0.2053 
_refine.ls_R_Fsqd_factor_obs                     ? 
_refine.ls_R_I_factor_obs                        ? 
_refine.ls_redundancy_reflns_all                 ? 
_refine.ls_redundancy_reflns_obs                 ? 
_refine.ls_restrained_S_all                      ? 
_refine.ls_restrained_S_obs                      ? 
_refine.ls_shift_over_esd_max                    ? 
_refine.ls_shift_over_esd_mean                   ? 
_refine.ls_structure_factor_coef                 ? 
_refine.ls_weighting_details                     ? 
_refine.ls_weighting_scheme                      ? 
_refine.ls_wR_factor_all                         ? 
_refine.ls_wR_factor_obs                         ? 
_refine.ls_wR_factor_R_free                      ? 
_refine.ls_wR_factor_R_work                      ? 
_refine.occupancy_max                            ? 
_refine.occupancy_min                            ? 
_refine.solvent_model_details                    'MASK BULK SOLVENT' 
_refine.solvent_model_param_bsol                 ? 
_refine.solvent_model_param_ksol                 ? 
_refine.pdbx_R_complete                          ? 
_refine.ls_R_factor_gt                           ? 
_refine.ls_goodness_of_fit_gt                    ? 
_refine.ls_goodness_of_fit_ref                   ? 
_refine.ls_shift_over_su_max                     ? 
_refine.ls_shift_over_su_max_lt                  ? 
_refine.ls_shift_over_su_mean                    ? 
_refine.ls_shift_over_su_mean_lt                 ? 
_refine.pdbx_ls_sigma_I                          ? 
_refine.pdbx_ls_sigma_F                          ? 
_refine.pdbx_ls_sigma_Fsqd                       ? 
_refine.pdbx_data_cutoff_high_absF               ? 
_refine.pdbx_data_cutoff_high_rms_absF           ? 
_refine.pdbx_data_cutoff_low_absF                ? 
_refine.pdbx_isotropic_thermal_model             ? 
_refine.pdbx_ls_cross_valid_method               'FREE R-VALUE' 
_refine.pdbx_method_to_determine_struct          'MOLECULAR REPLACEMENT' 
_refine.pdbx_starting_model                      5LRQ 
_refine.pdbx_stereochemistry_target_values       ? 
_refine.pdbx_R_Free_selection_details            ? 
_refine.pdbx_stereochem_target_val_spec_case     ? 
_refine.pdbx_overall_ESU_R                       0.044 
_refine.pdbx_overall_ESU_R_Free                  0.045 
_refine.pdbx_solvent_vdw_probe_radii             1.200 
_refine.pdbx_solvent_ion_probe_radii             0.800 
_refine.pdbx_solvent_shrinkage_radii             0.800 
_refine.pdbx_real_space_R                        ? 
_refine.pdbx_density_correlation                 ? 
_refine.pdbx_pd_number_of_powder_patterns        ? 
_refine.pdbx_pd_number_of_points                 ? 
_refine.pdbx_pd_meas_number_of_points            ? 
_refine.pdbx_pd_proc_ls_prof_R_factor            ? 
_refine.pdbx_pd_proc_ls_prof_wR_factor           ? 
_refine.pdbx_pd_Marquardt_correlation_coeff      ? 
_refine.pdbx_pd_Fsqrd_R_factor                   ? 
_refine.pdbx_pd_ls_matrix_band_width             ? 
_refine.pdbx_overall_phase_error                 ? 
_refine.pdbx_overall_SU_R_free_Cruickshank_DPI   ? 
_refine.pdbx_overall_SU_R_free_Blow_DPI          ? 
_refine.pdbx_overall_SU_R_Blow_DPI               ? 
_refine.pdbx_TLS_residual_ADP_flag               ? 
_refine.pdbx_diffrn_id                           1 
_refine.overall_SU_B                             0.916 
_refine.overall_SU_ML                            0.040 
_refine.overall_SU_R_Cruickshank_DPI             ? 
_refine.overall_SU_R_free                        ? 
_refine.overall_FOM_free_R_set                   ? 
_refine.overall_FOM_work_R_set                   ? 
_refine.pdbx_average_fsc_overall                 ? 
_refine.pdbx_average_fsc_work                    ? 
_refine.pdbx_average_fsc_free                    ? 
# 
_refine_hist.pdbx_refine_id                   'X-RAY DIFFRACTION' 
_refine_hist.cycle_id                         LAST 
_refine_hist.details                          ? 
_refine_hist.d_res_high                       1.150 
_refine_hist.d_res_low                        39.63 
_refine_hist.number_atoms_solvent             167 
_refine_hist.number_atoms_total               1260 
_refine_hist.number_reflns_all                ? 
_refine_hist.number_reflns_obs                ? 
_refine_hist.number_reflns_R_free             ? 
_refine_hist.number_reflns_R_work             ? 
_refine_hist.R_factor_all                     ? 
_refine_hist.R_factor_obs                     ? 
_refine_hist.R_factor_R_free                  ? 
_refine_hist.R_factor_R_work                  ? 
_refine_hist.pdbx_number_residues_total       ? 
_refine_hist.pdbx_B_iso_mean_ligand           ? 
_refine_hist.pdbx_B_iso_mean_solvent          ? 
_refine_hist.pdbx_number_atoms_protein        1076 
_refine_hist.pdbx_number_atoms_nucleic_acid   0 
_refine_hist.pdbx_number_atoms_ligand         17 
_refine_hist.pdbx_number_atoms_lipid          ? 
_refine_hist.pdbx_number_atoms_carb           ? 
_refine_hist.pdbx_pseudo_atom_details         ? 
# 
loop_
_refine_ls_restr.pdbx_refine_id 
_refine_ls_restr.criterion 
_refine_ls_restr.dev_ideal 
_refine_ls_restr.dev_ideal_target 
_refine_ls_restr.number 
_refine_ls_restr.rejects 
_refine_ls_restr.type 
_refine_ls_restr.weight 
_refine_ls_restr.pdbx_restraint_function 
'X-RAY DIFFRACTION' ? 0.012  0.012  1164 ? r_bond_refined_d               ? ? 
'X-RAY DIFFRACTION' ? 2.030  1.654  1590 ? r_angle_refined_deg            ? ? 
'X-RAY DIFFRACTION' ? 5.933  5.000  138  ? r_dihedral_angle_1_deg         ? ? 
'X-RAY DIFFRACTION' ? 35.420 25.085 59   ? r_dihedral_angle_2_deg         ? ? 
'X-RAY DIFFRACTION' ? 13.451 15.000 206  ? r_dihedral_angle_3_deg         ? ? 
'X-RAY DIFFRACTION' ? 31.278 15.000 3    ? r_dihedral_angle_4_deg         ? ? 
'X-RAY DIFFRACTION' ? 0.145  0.200  148  ? r_chiral_restr                 ? ? 
'X-RAY DIFFRACTION' ? 0.012  0.020  911  ? r_gen_planes_refined           ? ? 
'X-RAY DIFFRACTION' ? 0.236  0.200  594  ? r_nbd_refined                  ? ? 
'X-RAY DIFFRACTION' ? 0.321  0.200  804  ? r_nbtor_refined                ? ? 
'X-RAY DIFFRACTION' ? 0.245  0.200  97   ? r_xyhbond_nbd_refined          ? ? 
'X-RAY DIFFRACTION' ? 0.266  0.200  47   ? r_symmetry_nbd_refined         ? ? 
'X-RAY DIFFRACTION' ? 0.345  0.200  27   ? r_symmetry_xyhbond_nbd_refined ? ? 
'X-RAY DIFFRACTION' ? 1.506  1.439  537  ? r_mcbond_it                    ? ? 
'X-RAY DIFFRACTION' ? 2.111  2.159  677  ? r_mcangle_it                   ? ? 
'X-RAY DIFFRACTION' ? 2.939  1.744  627  ? r_scbond_it                    ? ? 
'X-RAY DIFFRACTION' ? 3.898  2.509  912  ? r_scangle_it                   ? ? 
'X-RAY DIFFRACTION' ? 5.323  21.860 1908 ? r_lrange_it                    ? ? 
# 
loop_
_refine_ls_shell.pdbx_refine_id 
_refine_ls_shell.d_res_high 
_refine_ls_shell.d_res_low 
_refine_ls_shell.number_reflns_all 
_refine_ls_shell.number_reflns_obs 
_refine_ls_shell.number_reflns_R_free 
_refine_ls_shell.number_reflns_R_work 
_refine_ls_shell.percent_reflns_obs 
_refine_ls_shell.percent_reflns_R_free 
_refine_ls_shell.R_factor_all 
_refine_ls_shell.R_factor_obs 
_refine_ls_shell.R_factor_R_free 
_refine_ls_shell.R_factor_R_free_error 
_refine_ls_shell.R_factor_R_work 
_refine_ls_shell.redundancy_reflns_all 
_refine_ls_shell.redundancy_reflns_obs 
_refine_ls_shell.wR_factor_all 
_refine_ls_shell.wR_factor_obs 
_refine_ls_shell.wR_factor_R_free 
_refine_ls_shell.wR_factor_R_work 
_refine_ls_shell.pdbx_R_complete 
_refine_ls_shell.pdbx_total_number_of_bins_used 
_refine_ls_shell.pdbx_phase_error 
_refine_ls_shell.pdbx_fsc_work 
_refine_ls_shell.pdbx_fsc_free 
'X-RAY DIFFRACTION' 1.150 1.180 . . 153 2706 83.7189  . . . 0.361 . 0.348 . . . . . . . . . . . 
'X-RAY DIFFRACTION' 1.180 1.212 . . 167 3117 98.5003  . . . 0.323 . 0.315 . . . . . . . . . . . 
'X-RAY DIFFRACTION' 1.212 1.247 . . 148 3108 100.0000 . . . 0.289 . 0.289 . . . . . . . . . . . 
'X-RAY DIFFRACTION' 1.247 1.286 . . 153 3012 100.0000 . . . 0.285 . 0.284 . . . . . . . . . . . 
'X-RAY DIFFRACTION' 1.286 1.328 . . 182 2902 100.0000 . . . 0.273 . 0.261 . . . . . . . . . . . 
'X-RAY DIFFRACTION' 1.328 1.374 . . 147 2805 100.0000 . . . 0.262 . 0.251 . . . . . . . . . . . 
'X-RAY DIFFRACTION' 1.374 1.426 . . 138 2742 100.0000 . . . 0.228 . 0.225 . . . . . . . . . . . 
'X-RAY DIFFRACTION' 1.426 1.485 . . 132 2664 100.0000 . . . 0.231 . 0.206 . . . . . . . . . . . 
'X-RAY DIFFRACTION' 1.485 1.551 . . 121 2532 100.0000 . . . 0.189 . 0.192 . . . . . . . . . . . 
'X-RAY DIFFRACTION' 1.551 1.626 . . 113 2423 100.0000 . . . 0.210 . 0.185 . . . . . . . . . . . 
'X-RAY DIFFRACTION' 1.626 1.714 . . 112 2332 100.0000 . . . 0.217 . 0.191 . . . . . . . . . . . 
'X-RAY DIFFRACTION' 1.714 1.818 . . 123 2177 100.0000 . . . 0.239 . 0.199 . . . . . . . . . . . 
'X-RAY DIFFRACTION' 1.818 1.943 . . 122 2037 100.0000 . . . 0.219 . 0.193 . . . . . . . . . . . 
'X-RAY DIFFRACTION' 1.943 2.099 . . 81  1963 100.0000 . . . 0.224 . 0.190 . . . . . . . . . . . 
'X-RAY DIFFRACTION' 2.099 2.299 . . 103 1783 100.0000 . . . 0.210 . 0.189 . . . . . . . . . . . 
'X-RAY DIFFRACTION' 2.299 2.570 . . 79  1623 100.0000 . . . 0.202 . 0.197 . . . . . . . . . . . 
'X-RAY DIFFRACTION' 2.570 2.968 . . 64  1455 100.0000 . . . 0.219 . 0.197 . . . . . . . . . . . 
'X-RAY DIFFRACTION' 2.968 3.633 . . 67  1237 100.0000 . . . 0.218 . 0.190 . . . . . . . . . . . 
'X-RAY DIFFRACTION' 3.633 5.133 . . 46  989  100.0000 . . . 0.201 . 0.164 . . . . . . . . . . . 
'X-RAY DIFFRACTION' 5.133 39.63 . . 39  573  100.0000 . . . 0.212 . 0.252 . . . . . . . . . . . 
# 
_struct.entry_id                     7ZAA 
_struct.title                        'BRD4 in complex with FragLite11' 
_struct.pdbx_model_details           ? 
_struct.pdbx_formula_weight          ? 
_struct.pdbx_formula_weight_method   ? 
_struct.pdbx_model_type_details      ? 
_struct.pdbx_CASP_flag               N 
# 
_struct_keywords.entry_id        7ZAA 
_struct_keywords.text            'BRD4, INHIBITOR, FRAGMENT, BROMODOMAIN, FRAGLITE, TRANSCRIPTION' 
_struct_keywords.pdbx_keywords   TRANSCRIPTION 
# 
loop_
_struct_asym.id 
_struct_asym.pdbx_blank_PDB_chainid_flag 
_struct_asym.pdbx_modified 
_struct_asym.entity_id 
_struct_asym.details 
A N N 1 ? 
B N N 2 ? 
C N N 3 ? 
D N N 4 ? 
# 
_struct_ref.id                         1 
_struct_ref.db_name                    UNP 
_struct_ref.db_code                    BRD4-2_HUMAN 
_struct_ref.pdbx_db_accession          O60885-2 
_struct_ref.pdbx_db_isoform            ? 
_struct_ref.entity_id                  1 
_struct_ref.pdbx_seq_one_letter_code   
;NPPPPETSNPNKPKRQTNQLQYLLRVVLKTLWKHQFAWPFQQPVDAVKLNLPDYYKIIKTPMDMGTIKKRLENNYYWNAQ
ECIQDFNTMFTNCYIYNKPGDDIVLMAEALEKLFLQKINELPTEE
;
_struct_ref.pdbx_align_begin           44 
# 
_struct_ref_seq.align_id                      1 
_struct_ref_seq.ref_id                        1 
_struct_ref_seq.pdbx_PDB_id_code              7ZAA 
_struct_ref_seq.pdbx_strand_id                AAA 
_struct_ref_seq.seq_align_beg                 5 
_struct_ref_seq.pdbx_seq_align_beg_ins_code   ? 
_struct_ref_seq.seq_align_end                 129 
_struct_ref_seq.pdbx_seq_align_end_ins_code   ? 
_struct_ref_seq.pdbx_db_accession             O60885-2 
_struct_ref_seq.db_align_beg                  44 
_struct_ref_seq.pdbx_db_align_beg_ins_code    ? 
_struct_ref_seq.db_align_end                  168 
_struct_ref_seq.pdbx_db_align_end_ins_code    ? 
_struct_ref_seq.pdbx_auth_seq_align_beg       44 
_struct_ref_seq.pdbx_auth_seq_align_end       168 
# 
loop_
_struct_ref_seq_dif.align_id 
_struct_ref_seq_dif.pdbx_pdb_id_code 
_struct_ref_seq_dif.mon_id 
_struct_ref_seq_dif.pdbx_pdb_strand_id 
_struct_ref_seq_dif.seq_num 
_struct_ref_seq_dif.pdbx_pdb_ins_code 
_struct_ref_seq_dif.pdbx_seq_db_name 
_struct_ref_seq_dif.pdbx_seq_db_accession_code 
_struct_ref_seq_dif.db_mon_id 
_struct_ref_seq_dif.pdbx_seq_db_seq_num 
_struct_ref_seq_dif.details 
_struct_ref_seq_dif.pdbx_auth_seq_num 
_struct_ref_seq_dif.pdbx_ordinal 
1 7ZAA GLY AAA 1 ? UNP O60885-2 ? ? 'expression tag' 40 1 
1 7ZAA SER AAA 2 ? UNP O60885-2 ? ? 'expression tag' 41 2 
1 7ZAA HIS AAA 3 ? UNP O60885-2 ? ? 'expression tag' 42 3 
1 7ZAA MET AAA 4 ? UNP O60885-2 ? ? 'expression tag' 43 4 
# 
_pdbx_struct_assembly.id                   1 
_pdbx_struct_assembly.details              author_defined_assembly 
_pdbx_struct_assembly.method_details       ? 
_pdbx_struct_assembly.oligomeric_details   monomeric 
_pdbx_struct_assembly.oligomeric_count     1 
# 
_pdbx_struct_assembly_gen.assembly_id       1 
_pdbx_struct_assembly_gen.oper_expression   1 
_pdbx_struct_assembly_gen.asym_id_list      A,B,C,D 
# 
_pdbx_struct_assembly_auth_evidence.id                     1 
_pdbx_struct_assembly_auth_evidence.assembly_id            1 
_pdbx_struct_assembly_auth_evidence.experimental_support   'gel filtration' 
_pdbx_struct_assembly_auth_evidence.details                ? 
# 
_pdbx_struct_oper_list.id                   1 
_pdbx_struct_oper_list.type                 'identity operation' 
_pdbx_struct_oper_list.name                 1_555 
_pdbx_struct_oper_list.symmetry_operation   x,y,z 
_pdbx_struct_oper_list.matrix[1][1]         1.0000000000 
_pdbx_struct_oper_list.matrix[1][2]         0.0000000000 
_pdbx_struct_oper_list.matrix[1][3]         0.0000000000 
_pdbx_struct_oper_list.vector[1]            0.0000000000 
_pdbx_struct_oper_list.matrix[2][1]         0.0000000000 
_pdbx_struct_oper_list.matrix[2][2]         1.0000000000 
_pdbx_struct_oper_list.matrix[2][3]         0.0000000000 
_pdbx_struct_oper_list.vector[2]            0.0000000000 
_pdbx_struct_oper_list.matrix[3][1]         0.0000000000 
_pdbx_struct_oper_list.matrix[3][2]         0.0000000000 
_pdbx_struct_oper_list.matrix[3][3]         1.0000000000 
_pdbx_struct_oper_list.vector[3]            0.0000000000 
# 
loop_
_struct_conf.conf_type_id 
_struct_conf.id 
_struct_conf.pdbx_PDB_helix_id 
_struct_conf.beg_label_comp_id 
_struct_conf.beg_label_asym_id 
_struct_conf.beg_label_seq_id 
_struct_conf.pdbx_beg_PDB_ins_code 
_struct_conf.end_label_comp_id 
_struct_conf.end_label_asym_id 
_struct_conf.end_label_seq_id 
_struct_conf.pdbx_end_PDB_ins_code 
_struct_conf.beg_auth_comp_id 
_struct_conf.beg_auth_asym_id 
_struct_conf.beg_auth_seq_id 
_struct_conf.end_auth_comp_id 
_struct_conf.end_auth_asym_id 
_struct_conf.end_auth_seq_id 
_struct_conf.pdbx_PDB_helix_class 
_struct_conf.details 
_struct_conf.pdbx_PDB_helix_length 
HELX_P HELX_P1 AA1 THR A 21  ? VAL A 30  ? THR AAA 60  VAL AAA 69  1 ? 10 
HELX_P HELX_P2 AA2 VAL A 30  ? LYS A 37  ? VAL AAA 69  LYS AAA 76  1 ? 8  
HELX_P HELX_P3 AA3 ALA A 41  ? GLN A 45  ? ALA AAA 80  GLN AAA 84  5 ? 5  
HELX_P HELX_P4 AA4 ASP A 57  ? ILE A 62  ? ASP AAA 96  ILE AAA 101 1 ? 6  
HELX_P HELX_P5 AA5 ASP A 67  ? ASN A 77  ? ASP AAA 106 ASN AAA 116 1 ? 11 
HELX_P HELX_P6 AA6 ASN A 82  ? ASN A 101 ? ASN AAA 121 ASN AAA 140 1 ? 20 
HELX_P HELX_P7 AA7 ASP A 105 ? GLU A 124 ? ASP AAA 144 GLU AAA 163 1 ? 20 
# 
_struct_conf_type.id          HELX_P 
_struct_conf_type.criteria    ? 
_struct_conf_type.reference   ? 
# 
loop_
_pdbx_validate_close_contact.id 
_pdbx_validate_close_contact.PDB_model_num 
_pdbx_validate_close_contact.auth_atom_id_1 
_pdbx_validate_close_contact.auth_asym_id_1 
_pdbx_validate_close_contact.auth_comp_id_1 
_pdbx_validate_close_contact.auth_seq_id_1 
_pdbx_validate_close_contact.PDB_ins_code_1 
_pdbx_validate_close_contact.label_alt_id_1 
_pdbx_validate_close_contact.auth_atom_id_2 
_pdbx_validate_close_contact.auth_asym_id_2 
_pdbx_validate_close_contact.auth_comp_id_2 
_pdbx_validate_close_contact.auth_seq_id_2 
_pdbx_validate_close_contact.PDB_ins_code_2 
_pdbx_validate_close_contact.label_alt_id_2 
_pdbx_validate_close_contact.dist 
1 1 NZ  AAA LYS 57  ? ? O   AAA HOH 301 ? ? 1.60 
2 1 O   AAA HOH 303 ? ? O   AAA HOH 371 ? ? 1.74 
3 1 O   AAA HOH 341 ? ? O   AAA HOH 369 ? ? 1.86 
4 1 NZ  AAA LYS 76  ? ? O   AAA HOH 302 ? ? 1.88 
5 1 O   AAA PRO 56  ? ? O   AAA HOH 303 ? ? 1.94 
6 1 NE2 AAA GLN 59  ? ? OD1 AAA ASN 117 ? A 2.07 
7 1 O   AAA HOH 381 ? ? O   AAA HOH 420 ? ? 2.17 
# 
loop_
_pdbx_validate_torsion.id 
_pdbx_validate_torsion.PDB_model_num 
_pdbx_validate_torsion.auth_comp_id 
_pdbx_validate_torsion.auth_asym_id 
_pdbx_validate_torsion.auth_seq_id 
_pdbx_validate_torsion.PDB_ins_code 
_pdbx_validate_torsion.label_alt_id 
_pdbx_validate_torsion.phi 
_pdbx_validate_torsion.psi 
1 1 ASN AAA 52  ? ? -165.60 104.31 
2 1 ASN AAA 117 ? B 2.21    97.36  
# 
_pdbx_entry_details.entry_id                 7ZAA 
_pdbx_entry_details.has_ligand_of_interest   Y 
_pdbx_entry_details.compound_details         ? 
_pdbx_entry_details.source_details           ? 
_pdbx_entry_details.nonpolymer_details       ? 
_pdbx_entry_details.sequence_details         ? 
# 
loop_
_chem_comp_atom.comp_id 
_chem_comp_atom.atom_id 
_chem_comp_atom.type_symbol 
_chem_comp_atom.pdbx_aromatic_flag 
_chem_comp_atom.pdbx_stereo_config 
_chem_comp_atom.pdbx_ordinal 
ALA N    N  N N 1   
ALA CA   C  N S 2   
ALA C    C  N N 3   
ALA O    O  N N 4   
ALA CB   C  N N 5   
ALA OXT  O  N N 6   
ALA H    H  N N 7   
ALA H2   H  N N 8   
ALA HA   H  N N 9   
ALA HB1  H  N N 10  
ALA HB2  H  N N 11  
ALA HB3  H  N N 12  
ALA HXT  H  N N 13  
ARG N    N  N N 14  
ARG CA   C  N S 15  
ARG C    C  N N 16  
ARG O    O  N N 17  
ARG CB   C  N N 18  
ARG CG   C  N N 19  
ARG CD   C  N N 20  
ARG NE   N  N N 21  
ARG CZ   C  N N 22  
ARG NH1  N  N N 23  
ARG NH2  N  N N 24  
ARG OXT  O  N N 25  
ARG H    H  N N 26  
ARG H2   H  N N 27  
ARG HA   H  N N 28  
ARG HB2  H  N N 29  
ARG HB3  H  N N 30  
ARG HG2  H  N N 31  
ARG HG3  H  N N 32  
ARG HD2  H  N N 33  
ARG HD3  H  N N 34  
ARG HE   H  N N 35  
ARG HH11 H  N N 36  
ARG HH12 H  N N 37  
ARG HH21 H  N N 38  
ARG HH22 H  N N 39  
ARG HXT  H  N N 40  
ASN N    N  N N 41  
ASN CA   C  N S 42  
ASN C    C  N N 43  
ASN O    O  N N 44  
ASN CB   C  N N 45  
ASN CG   C  N N 46  
ASN OD1  O  N N 47  
ASN ND2  N  N N 48  
ASN OXT  O  N N 49  
ASN H    H  N N 50  
ASN H2   H  N N 51  
ASN HA   H  N N 52  
ASN HB2  H  N N 53  
ASN HB3  H  N N 54  
ASN HD21 H  N N 55  
ASN HD22 H  N N 56  
ASN HXT  H  N N 57  
ASP N    N  N N 58  
ASP CA   C  N S 59  
ASP C    C  N N 60  
ASP O    O  N N 61  
ASP CB   C  N N 62  
ASP CG   C  N N 63  
ASP OD1  O  N N 64  
ASP OD2  O  N N 65  
ASP OXT  O  N N 66  
ASP H    H  N N 67  
ASP H2   H  N N 68  
ASP HA   H  N N 69  
ASP HB2  H  N N 70  
ASP HB3  H  N N 71  
ASP HD2  H  N N 72  
ASP HXT  H  N N 73  
CYS N    N  N N 74  
CYS CA   C  N R 75  
CYS C    C  N N 76  
CYS O    O  N N 77  
CYS CB   C  N N 78  
CYS SG   S  N N 79  
CYS OXT  O  N N 80  
CYS H    H  N N 81  
CYS H2   H  N N 82  
CYS HA   H  N N 83  
CYS HB2  H  N N 84  
CYS HB3  H  N N 85  
CYS HG   H  N N 86  
CYS HXT  H  N N 87  
GLN N    N  N N 88  
GLN CA   C  N S 89  
GLN C    C  N N 90  
GLN O    O  N N 91  
GLN CB   C  N N 92  
GLN CG   C  N N 93  
GLN CD   C  N N 94  
GLN OE1  O  N N 95  
GLN NE2  N  N N 96  
GLN OXT  O  N N 97  
GLN H    H  N N 98  
GLN H2   H  N N 99  
GLN HA   H  N N 100 
GLN HB2  H  N N 101 
GLN HB3  H  N N 102 
GLN HG2  H  N N 103 
GLN HG3  H  N N 104 
GLN HE21 H  N N 105 
GLN HE22 H  N N 106 
GLN HXT  H  N N 107 
GLU N    N  N N 108 
GLU CA   C  N S 109 
GLU C    C  N N 110 
GLU O    O  N N 111 
GLU CB   C  N N 112 
GLU CG   C  N N 113 
GLU CD   C  N N 114 
GLU OE1  O  N N 115 
GLU OE2  O  N N 116 
GLU OXT  O  N N 117 
GLU H    H  N N 118 
GLU H2   H  N N 119 
GLU HA   H  N N 120 
GLU HB2  H  N N 121 
GLU HB3  H  N N 122 
GLU HG2  H  N N 123 
GLU HG3  H  N N 124 
GLU HE2  H  N N 125 
GLU HXT  H  N N 126 
GLY N    N  N N 127 
GLY CA   C  N N 128 
GLY C    C  N N 129 
GLY O    O  N N 130 
GLY OXT  O  N N 131 
GLY H    H  N N 132 
GLY H2   H  N N 133 
GLY HA2  H  N N 134 
GLY HA3  H  N N 135 
GLY HXT  H  N N 136 
GOL C1   C  N N 137 
GOL O1   O  N N 138 
GOL C2   C  N N 139 
GOL O2   O  N N 140 
GOL C3   C  N N 141 
GOL O3   O  N N 142 
GOL H11  H  N N 143 
GOL H12  H  N N 144 
GOL HO1  H  N N 145 
GOL H2   H  N N 146 
GOL HO2  H  N N 147 
GOL H31  H  N N 148 
GOL H32  H  N N 149 
GOL HO3  H  N N 150 
HIS N    N  N N 151 
HIS CA   C  N S 152 
HIS C    C  N N 153 
HIS O    O  N N 154 
HIS CB   C  N N 155 
HIS CG   C  Y N 156 
HIS ND1  N  Y N 157 
HIS CD2  C  Y N 158 
HIS CE1  C  Y N 159 
HIS NE2  N  Y N 160 
HIS OXT  O  N N 161 
HIS H    H  N N 162 
HIS H2   H  N N 163 
HIS HA   H  N N 164 
HIS HB2  H  N N 165 
HIS HB3  H  N N 166 
HIS HD1  H  N N 167 
HIS HD2  H  N N 168 
HIS HE1  H  N N 169 
HIS HE2  H  N N 170 
HIS HXT  H  N N 171 
HOH O    O  N N 172 
HOH H1   H  N N 173 
HOH H2   H  N N 174 
IJX C4   C  Y N 175 
IJX C5   C  Y N 176 
IJX C6   C  Y N 177 
IJX C7   C  Y N 178 
IJX C8   C  Y N 179 
IJX N1   N  N N 180 
IJX C3   C  Y N 181 
IJX C1   C  N N 182 
IJX C2   C  N N 183 
IJX O1   O  N N 184 
IJX BR1  BR N N 185 
IJX H1   H  N N 186 
IJX H2   H  N N 187 
IJX H3   H  N N 188 
IJX H4   H  N N 189 
IJX H5   H  N N 190 
IJX H6   H  N N 191 
IJX H7   H  N N 192 
IJX H8   H  N N 193 
ILE N    N  N N 194 
ILE CA   C  N S 195 
ILE C    C  N N 196 
ILE O    O  N N 197 
ILE CB   C  N S 198 
ILE CG1  C  N N 199 
ILE CG2  C  N N 200 
ILE CD1  C  N N 201 
ILE OXT  O  N N 202 
ILE H    H  N N 203 
ILE H2   H  N N 204 
ILE HA   H  N N 205 
ILE HB   H  N N 206 
ILE HG12 H  N N 207 
ILE HG13 H  N N 208 
ILE HG21 H  N N 209 
ILE HG22 H  N N 210 
ILE HG23 H  N N 211 
ILE HD11 H  N N 212 
ILE HD12 H  N N 213 
ILE HD13 H  N N 214 
ILE HXT  H  N N 215 
LEU N    N  N N 216 
LEU CA   C  N S 217 
LEU C    C  N N 218 
LEU O    O  N N 219 
LEU CB   C  N N 220 
LEU CG   C  N N 221 
LEU CD1  C  N N 222 
LEU CD2  C  N N 223 
LEU OXT  O  N N 224 
LEU H    H  N N 225 
LEU H2   H  N N 226 
LEU HA   H  N N 227 
LEU HB2  H  N N 228 
LEU HB3  H  N N 229 
LEU HG   H  N N 230 
LEU HD11 H  N N 231 
LEU HD12 H  N N 232 
LEU HD13 H  N N 233 
LEU HD21 H  N N 234 
LEU HD22 H  N N 235 
LEU HD23 H  N N 236 
LEU HXT  H  N N 237 
LYS N    N  N N 238 
LYS CA   C  N S 239 
LYS C    C  N N 240 
LYS O    O  N N 241 
LYS CB   C  N N 242 
LYS CG   C  N N 243 
LYS CD   C  N N 244 
LYS CE   C  N N 245 
LYS NZ   N  N N 246 
LYS OXT  O  N N 247 
LYS H    H  N N 248 
LYS H2   H  N N 249 
LYS HA   H  N N 250 
LYS HB2  H  N N 251 
LYS HB3  H  N N 252 
LYS HG2  H  N N 253 
LYS HG3  H  N N 254 
LYS HD2  H  N N 255 
LYS HD3  H  N N 256 
LYS HE2  H  N N 257 
LYS HE3  H  N N 258 
LYS HZ1  H  N N 259 
LYS HZ2  H  N N 260 
LYS HZ3  H  N N 261 
LYS HXT  H  N N 262 
MET N    N  N N 263 
MET CA   C  N S 264 
MET C    C  N N 265 
MET O    O  N N 266 
MET CB   C  N N 267 
MET CG   C  N N 268 
MET SD   S  N N 269 
MET CE   C  N N 270 
MET OXT  O  N N 271 
MET H    H  N N 272 
MET H2   H  N N 273 
MET HA   H  N N 274 
MET HB2  H  N N 275 
MET HB3  H  N N 276 
MET HG2  H  N N 277 
MET HG3  H  N N 278 
MET HE1  H  N N 279 
MET HE2  H  N N 280 
MET HE3  H  N N 281 
MET HXT  H  N N 282 
PHE N    N  N N 283 
PHE CA   C  N S 284 
PHE C    C  N N 285 
PHE O    O  N N 286 
PHE CB   C  N N 287 
PHE CG   C  Y N 288 
PHE CD1  C  Y N 289 
PHE CD2  C  Y N 290 
PHE CE1  C  Y N 291 
PHE CE2  C  Y N 292 
PHE CZ   C  Y N 293 
PHE OXT  O  N N 294 
PHE H    H  N N 295 
PHE H2   H  N N 296 
PHE HA   H  N N 297 
PHE HB2  H  N N 298 
PHE HB3  H  N N 299 
PHE HD1  H  N N 300 
PHE HD2  H  N N 301 
PHE HE1  H  N N 302 
PHE HE2  H  N N 303 
PHE HZ   H  N N 304 
PHE HXT  H  N N 305 
PRO N    N  N N 306 
PRO CA   C  N S 307 
PRO C    C  N N 308 
PRO O    O  N N 309 
PRO CB   C  N N 310 
PRO CG   C  N N 311 
PRO CD   C  N N 312 
PRO OXT  O  N N 313 
PRO H    H  N N 314 
PRO HA   H  N N 315 
PRO HB2  H  N N 316 
PRO HB3  H  N N 317 
PRO HG2  H  N N 318 
PRO HG3  H  N N 319 
PRO HD2  H  N N 320 
PRO HD3  H  N N 321 
PRO HXT  H  N N 322 
SER N    N  N N 323 
SER CA   C  N S 324 
SER C    C  N N 325 
SER O    O  N N 326 
SER CB   C  N N 327 
SER OG   O  N N 328 
SER OXT  O  N N 329 
SER H    H  N N 330 
SER H2   H  N N 331 
SER HA   H  N N 332 
SER HB2  H  N N 333 
SER HB3  H  N N 334 
SER HG   H  N N 335 
SER HXT  H  N N 336 
THR N    N  N N 337 
THR CA   C  N S 338 
THR C    C  N N 339 
THR O    O  N N 340 
THR CB   C  N R 341 
THR OG1  O  N N 342 
THR CG2  C  N N 343 
THR OXT  O  N N 344 
THR H    H  N N 345 
THR H2   H  N N 346 
THR HA   H  N N 347 
THR HB   H  N N 348 
THR HG1  H  N N 349 
THR HG21 H  N N 350 
THR HG22 H  N N 351 
THR HG23 H  N N 352 
THR HXT  H  N N 353 
TRP N    N  N N 354 
TRP CA   C  N S 355 
TRP C    C  N N 356 
TRP O    O  N N 357 
TRP CB   C  N N 358 
TRP CG   C  Y N 359 
TRP CD1  C  Y N 360 
TRP CD2  C  Y N 361 
TRP NE1  N  Y N 362 
TRP CE2  C  Y N 363 
TRP CE3  C  Y N 364 
TRP CZ2  C  Y N 365 
TRP CZ3  C  Y N 366 
TRP CH2  C  Y N 367 
TRP OXT  O  N N 368 
TRP H    H  N N 369 
TRP H2   H  N N 370 
TRP HA   H  N N 371 
TRP HB2  H  N N 372 
TRP HB3  H  N N 373 
TRP HD1  H  N N 374 
TRP HE1  H  N N 375 
TRP HE3  H  N N 376 
TRP HZ2  H  N N 377 
TRP HZ3  H  N N 378 
TRP HH2  H  N N 379 
TRP HXT  H  N N 380 
TYR N    N  N N 381 
TYR CA   C  N S 382 
TYR C    C  N N 383 
TYR O    O  N N 384 
TYR CB   C  N N 385 
TYR CG   C  Y N 386 
TYR CD1  C  Y N 387 
TYR CD2  C  Y N 388 
TYR CE1  C  Y N 389 
TYR CE2  C  Y N 390 
TYR CZ   C  Y N 391 
TYR OH   O  N N 392 
TYR OXT  O  N N 393 
TYR H    H  N N 394 
TYR H2   H  N N 395 
TYR HA   H  N N 396 
TYR HB2  H  N N 397 
TYR HB3  H  N N 398 
TYR HD1  H  N N 399 
TYR HD2  H  N N 400 
TYR HE1  H  N N 401 
TYR HE2  H  N N 402 
TYR HH   H  N N 403 
TYR HXT  H  N N 404 
VAL N    N  N N 405 
VAL CA   C  N S 406 
VAL C    C  N N 407 
VAL O    O  N N 408 
VAL CB   C  N N 409 
VAL CG1  C  N N 410 
VAL CG2  C  N N 411 
VAL OXT  O  N N 412 
VAL H    H  N N 413 
VAL H2   H  N N 414 
VAL HA   H  N N 415 
VAL HB   H  N N 416 
VAL HG11 H  N N 417 
VAL HG12 H  N N 418 
VAL HG13 H  N N 419 
VAL HG21 H  N N 420 
VAL HG22 H  N N 421 
VAL HG23 H  N N 422 
VAL HXT  H  N N 423 
# 
loop_
_chem_comp_bond.comp_id 
_chem_comp_bond.atom_id_1 
_chem_comp_bond.atom_id_2 
_chem_comp_bond.value_order 
_chem_comp_bond.pdbx_aromatic_flag 
_chem_comp_bond.pdbx_stereo_config 
_chem_comp_bond.pdbx_ordinal 
ALA N   CA   sing N N 1   
ALA N   H    sing N N 2   
ALA N   H2   sing N N 3   
ALA CA  C    sing N N 4   
ALA CA  CB   sing N N 5   
ALA CA  HA   sing N N 6   
ALA C   O    doub N N 7   
ALA C   OXT  sing N N 8   
ALA CB  HB1  sing N N 9   
ALA CB  HB2  sing N N 10  
ALA CB  HB3  sing N N 11  
ALA OXT HXT  sing N N 12  
ARG N   CA   sing N N 13  
ARG N   H    sing N N 14  
ARG N   H2   sing N N 15  
ARG CA  C    sing N N 16  
ARG CA  CB   sing N N 17  
ARG CA  HA   sing N N 18  
ARG C   O    doub N N 19  
ARG C   OXT  sing N N 20  
ARG CB  CG   sing N N 21  
ARG CB  HB2  sing N N 22  
ARG CB  HB3  sing N N 23  
ARG CG  CD   sing N N 24  
ARG CG  HG2  sing N N 25  
ARG CG  HG3  sing N N 26  
ARG CD  NE   sing N N 27  
ARG CD  HD2  sing N N 28  
ARG CD  HD3  sing N N 29  
ARG NE  CZ   sing N N 30  
ARG NE  HE   sing N N 31  
ARG CZ  NH1  sing N N 32  
ARG CZ  NH2  doub N N 33  
ARG NH1 HH11 sing N N 34  
ARG NH1 HH12 sing N N 35  
ARG NH2 HH21 sing N N 36  
ARG NH2 HH22 sing N N 37  
ARG OXT HXT  sing N N 38  
ASN N   CA   sing N N 39  
ASN N   H    sing N N 40  
ASN N   H2   sing N N 41  
ASN CA  C    sing N N 42  
ASN CA  CB   sing N N 43  
ASN CA  HA   sing N N 44  
ASN C   O    doub N N 45  
ASN C   OXT  sing N N 46  
ASN CB  CG   sing N N 47  
ASN CB  HB2  sing N N 48  
ASN CB  HB3  sing N N 49  
ASN CG  OD1  doub N N 50  
ASN CG  ND2  sing N N 51  
ASN ND2 HD21 sing N N 52  
ASN ND2 HD22 sing N N 53  
ASN OXT HXT  sing N N 54  
ASP N   CA   sing N N 55  
ASP N   H    sing N N 56  
ASP N   H2   sing N N 57  
ASP CA  C    sing N N 58  
ASP CA  CB   sing N N 59  
ASP CA  HA   sing N N 60  
ASP C   O    doub N N 61  
ASP C   OXT  sing N N 62  
ASP CB  CG   sing N N 63  
ASP CB  HB2  sing N N 64  
ASP CB  HB3  sing N N 65  
ASP CG  OD1  doub N N 66  
ASP CG  OD2  sing N N 67  
ASP OD2 HD2  sing N N 68  
ASP OXT HXT  sing N N 69  
CYS N   CA   sing N N 70  
CYS N   H    sing N N 71  
CYS N   H2   sing N N 72  
CYS CA  C    sing N N 73  
CYS CA  CB   sing N N 74  
CYS CA  HA   sing N N 75  
CYS C   O    doub N N 76  
CYS C   OXT  sing N N 77  
CYS CB  SG   sing N N 78  
CYS CB  HB2  sing N N 79  
CYS CB  HB3  sing N N 80  
CYS SG  HG   sing N N 81  
CYS OXT HXT  sing N N 82  
GLN N   CA   sing N N 83  
GLN N   H    sing N N 84  
GLN N   H2   sing N N 85  
GLN CA  C    sing N N 86  
GLN CA  CB   sing N N 87  
GLN CA  HA   sing N N 88  
GLN C   O    doub N N 89  
GLN C   OXT  sing N N 90  
GLN CB  CG   sing N N 91  
GLN CB  HB2  sing N N 92  
GLN CB  HB3  sing N N 93  
GLN CG  CD   sing N N 94  
GLN CG  HG2  sing N N 95  
GLN CG  HG3  sing N N 96  
GLN CD  OE1  doub N N 97  
GLN CD  NE2  sing N N 98  
GLN NE2 HE21 sing N N 99  
GLN NE2 HE22 sing N N 100 
GLN OXT HXT  sing N N 101 
GLU N   CA   sing N N 102 
GLU N   H    sing N N 103 
GLU N   H2   sing N N 104 
GLU CA  C    sing N N 105 
GLU CA  CB   sing N N 106 
GLU CA  HA   sing N N 107 
GLU C   O    doub N N 108 
GLU C   OXT  sing N N 109 
GLU CB  CG   sing N N 110 
GLU CB  HB2  sing N N 111 
GLU CB  HB3  sing N N 112 
GLU CG  CD   sing N N 113 
GLU CG  HG2  sing N N 114 
GLU CG  HG3  sing N N 115 
GLU CD  OE1  doub N N 116 
GLU CD  OE2  sing N N 117 
GLU OE2 HE2  sing N N 118 
GLU OXT HXT  sing N N 119 
GLY N   CA   sing N N 120 
GLY N   H    sing N N 121 
GLY N   H2   sing N N 122 
GLY CA  C    sing N N 123 
GLY CA  HA2  sing N N 124 
GLY CA  HA3  sing N N 125 
GLY C   O    doub N N 126 
GLY C   OXT  sing N N 127 
GLY OXT HXT  sing N N 128 
GOL C1  O1   sing N N 129 
GOL C1  C2   sing N N 130 
GOL C1  H11  sing N N 131 
GOL C1  H12  sing N N 132 
GOL O1  HO1  sing N N 133 
GOL C2  O2   sing N N 134 
GOL C2  C3   sing N N 135 
GOL C2  H2   sing N N 136 
GOL O2  HO2  sing N N 137 
GOL C3  O3   sing N N 138 
GOL C3  H31  sing N N 139 
GOL C3  H32  sing N N 140 
GOL O3  HO3  sing N N 141 
HIS N   CA   sing N N 142 
HIS N   H    sing N N 143 
HIS N   H2   sing N N 144 
HIS CA  C    sing N N 145 
HIS CA  CB   sing N N 146 
HIS CA  HA   sing N N 147 
HIS C   O    doub N N 148 
HIS C   OXT  sing N N 149 
HIS CB  CG   sing N N 150 
HIS CB  HB2  sing N N 151 
HIS CB  HB3  sing N N 152 
HIS CG  ND1  sing Y N 153 
HIS CG  CD2  doub Y N 154 
HIS ND1 CE1  doub Y N 155 
HIS ND1 HD1  sing N N 156 
HIS CD2 NE2  sing Y N 157 
HIS CD2 HD2  sing N N 158 
HIS CE1 NE2  sing Y N 159 
HIS CE1 HE1  sing N N 160 
HIS NE2 HE2  sing N N 161 
HIS OXT HXT  sing N N 162 
HOH O   H1   sing N N 163 
HOH O   H2   sing N N 164 
IJX C1  C2   sing N N 165 
IJX C2  N1   sing N N 166 
IJX C2  O1   doub N N 167 
IJX N1  C3   sing N N 168 
IJX C3  C4   doub Y N 169 
IJX C3  C8   sing Y N 170 
IJX C4  C5   sing Y N 171 
IJX C8  C7   doub Y N 172 
IJX C5  C6   doub Y N 173 
IJX C7  C6   sing Y N 174 
IJX C6  BR1  sing N N 175 
IJX C4  H1   sing N N 176 
IJX C5  H2   sing N N 177 
IJX C7  H3   sing N N 178 
IJX C8  H4   sing N N 179 
IJX N1  H5   sing N N 180 
IJX C1  H6   sing N N 181 
IJX C1  H7   sing N N 182 
IJX C1  H8   sing N N 183 
ILE N   CA   sing N N 184 
ILE N   H    sing N N 185 
ILE N   H2   sing N N 186 
ILE CA  C    sing N N 187 
ILE CA  CB   sing N N 188 
ILE CA  HA   sing N N 189 
ILE C   O    doub N N 190 
ILE C   OXT  sing N N 191 
ILE CB  CG1  sing N N 192 
ILE CB  CG2  sing N N 193 
ILE CB  HB   sing N N 194 
ILE CG1 CD1  sing N N 195 
ILE CG1 HG12 sing N N 196 
ILE CG1 HG13 sing N N 197 
ILE CG2 HG21 sing N N 198 
ILE CG2 HG22 sing N N 199 
ILE CG2 HG23 sing N N 200 
ILE CD1 HD11 sing N N 201 
ILE CD1 HD12 sing N N 202 
ILE CD1 HD13 sing N N 203 
ILE OXT HXT  sing N N 204 
LEU N   CA   sing N N 205 
LEU N   H    sing N N 206 
LEU N   H2   sing N N 207 
LEU CA  C    sing N N 208 
LEU CA  CB   sing N N 209 
LEU CA  HA   sing N N 210 
LEU C   O    doub N N 211 
LEU C   OXT  sing N N 212 
LEU CB  CG   sing N N 213 
LEU CB  HB2  sing N N 214 
LEU CB  HB3  sing N N 215 
LEU CG  CD1  sing N N 216 
LEU CG  CD2  sing N N 217 
LEU CG  HG   sing N N 218 
LEU CD1 HD11 sing N N 219 
LEU CD1 HD12 sing N N 220 
LEU CD1 HD13 sing N N 221 
LEU CD2 HD21 sing N N 222 
LEU CD2 HD22 sing N N 223 
LEU CD2 HD23 sing N N 224 
LEU OXT HXT  sing N N 225 
LYS N   CA   sing N N 226 
LYS N   H    sing N N 227 
LYS N   H2   sing N N 228 
LYS CA  C    sing N N 229 
LYS CA  CB   sing N N 230 
LYS CA  HA   sing N N 231 
LYS C   O    doub N N 232 
LYS C   OXT  sing N N 233 
LYS CB  CG   sing N N 234 
LYS CB  HB2  sing N N 235 
LYS CB  HB3  sing N N 236 
LYS CG  CD   sing N N 237 
LYS CG  HG2  sing N N 238 
LYS CG  HG3  sing N N 239 
LYS CD  CE   sing N N 240 
LYS CD  HD2  sing N N 241 
LYS CD  HD3  sing N N 242 
LYS CE  NZ   sing N N 243 
LYS CE  HE2  sing N N 244 
LYS CE  HE3  sing N N 245 
LYS NZ  HZ1  sing N N 246 
LYS NZ  HZ2  sing N N 247 
LYS NZ  HZ3  sing N N 248 
LYS OXT HXT  sing N N 249 
MET N   CA   sing N N 250 
MET N   H    sing N N 251 
MET N   H2   sing N N 252 
MET CA  C    sing N N 253 
MET CA  CB   sing N N 254 
MET CA  HA   sing N N 255 
MET C   O    doub N N 256 
MET C   OXT  sing N N 257 
MET CB  CG   sing N N 258 
MET CB  HB2  sing N N 259 
MET CB  HB3  sing N N 260 
MET CG  SD   sing N N 261 
MET CG  HG2  sing N N 262 
MET CG  HG3  sing N N 263 
MET SD  CE   sing N N 264 
MET CE  HE1  sing N N 265 
MET CE  HE2  sing N N 266 
MET CE  HE3  sing N N 267 
MET OXT HXT  sing N N 268 
PHE N   CA   sing N N 269 
PHE N   H    sing N N 270 
PHE N   H2   sing N N 271 
PHE CA  C    sing N N 272 
PHE CA  CB   sing N N 273 
PHE CA  HA   sing N N 274 
PHE C   O    doub N N 275 
PHE C   OXT  sing N N 276 
PHE CB  CG   sing N N 277 
PHE CB  HB2  sing N N 278 
PHE CB  HB3  sing N N 279 
PHE CG  CD1  doub Y N 280 
PHE CG  CD2  sing Y N 281 
PHE CD1 CE1  sing Y N 282 
PHE CD1 HD1  sing N N 283 
PHE CD2 CE2  doub Y N 284 
PHE CD2 HD2  sing N N 285 
PHE CE1 CZ   doub Y N 286 
PHE CE1 HE1  sing N N 287 
PHE CE2 CZ   sing Y N 288 
PHE CE2 HE2  sing N N 289 
PHE CZ  HZ   sing N N 290 
PHE OXT HXT  sing N N 291 
PRO N   CA   sing N N 292 
PRO N   CD   sing N N 293 
PRO N   H    sing N N 294 
PRO CA  C    sing N N 295 
PRO CA  CB   sing N N 296 
PRO CA  HA   sing N N 297 
PRO C   O    doub N N 298 
PRO C   OXT  sing N N 299 
PRO CB  CG   sing N N 300 
PRO CB  HB2  sing N N 301 
PRO CB  HB3  sing N N 302 
PRO CG  CD   sing N N 303 
PRO CG  HG2  sing N N 304 
PRO CG  HG3  sing N N 305 
PRO CD  HD2  sing N N 306 
PRO CD  HD3  sing N N 307 
PRO OXT HXT  sing N N 308 
SER N   CA   sing N N 309 
SER N   H    sing N N 310 
SER N   H2   sing N N 311 
SER CA  C    sing N N 312 
SER CA  CB   sing N N 313 
SER CA  HA   sing N N 314 
SER C   O    doub N N 315 
SER C   OXT  sing N N 316 
SER CB  OG   sing N N 317 
SER CB  HB2  sing N N 318 
SER CB  HB3  sing N N 319 
SER OG  HG   sing N N 320 
SER OXT HXT  sing N N 321 
THR N   CA   sing N N 322 
THR N   H    sing N N 323 
THR N   H2   sing N N 324 
THR CA  C    sing N N 325 
THR CA  CB   sing N N 326 
THR CA  HA   sing N N 327 
THR C   O    doub N N 328 
THR C   OXT  sing N N 329 
THR CB  OG1  sing N N 330 
THR CB  CG2  sing N N 331 
THR CB  HB   sing N N 332 
THR OG1 HG1  sing N N 333 
THR CG2 HG21 sing N N 334 
THR CG2 HG22 sing N N 335 
THR CG2 HG23 sing N N 336 
THR OXT HXT  sing N N 337 
TRP N   CA   sing N N 338 
TRP N   H    sing N N 339 
TRP N   H2   sing N N 340 
TRP CA  C    sing N N 341 
TRP CA  CB   sing N N 342 
TRP CA  HA   sing N N 343 
TRP C   O    doub N N 344 
TRP C   OXT  sing N N 345 
TRP CB  CG   sing N N 346 
TRP CB  HB2  sing N N 347 
TRP CB  HB3  sing N N 348 
TRP CG  CD1  doub Y N 349 
TRP CG  CD2  sing Y N 350 
TRP CD1 NE1  sing Y N 351 
TRP CD1 HD1  sing N N 352 
TRP CD2 CE2  doub Y N 353 
TRP CD2 CE3  sing Y N 354 
TRP NE1 CE2  sing Y N 355 
TRP NE1 HE1  sing N N 356 
TRP CE2 CZ2  sing Y N 357 
TRP CE3 CZ3  doub Y N 358 
TRP CE3 HE3  sing N N 359 
TRP CZ2 CH2  doub Y N 360 
TRP CZ2 HZ2  sing N N 361 
TRP CZ3 CH2  sing Y N 362 
TRP CZ3 HZ3  sing N N 363 
TRP CH2 HH2  sing N N 364 
TRP OXT HXT  sing N N 365 
TYR N   CA   sing N N 366 
TYR N   H    sing N N 367 
TYR N   H2   sing N N 368 
TYR CA  C    sing N N 369 
TYR CA  CB   sing N N 370 
TYR CA  HA   sing N N 371 
TYR C   O    doub N N 372 
TYR C   OXT  sing N N 373 
TYR CB  CG   sing N N 374 
TYR CB  HB2  sing N N 375 
TYR CB  HB3  sing N N 376 
TYR CG  CD1  doub Y N 377 
TYR CG  CD2  sing Y N 378 
TYR CD1 CE1  sing Y N 379 
TYR CD1 HD1  sing N N 380 
TYR CD2 CE2  doub Y N 381 
TYR CD2 HD2  sing N N 382 
TYR CE1 CZ   doub Y N 383 
TYR CE1 HE1  sing N N 384 
TYR CE2 CZ   sing Y N 385 
TYR CE2 HE2  sing N N 386 
TYR CZ  OH   sing N N 387 
TYR OH  HH   sing N N 388 
TYR OXT HXT  sing N N 389 
VAL N   CA   sing N N 390 
VAL N   H    sing N N 391 
VAL N   H2   sing N N 392 
VAL CA  C    sing N N 393 
VAL CA  CB   sing N N 394 
VAL CA  HA   sing N N 395 
VAL C   O    doub N N 396 
VAL C   OXT  sing N N 397 
VAL CB  CG1  sing N N 398 
VAL CB  CG2  sing N N 399 
VAL CB  HB   sing N N 400 
VAL CG1 HG11 sing N N 401 
VAL CG1 HG12 sing N N 402 
VAL CG1 HG13 sing N N 403 
VAL CG2 HG21 sing N N 404 
VAL CG2 HG22 sing N N 405 
VAL CG2 HG23 sing N N 406 
VAL OXT HXT  sing N N 407 
# 
loop_
_pdbx_audit_support.funding_organization 
_pdbx_audit_support.country 
_pdbx_audit_support.grant_number 
_pdbx_audit_support.ordinal 
'Cancer Research UK' 'United Kingdom' C57659/A27310 1 
'Cancer Research UK' 'United Kingdom' C1362/A20263  2 
'Cancer Research UK' 'United Kingdom' C2215/A21421  3 
# 
_pdbx_entity_instance_feature.ordinal        1 
_pdbx_entity_instance_feature.comp_id        IJX 
_pdbx_entity_instance_feature.asym_id        ? 
_pdbx_entity_instance_feature.seq_num        ? 
_pdbx_entity_instance_feature.auth_comp_id   IJX 
_pdbx_entity_instance_feature.auth_asym_id   ? 
_pdbx_entity_instance_feature.auth_seq_num   ? 
_pdbx_entity_instance_feature.feature_type   'SUBJECT OF INVESTIGATION' 
_pdbx_entity_instance_feature.details        ? 
# 
_pdbx_initial_refinement_model.id               1 
_pdbx_initial_refinement_model.entity_id_list   ? 
_pdbx_initial_refinement_model.type             'experimental model' 
_pdbx_initial_refinement_model.source_name      PDB 
_pdbx_initial_refinement_model.accession_code   5LRQ 
_pdbx_initial_refinement_model.details          ? 
# 
_atom_sites.entry_id                    7ZAA 
_atom_sites.Cartn_transf_matrix[1][1]   ? 
_atom_sites.Cartn_transf_matrix[1][2]   ? 
_atom_sites.Cartn_transf_matrix[1][3]   ? 
_atom_sites.Cartn_transf_matrix[2][1]   ? 
_atom_sites.Cartn_transf_matrix[2][2]   ? 
_atom_sites.Cartn_transf_matrix[2][3]   ? 
_atom_sites.Cartn_transf_matrix[3][1]   ? 
_atom_sites.Cartn_transf_matrix[3][2]   ? 
_atom_sites.Cartn_transf_matrix[3][3]   ? 
_atom_sites.Cartn_transf_vector[1]      ? 
_atom_sites.Cartn_transf_vector[2]      ? 
_atom_sites.Cartn_transf_vector[3]      ? 
_atom_sites.fract_transf_matrix[1][1]   -0.02564182 
_atom_sites.fract_transf_matrix[1][2]   0.00221439 
_atom_sites.fract_transf_matrix[1][3]   0.00564945 
_atom_sites.fract_transf_matrix[2][1]   -0.00396242 
_atom_sites.fract_transf_matrix[2][2]   0.00830698 
_atom_sites.fract_transf_matrix[2][3]   -0.02124075 
_atom_sites.fract_transf_matrix[3][1]   -0.00194362 
_atom_sites.fract_transf_matrix[3][2]   -0.01172883 
_atom_sites.fract_transf_matrix[3][3]   -0.00422441 
_atom_sites.fract_transf_vector[1]      -0.314602 
_atom_sites.fract_transf_vector[2]      0.074145 
_atom_sites.fract_transf_vector[3]      -0.116996 
_atom_sites.solution_primary            ? 
_atom_sites.solution_secondary          ? 
_atom_sites.solution_hydrogens          ? 
_atom_sites.special_details             ? 
# 
loop_
_atom_type.symbol 
_atom_type.pdbx_scat_Z 
_atom_type.pdbx_N_electrons 
_atom_type.scat_Cromer_Mann_a1 
_atom_type.scat_Cromer_Mann_b1 
_atom_type.scat_Cromer_Mann_a2 
_atom_type.scat_Cromer_Mann_b2 
_atom_type.scat_Cromer_Mann_a3 
_atom_type.scat_Cromer_Mann_b3 
_atom_type.scat_Cromer_Mann_a4 
_atom_type.scat_Cromer_Mann_b4 
_atom_type.scat_Cromer_Mann_c 
BR 35 35 17.182 2.172  5.237 16.580 5.639 0.261  3.986 41.433 -0.076  
C  6  6  2.310  20.844 1.020 10.208 1.589 0.569  0.865 51.651 0.216   
N  7  7  12.222 0.006  3.135 9.893  2.014 28.997 1.167 0.583  -11.538 
O  8  8  3.049  13.277 2.287 5.701  1.546 0.324  0.867 32.909 0.251   
S  16 16 6.905  1.468  5.203 22.215 1.438 0.254  1.586 56.172 1.026   
# 
loop_
_atom_site.group_PDB 
_atom_site.id 
_atom_site.type_symbol 
_atom_site.label_atom_id 
_atom_site.label_alt_id 
_atom_site.label_comp_id 
_atom_site.label_asym_id 
_atom_site.label_entity_id 
_atom_site.label_seq_id 
_atom_site.pdbx_PDB_ins_code 
_atom_site.Cartn_x 
_atom_site.Cartn_y 
_atom_site.Cartn_z 
_atom_site.occupancy 
_atom_site.B_iso_or_equiv 
_atom_site.pdbx_formal_charge 
_atom_site.auth_seq_id 
_atom_site.auth_comp_id 
_atom_site.auth_asym_id 
_atom_site.auth_atom_id 
_atom_site.pdbx_PDB_model_num 
_atom_site.calc_flag 
ATOM   1    N  N   . GLY A 1 1   ? -0.172  -2.053  19.801  1.000 29.441 ? 40  GLY AAA N   1 ? 
ATOM   2    C  CA  . GLY A 1 1   ? 0.042   -3.465  19.500  1.000 22.315 ? 40  GLY AAA CA  1 ? 
ATOM   3    C  C   . GLY A 1 1   ? 1.363   -3.929  20.107  1.000 18.323 ? 40  GLY AAA C   1 ? 
ATOM   4    O  O   . GLY A 1 1   ? 1.921   -3.238  20.971  1.000 18.746 ? 40  GLY AAA O   1 ? 
ATOM   5    N  N   . SER A 1 2   ? 1.804   -5.107  19.673  1.000 17.729 ? 41  SER AAA N   1 ? 
ATOM   6    C  CA  . SER A 1 2   ? 2.981   -5.767  20.232  1.000 16.264 ? 41  SER AAA CA  1 ? 
ATOM   7    C  C   . SER A 1 2   ? 4.251   -4.971  19.963  1.000 14.897 ? 41  SER AAA C   1 ? 
ATOM   8    O  O   . SER A 1 2   ? 4.445   -4.496  18.848  1.000 14.701 ? 41  SER AAA O   1 ? 
ATOM   9    C  CB  . SER A 1 2   ? 3.128   -7.153  19.696  1.000 16.320 ? 41  SER AAA CB  1 ? 
ATOM   10   O  OG  . SER A 1 2   ? 4.373   -7.702  20.119  1.000 15.275 ? 41  SER AAA OG  1 ? 
ATOM   11   N  N   . HIS A 1 3   ? 5.158   -4.915  20.944  1.000 13.044 ? 42  HIS AAA N   1 ? 
ATOM   12   C  CA  . HIS A 1 3   ? 6.493   -4.397  20.771  1.000 13.581 ? 42  HIS AAA CA  1 ? 
ATOM   13   C  C   . HIS A 1 3   ? 7.334   -5.168  19.760  1.000 14.266 ? 42  HIS AAA C   1 ? 
ATOM   14   O  O   . HIS A 1 3   ? 8.355   -4.652  19.273  1.000 16.328 ? 42  HIS AAA O   1 ? 
ATOM   15   C  CB  . HIS A 1 3   ? 7.186   -4.302  22.149  1.000 16.696 ? 42  HIS AAA CB  1 ? 
ATOM   16   C  CG  . HIS A 1 3   ? 7.721   -5.615  22.591  1.000 17.781 ? 42  HIS AAA CG  1 ? 
ATOM   17   N  ND1 . HIS A 1 3   ? 6.905   -6.648  22.950  1.000 17.642 ? 42  HIS AAA ND1 1 ? 
ATOM   18   C  CD2 . HIS A 1 3   ? 8.978   -6.068  22.767  1.000 21.296 ? 42  HIS AAA CD2 1 ? 
ATOM   19   C  CE1 . HIS A 1 3   ? 7.639   -7.706  23.330  1.000 20.262 ? 42  HIS AAA CE1 1 ? 
ATOM   20   N  NE2 . HIS A 1 3   ? 8.882   -7.365  23.216  1.000 20.494 ? 42  HIS AAA NE2 1 ? 
ATOM   21   N  N   . MET A 1 4   ? 6.881   -6.385  19.407  1.000 13.251 ? 43  MET AAA N   1 ? 
ATOM   22   C  CA  . MET A 1 4   ? 7.624   -7.149  18.423  1.000 14.269 ? 43  MET AAA CA  1 ? 
ATOM   23   C  C   . MET A 1 4   ? 7.319   -6.787  16.965  1.000 14.789 ? 43  MET AAA C   1 ? 
ATOM   24   O  O   . MET A 1 4   ? 8.030   -7.260  16.065  1.000 16.980 ? 43  MET AAA O   1 ? 
ATOM   25   C  CB  . MET A 1 4   ? 7.375   -8.634  18.641  1.000 16.176 ? 43  MET AAA CB  1 ? 
ATOM   26   C  CG  . MET A 1 4   ? 7.799   -9.022  20.045  1.000 15.515 ? 43  MET AAA CG  1 ? 
ATOM   27   S  SD  . MET A 1 4   ? 8.103   -10.744 20.346  1.000 21.699 ? 43  MET AAA SD  1 ? 
ATOM   28   C  CE  . MET A 1 4   ? 6.763   -11.549 19.517  1.000 22.987 ? 43  MET AAA CE  1 ? 
ATOM   29   N  N   . ASN A 1 5   ? 6.267   -6.002  16.748  1.000 12.206 ? 44  ASN AAA N   1 ? 
ATOM   30   C  CA  . ASN A 1 5   ? 6.018   -5.424  15.430  1.000 12.924 ? 44  ASN AAA CA  1 ? 
ATOM   31   C  C   . ASN A 1 5   ? 6.671   -4.063  15.376  1.000 14.763 ? 44  ASN AAA C   1 ? 
ATOM   32   O  O   . ASN A 1 5   ? 6.659   -3.348  16.380  1.000 15.201 ? 44  ASN AAA O   1 ? 
ATOM   33   C  CB  . ASN A 1 5   ? 4.521   -5.278  15.193  1.000 12.661 ? 44  ASN AAA CB  1 ? 
ATOM   34   C  CG  . ASN A 1 5   ? 3.833   -6.608  14.966  1.000 12.900 ? 44  ASN AAA CG  1 ? 
ATOM   35   O  OD1 . ASN A 1 5   ? 4.316   -7.478  14.234  1.000 14.820 ? 44  ASN AAA OD1 1 ? 
ATOM   36   N  ND2 . ASN A 1 5   ? 2.708   -6.779  15.606  1.000 13.232 ? 44  ASN AAA ND2 1 ? 
ATOM   37   N  N   . PRO A 1 6   ? 7.234   -3.637  14.242  1.000 13.313 ? 45  PRO AAA N   1 ? 
ATOM   38   C  CA  . PRO A 1 6   ? 7.804   -2.279  14.143  1.000 14.056 ? 45  PRO AAA CA  1 ? 
ATOM   39   C  C   . PRO A 1 6   ? 6.716   -1.229  14.142  1.000 14.150 ? 45  PRO AAA C   1 ? 
ATOM   40   O  O   . PRO A 1 6   ? 5.549   -1.528  13.902  1.000 14.298 ? 45  PRO AAA O   1 ? 
ATOM   41   C  CB  . PRO A 1 6   ? 8.517   -2.334  12.784  1.000 15.022 ? 45  PRO AAA CB  1 ? 
ATOM   42   C  CG  . PRO A 1 6   ? 7.617   -3.255  11.976  1.000 15.016 ? 45  PRO AAA CG  1 ? 
ATOM   43   C  CD  . PRO A 1 6   ? 7.279   -4.367  12.952  1.000 13.673 ? 45  PRO AAA CD  1 ? 
ATOM   44   N  N   . PRO A 1 7   ? 7.062   0.067   14.389  1.000 14.932 ? 46  PRO AAA N   1 ? 
ATOM   45   C  CA  . PRO A 1 7   ? 6.083   1.128   14.223  1.000 14.034 ? 46  PRO AAA CA  1 ? 
ATOM   46   C  C   . PRO A 1 7   ? 5.685   1.088   12.745  1.000 13.945 ? 46  PRO AAA C   1 ? 
ATOM   47   O  O   . PRO A 1 7   ? 6.479   0.644   11.896  1.000 14.478 ? 46  PRO AAA O   1 ? 
ATOM   48   C  CB  . PRO A 1 7   ? 6.885   2.427   14.506  1.000 15.063 ? 46  PRO AAA CB  1 ? 
ATOM   49   C  CG  . PRO A 1 7   ? 8.252   2.019   14.288  1.000 15.840 ? 46  PRO AAA CG  1 ? 
ATOM   50   C  CD  . PRO A 1 7   ? 8.376   0.589   14.780  1.000 17.135 ? 46  PRO AAA CD  1 ? 
ATOM   51   N  N   . PRO A 1 8   ? 4.440   1.508   12.464  1.000 15.831 ? 47  PRO AAA N   1 ? 
ATOM   52   C  CA  . PRO A 1 8   ? 4.016   1.556   11.079  1.000 15.575 ? 47  PRO AAA CA  1 ? 
ATOM   53   C  C   . PRO A 1 8   ? 4.823   2.580   10.300  1.000 14.909 ? 47  PRO AAA C   1 ? 
ATOM   54   O  O   . PRO A 1 8   ? 5.539   3.412   10.868  1.000 16.341 ? 47  PRO AAA O   1 ? 
ATOM   55   C  CB  . PRO A 1 8   ? 2.567   2.045   11.183  1.000 19.583 ? 47  PRO AAA CB  1 ? 
ATOM   56   C  CG  . PRO A 1 8   ? 2.501   2.800   12.497  1.000 22.021 ? 47  PRO AAA CG  1 ? 
ATOM   57   C  CD  . PRO A 1 8   ? 3.399   1.969   13.401  1.000 18.457 ? 47  PRO AAA CD  1 ? 
ATOM   58   N  N   . PRO A 1 9   ? 4.739   2.614   8.977   1.000 13.082 ? 48  PRO AAA N   1 ? 
ATOM   59   C  CA  . PRO A 1 9   ? 5.378   3.711   8.232   1.000 13.093 ? 48  PRO AAA CA  1 ? 
ATOM   60   C  C   . PRO A 1 9   ? 4.729   5.022   8.699   1.000 13.768 ? 48  PRO AAA C   1 ? 
ATOM   61   O  O   . PRO A 1 9   ? 3.581   5.066   9.008   1.000 14.822 ? 48  PRO AAA O   1 ? 
ATOM   62   C  CB  . PRO A 1 9   ? 5.108   3.344   6.738   1.000 13.092 ? 48  PRO AAA CB  1 ? 
ATOM   63   C  CG  . PRO A 1 9   ? 4.792   1.836   6.823   1.000 14.122 ? 48  PRO AAA CG  1 ? 
ATOM   64   C  CD  . PRO A 1 9   ? 4.018   1.626   8.114   1.000 13.158 ? 48  PRO AAA CD  1 ? 
ATOM   65   N  N   . GLU A 1 10  ? 5.565   6.064   8.596   1.000 17.126 ? 49  GLU AAA N   1 ? 
ATOM   66   C  CA  . GLU A 1 10  ? 5.209   7.443   8.864   1.000 18.944 ? 49  GLU AAA CA  1 ? 
ATOM   67   C  C   . GLU A 1 10  ? 3.925   7.862   8.103   1.000 15.782 ? 49  GLU AAA C   1 ? 
ATOM   68   O  O   . GLU A 1 10  ? 3.878   7.652   6.883   1.000 15.212 ? 49  GLU AAA O   1 ? 
ATOM   69   C  CB  . GLU A 1 10  ? 6.377   8.307   8.340   1.000 18.355 ? 49  GLU AAA CB  1 ? 
ATOM   70   C  CG  . GLU A 1 10  ? 6.294   9.679   8.882   1.000 22.332 ? 49  GLU AAA CG  1 ? 
ATOM   71   C  CD  . GLU A 1 10  ? 7.558   10.385  8.586   1.000 21.694 ? 49  GLU AAA CD  1 ? 
ATOM   72   O  OE1 . GLU A 1 10  ? 8.330   10.539  9.557   1.000 25.692 ? 49  GLU AAA OE1 1 ? 
ATOM   73   O  OE2 . GLU A 1 10  ? 7.698   10.819  7.441   1.000 20.126 ? 49  GLU AAA OE2 1 ? 
ATOM   74   N  N   . THR A 1 11  ? 2.900   8.455   8.727   1.000 16.005 ? 50  THR AAA N   1 ? 
ATOM   75   C  CA  . THR A 1 11  ? 1.772   9.051   8.012   1.000 16.340 ? 50  THR AAA CA  1 ? 
ATOM   76   C  C   . THR A 1 11  ? 1.598   10.559  8.288   1.000 14.327 ? 50  THR AAA C   1 ? 
ATOM   77   O  O   . THR A 1 11  ? 0.731   11.172  7.638   1.000 17.830 ? 50  THR AAA O   1 ? 
ATOM   78   C  CB  . THR A 1 11  ? 0.473   8.298   8.322   1.000 16.770 ? 50  THR AAA CB  1 ? 
ATOM   79   O  OG1 . THR A 1 11  ? 0.385   8.278   9.756   1.000 19.501 ? 50  THR AAA OG1 1 ? 
ATOM   80   C  CG2 . THR A 1 11  ? 0.603   6.868   7.828   1.000 16.568 ? 50  THR AAA CG2 1 ? 
ATOM   81   N  N   . SER A 1 12  ? 2.345   11.076  9.248   1.000 17.264 ? 51  SER AAA N   1 ? 
ATOM   82   C  CA  . SER A 1 12  ? 2.313   12.495  9.576   1.000 17.090 ? 51  SER AAA CA  1 ? 
ATOM   83   C  C   . SER A 1 12  ? 3.745   12.899  9.901   1.000 17.744 ? 51  SER AAA C   1 ? 
ATOM   84   O  O   . SER A 1 12  ? 4.459   12.246  10.667  1.000 21.707 ? 51  SER AAA O   1 ? 
ATOM   85   C  CB  . SER A 1 12  ? 1.407   12.682  10.782  1.000 20.568 ? 51  SER AAA CB  1 ? 
ATOM   86   O  OG  . SER A 1 12  ? 1.907   13.771  11.548  1.000 25.317 ? 51  SER AAA OG  1 ? 
ATOM   87   N  N   . ASN A 1 13  ? 4.159   14.036  9.330   1.000 15.426 ? 52  ASN AAA N   1 ? 
ATOM   88   C  CA  . ASN A 1 13  ? 5.465   14.585  9.621   1.000 15.584 ? 52  ASN AAA CA  1 ? 
ATOM   89   C  C   . ASN A 1 13  ? 5.504   16.024  9.123   1.000 14.232 ? 52  ASN AAA C   1 ? 
ATOM   90   O  O   . ASN A 1 13  ? 5.583   16.270  7.912   1.000 13.100 ? 52  ASN AAA O   1 ? 
ATOM   91   C  CB  . ASN A 1 13  ? 6.594   13.813  8.948   1.000 19.588 ? 52  ASN AAA CB  1 ? 
ATOM   92   C  CG  . ASN A 1 13  ? 7.952   14.381  9.314   1.000 22.095 ? 52  ASN AAA CG  1 ? 
ATOM   93   O  OD1 . ASN A 1 13  ? 8.102   15.474  9.882   1.000 20.681 ? 52  ASN AAA OD1 1 ? 
ATOM   94   N  ND2 . ASN A 1 13  ? 8.973   13.624  8.964   1.000 27.676 ? 52  ASN AAA ND2 1 ? 
ATOM   95   N  N   . PRO A 1 14  ? 5.418   17.046  10.005  1.000 13.726 ? 53  PRO AAA N   1 ? 
ATOM   96   C  CA  . PRO A 1 14  ? 5.467   18.416  9.537   1.000 13.069 ? 53  PRO AAA CA  1 ? 
ATOM   97   C  C   . PRO A 1 14  ? 6.717   18.791  8.753   1.000 14.460 ? 53  PRO AAA C   1 ? 
ATOM   98   O  O   . PRO A 1 14  ? 6.624   19.822  8.087   1.000 17.496 ? 53  PRO AAA O   1 ? 
ATOM   99   C  CB  . PRO A 1 14  ? 5.348   19.224  10.824  1.000 14.838 ? 53  PRO AAA CB  1 ? 
ATOM   100  C  CG  . PRO A 1 14  ? 4.519   18.306  11.681  1.000 17.283 ? 53  PRO AAA CG  1 ? 
ATOM   101  C  CD  . PRO A 1 14  ? 5.117   16.938  11.450  1.000 15.285 ? 53  PRO AAA CD  1 ? 
ATOM   102  N  N   . ASN A 1 15  ? 7.812   18.028  8.834   1.000 15.542 ? 54  ASN AAA N   1 ? 
ATOM   103  C  CA  . ASN A 1 15  ? 9.043   18.385  8.130   1.000 17.997 ? 54  ASN AAA CA  1 ? 
ATOM   104  C  C   . ASN A 1 15  ? 8.993   17.943  6.669   1.000 21.160 ? 54  ASN AAA C   1 ? 
ATOM   105  O  O   . ASN A 1 15  ? 9.842   18.365  5.852   1.000 23.414 ? 54  ASN AAA O   1 ? 
ATOM   106  C  CB  . ASN A 1 15  ? 10.235  17.713  8.795   1.000 20.885 ? 54  ASN AAA CB  1 ? 
ATOM   107  C  CG  . ASN A 1 15  ? 10.482  18.327  10.153  1.000 21.379 ? 54  ASN AAA CG  1 ? 
ATOM   108  O  OD1 . ASN A 1 15  ? 10.293  19.523  10.307  1.000 22.920 ? 54  ASN AAA OD1 1 ? 
ATOM   109  N  ND2 . ASN A 1 15  ? 10.811  17.505  11.127  1.000 24.547 ? 54  ASN AAA ND2 1 ? 
ATOM   110  N  N   . LYS A 1 16  ? 8.087   17.032  6.357   1.000 17.847 ? 55  LYS AAA N   1 ? 
ATOM   111  C  CA  . LYS A 1 16  ? 8.061   16.492  5.006   1.000 19.697 ? 55  LYS AAA CA  1 ? 
ATOM   112  C  C   . LYS A 1 16  ? 7.236   17.376  4.090   1.000 18.052 ? 55  LYS AAA C   1 ? 
ATOM   113  O  O   . LYS A 1 16  ? 6.128   17.820  4.408   1.000 16.650 ? 55  LYS AAA O   1 ? 
ATOM   114  C  CB  . LYS A 1 16  ? 7.436   15.128  4.945   1.000 18.108 ? 55  LYS AAA CB  1 ? 
ATOM   115  C  CG  . LYS A 1 16  ? 7.473   14.661  3.485   1.000 18.922 ? 55  LYS AAA CG  1 ? 
ATOM   116  C  CD  . LYS A 1 16  ? 6.859   13.299  3.334   1.000 16.955 ? 55  LYS AAA CD  1 ? 
ATOM   117  C  CE  . LYS A 1 16  ? 6.850   12.669  1.957   1.000 15.370 ? 55  LYS AAA CE  1 ? 
ATOM   118  N  NZ  . LYS A 1 16  ? 6.201   13.523  0.956   1.000 12.258 ? 55  LYS AAA NZ  1 ? 
ATOM   119  N  N   . PRO A 1 17  ? 7.758   17.605  2.856   1.000 18.720 ? 56  PRO AAA N   1 ? 
ATOM   120  C  CA  . PRO A 1 17  ? 7.025   18.459  1.927   1.000 19.292 ? 56  PRO AAA CA  1 ? 
ATOM   121  C  C   . PRO A 1 17  ? 5.842   17.674  1.330   1.000 13.204 ? 56  PRO AAA C   1 ? 
ATOM   122  O  O   . PRO A 1 17  ? 5.913   16.449  1.125   1.000 19.384 ? 56  PRO AAA O   1 ? 
ATOM   123  C  CB  . PRO A 1 17  ? 8.113   18.900  0.915   1.000 21.359 ? 56  PRO AAA CB  1 ? 
ATOM   124  C  CG  . PRO A 1 17  ? 9.055   17.719  0.937   1.000 19.975 ? 56  PRO AAA CG  1 ? 
ATOM   125  C  CD  . PRO A 1 17  ? 9.094   17.173  2.356   1.000 20.560 ? 56  PRO AAA CD  1 ? 
ATOM   126  N  N   . LYS A 1 18  ? 4.807   18.437  1.059   1.000 19.102 ? 57  LYS AAA N   1 ? 
ATOM   127  C  CA  . LYS A 1 18  ? 3.499   17.903  0.714   1.000 19.780 ? 57  LYS AAA CA  1 ? 
ATOM   128  C  C   . LYS A 1 18  ? 2.733   18.905  -0.169  1.000 18.806 ? 57  LYS AAA C   1 ? 
ATOM   129  O  O   . LYS A 1 18  ? 2.903   20.122  -0.089  1.000 18.389 ? 57  LYS AAA O   1 ? 
ATOM   130  C  CB  . LYS A 1 18  ? 2.699   17.602  2.017   1.000 28.664 ? 57  LYS AAA CB  1 ? 
ATOM   131  C  CG  . LYS A 1 18  ? 3.346   16.751  3.144   1.000 27.533 ? 57  LYS AAA CG  1 ? 
ATOM   132  C  CD  . LYS A 1 18  ? 2.846   16.875  4.620   1.000 23.653 ? 57  LYS AAA CD  1 ? 
ATOM   133  C  CE  . LYS A 1 18  ? 3.846   17.037  5.772   1.000 14.007 ? 57  LYS AAA CE  1 ? 
ATOM   134  N  NZ  . LYS A 1 18  ? 3.279   16.436  6.991   1.000 35.875 ? 57  LYS AAA NZ  1 ? 
ATOM   135  N  N   . ARG A 1 19  ? 1.857   18.371  -1.009  1.000 17.154 ? 58  ARG AAA N   1 ? 
ATOM   136  C  CA  . ARG A 1 19  ? 1.107   19.197  -1.935  1.000 17.034 ? 58  ARG AAA CA  1 ? 
ATOM   137  C  C   . ARG A 1 19  ? -0.089  18.353  -2.329  1.000 17.810 ? 58  ARG AAA C   1 ? 
ATOM   138  O  O   . ARG A 1 19  ? 0.026   17.144  -2.334  1.000 20.655 ? 58  ARG AAA O   1 ? 
ATOM   139  C  CB  . ARG A 1 19  ? 2.099   19.545  -3.065  1.000 21.510 ? 58  ARG AAA CB  1 ? 
ATOM   140  C  CG  . ARG A 1 19  ? 1.581   20.028  -4.404  1.000 24.920 ? 58  ARG AAA CG  1 ? 
ATOM   141  C  CD  . ARG A 1 19  ? 2.901   20.057  -5.163  1.000 17.087 ? 58  ARG AAA CD  1 ? 
ATOM   142  N  NE  . ARG A 1 19  ? 3.345   18.813  -5.787  1.000 15.791 ? 58  ARG AAA NE  1 ? 
ATOM   143  C  CZ  . ARG A 1 19  ? 3.756   18.686  -7.015  1.000 16.063 ? 58  ARG AAA CZ  1 ? 
ATOM   144  N  NH1 . ARG A 1 19  ? 3.907   19.742  -7.802  1.000 18.656 ? 58  ARG AAA NH1 1 ? 
ATOM   145  N  NH2 . ARG A 1 19  ? 4.036   17.480  -7.486  1.000 18.921 ? 58  ARG AAA NH2 1 ? 
ATOM   146  N  N   . GLN A 1 20  ? -1.197  18.997  -2.655  1.000 18.096 ? 59  GLN AAA N   1 ? 
ATOM   147  C  CA  . GLN A 1 20  ? -2.285  18.315  -3.330  1.000 20.028 ? 59  GLN AAA CA  1 ? 
ATOM   148  C  C   . GLN A 1 20  ? -2.043  18.418  -4.835  1.000 21.562 ? 59  GLN AAA C   1 ? 
ATOM   149  O  O   . GLN A 1 20  ? -1.628  19.489  -5.303  1.000 23.575 ? 59  GLN AAA O   1 ? 
ATOM   150  C  CB  . GLN A 1 20  ? -3.605  18.954  -2.911  1.000 24.325 ? 59  GLN AAA CB  1 ? 
ATOM   151  C  CG  . GLN A 1 20  ? -4.806  18.028  -3.075  1.000 33.225 ? 59  GLN AAA CG  1 ? 
ATOM   152  C  CD  . GLN A 1 20  ? -4.482  16.623  -2.619  1.000 34.742 ? 59  GLN AAA CD  1 ? 
ATOM   153  O  OE1 . GLN A 1 20  ? -4.173  15.728  -3.428  1.000 28.670 ? 59  GLN AAA OE1 1 ? 
ATOM   154  N  NE2 . GLN A 1 20  ? -4.464  16.439  -1.305  1.000 34.291 ? 59  GLN AAA NE2 1 ? 
ATOM   155  N  N   . THR A 1 21  ? -2.218  17.312  -5.590  1.000 17.707 ? 60  THR AAA N   1 ? 
ATOM   156  C  CA  . THR A 1 21  ? -2.244  17.390  -7.052  1.000 15.155 ? 60  THR AAA CA  1 ? 
ATOM   157  C  C   . THR A 1 21  ? -3.520  16.669  -7.520  1.000 15.142 ? 60  THR AAA C   1 ? 
ATOM   158  O  O   . THR A 1 21  ? -4.094  15.824  -6.802  1.000 15.059 ? 60  THR AAA O   1 ? 
ATOM   159  C  CB  . THR A 1 21  ? -0.958  16.869  -7.714  1.000 14.936 ? 60  THR AAA CB  1 ? 
ATOM   160  O  OG1 . THR A 1 21  ? -0.980  15.424  -7.655  1.000 15.798 ? 60  THR AAA OG1 1 ? 
ATOM   161  C  CG2 . THR A 1 21  ? 0.338   17.384  -7.090  1.000 16.127 ? 60  THR AAA CG2 1 ? 
ATOM   162  N  N   . ASN A 1 22  ? -3.947  16.968  -8.770  1.000 14.363 ? 61  ASN AAA N   1 ? 
ATOM   163  C  CA  . ASN A 1 22  ? -5.075  16.246  -9.353  1.000 14.517 ? 61  ASN AAA CA  1 ? 
ATOM   164  C  C   . ASN A 1 22  ? -4.759  14.738  -9.438  1.000 13.038 ? 61  ASN AAA C   1 ? 
ATOM   165  O  O   . ASN A 1 22  ? -5.669  13.915  -9.318  1.000 13.978 ? 61  ASN AAA O   1 ? 
ATOM   166  C  CB  . ASN A 1 22  ? -5.530  16.807  -10.711 1.000 14.811 ? 61  ASN AAA CB  1 ? 
ATOM   167  C  CG  . ASN A 1 22  ? -4.487  16.622  -11.795 1.000 15.804 ? 61  ASN AAA CG  1 ? 
ATOM   168  O  OD1 . ASN A 1 22  ? -3.320  16.965  -11.673 1.000 18.060 ? 61  ASN AAA OD1 1 ? 
ATOM   169  N  ND2 . ASN A 1 22  ? -4.906  16.021  -12.893 1.000 17.179 ? 61  ASN AAA ND2 1 ? 
ATOM   170  N  N   . GLN A 1 23  ? -3.479  14.401  -9.670  1.000 12.576 ? 62  GLN AAA N   1 ? 
ATOM   171  C  CA  . GLN A 1 23  ? -3.147  12.977  -9.701  1.000 12.079 ? 62  GLN AAA CA  1 ? 
ATOM   172  C  C   . GLN A 1 23  ? -3.281  12.295  -8.343  1.000 11.722 ? 62  GLN AAA C   1 ? 
ATOM   173  O  O   . GLN A 1 23  ? -3.800  11.185  -8.272  1.000 12.224 ? 62  GLN AAA O   1 ? 
ATOM   174  C  CB  . GLN A 1 23  ? -1.729  12.803  -10.230 1.000 12.810 ? 62  GLN AAA CB  1 ? 
ATOM   175  C  CG  . GLN A 1 23  ? -1.547  13.294  -11.678 1.000 13.849 ? 62  GLN AAA CG  1 ? 
ATOM   176  C  CD  . GLN A 1 23  ? -0.161  12.962  -12.173 1.000 14.503 ? 62  GLN AAA CD  1 ? 
ATOM   177  O  OE1 . GLN A 1 23  ? 0.826   13.032  -11.436 1.000 15.927 ? 62  GLN AAA OE1 1 ? 
ATOM   178  N  NE2 . GLN A 1 23  ? -0.046  12.751  -13.480 1.000 15.226 ? 62  GLN AAA NE2 1 ? 
ATOM   179  N  N   . LEU A 1 24  ? -2.869  13.001  -7.283  1.000 11.594 ? 63  LEU AAA N   1 ? 
ATOM   180  C  CA  . LEU A 1 24  ? -3.041  12.449  -5.942  1.000 12.171 ? 63  LEU AAA CA  1 ? 
ATOM   181  C  C   . LEU A 1 24  ? -4.517  12.336  -5.585  1.000 12.300 ? 63  LEU AAA C   1 ? 
ATOM   182  O  O   . LEU A 1 24  ? -4.919  11.364  -4.920  1.000 13.437 ? 63  LEU AAA O   1 ? 
ATOM   183  C  CB  . LEU A 1 24  ? -2.266  13.258  -4.908  1.000 12.914 ? 63  LEU AAA CB  1 ? 
ATOM   184  C  CG  . LEU A 1 24  ? -0.761  12.973  -4.902  1.000 12.508 ? 63  LEU AAA CG  1 ? 
ATOM   185  C  CD1 . LEU A 1 24  ? 0.006   14.120  -4.224  1.000 14.496 ? 63  LEU AAA CD1 1 ? 
ATOM   186  C  CD2 . LEU A 1 24  ? -0.492  11.635  -4.222  1.000 13.346 ? 63  LEU AAA CD2 1 ? 
ATOM   187  N  N   . GLN A 1 25  ? -5.342  13.323  -5.996  1.000 13.363 ? 64  GLN AAA N   1 ? 
ATOM   188  C  CA  . GLN A 1 25  ? -6.777  13.220  -5.760  1.000 15.644 ? 64  GLN AAA CA  1 ? 
ATOM   189  C  C   . GLN A 1 25  ? -7.359  11.981  -6.454  1.000 14.828 ? 64  GLN AAA C   1 ? 
ATOM   190  O  O   . GLN A 1 25  ? -8.204  11.282  -5.891  1.000 15.099 ? 64  GLN AAA O   1 ? 
ATOM   191  C  CB  . GLN A 1 25  ? -7.420  14.512  -6.270  1.000 16.219 ? 64  GLN AAA CB  1 ? 
ATOM   192  C  CG  . GLN A 1 25  ? -7.205  15.675  -5.299  1.000 23.285 ? 64  GLN AAA CG  1 ? 
ATOM   193  C  CD  . GLN A 1 25  ? -7.612  17.016  -5.859  0.500 22.355 ? 64  GLN AAA CD  1 ? 
ATOM   194  O  OE1 . GLN A 1 25  ? -7.551  17.268  -7.063  0.500 25.803 ? 64  GLN AAA OE1 1 ? 
ATOM   195  N  NE2 . GLN A 1 25  ? -8.026  17.897  -4.966  0.500 25.300 ? 64  GLN AAA NE2 1 ? 
ATOM   196  N  N   . TYR A 1 26  ? -6.909  11.716  -7.696  1.000 13.933 ? 65  TYR AAA N   1 ? 
ATOM   197  C  CA  . TYR A 1 26  ? -7.325  10.510  -8.411  1.000 14.648 ? 65  TYR AAA CA  1 ? 
ATOM   198  C  C   . TYR A 1 26  ? -6.891  9.250   -7.673  1.000 13.320 ? 65  TYR AAA C   1 ? 
ATOM   199  O  O   . TYR A 1 26  ? -7.611  8.255   -7.614  1.000 13.874 ? 65  TYR AAA O   1 ? 
ATOM   200  C  CB  . TYR A 1 26  ? -6.731  10.555  -9.817  1.000 14.309 ? 65  TYR AAA CB  1 ? 
ATOM   201  C  CG  . TYR A 1 26  ? -6.982  9.352   -10.719 1.000 14.408 ? 65  TYR AAA CG  1 ? 
ATOM   202  C  CD1 . TYR A 1 26  ? -8.126  9.249   -11.518 1.000 16.765 ? 65  TYR AAA CD1 1 ? 
ATOM   203  C  CD2 . TYR A 1 26  ? -6.083  8.284   -10.756 1.000 14.280 ? 65  TYR AAA CD2 1 ? 
ATOM   204  C  CE1 . TYR A 1 26  ? -8.289  8.162   -12.370 1.000 15.058 ? 65  TYR AAA CE1 1 ? 
ATOM   205  C  CE2 . TYR A 1 26  ? -6.244  7.188   -11.592 1.000 14.899 ? 65  TYR AAA CE2 1 ? 
ATOM   206  C  CZ  . TYR A 1 26  ? -7.387  7.114   -12.386 1.000 14.238 ? 65  TYR AAA CZ  1 ? 
ATOM   207  O  OH  . TYR A 1 26  ? -7.525  6.062   -13.253 1.000 13.976 ? 65  TYR AAA OH  1 ? 
ATOM   208  N  N   . LEU A 1 27  ? -5.657  9.240   -7.169  1.000 12.626 ? 66  LEU AAA N   1 ? 
ATOM   209  C  CA  . LEU A 1 27  ? -5.203  8.082   -6.415  1.000 12.785 ? 66  LEU AAA CA  1 ? 
ATOM   210  C  C   . LEU A 1 27  ? -6.092  7.782   -5.214  1.000 13.164 ? 66  LEU AAA C   1 ? 
ATOM   211  O  O   . LEU A 1 27  ? -6.281  6.606   -4.902  1.000 14.543 ? 66  LEU AAA O   1 ? 
ATOM   212  C  CB  . LEU A 1 27  ? -3.735  8.283   -6.067  1.000 12.025 ? 66  LEU AAA CB  1 ? 
ATOM   213  C  CG  . LEU A 1 27  ? -2.759  7.997   -7.215  1.000 13.200 ? 66  LEU AAA CG  1 ? 
ATOM   214  C  CD1 . LEU A 1 27  ? -1.428  8.693   -6.991  1.000 14.763 ? 66  LEU AAA CD1 1 ? 
ATOM   215  C  CD2 . LEU A 1 27  ? -2.492  6.500   -7.295  1.000 16.424 ? 66  LEU AAA CD2 1 ? 
ATOM   216  N  N   . LEU A 1 28  ? -6.641  8.795   -4.538  1.000 12.691 ? 67  LEU AAA N   1 ? 
ATOM   217  C  CA  . LEU A 1 28  ? -7.562  8.589   -3.417  1.000 13.863 ? 67  LEU AAA CA  1 ? 
ATOM   218  C  C   . LEU A 1 28  ? -8.957  8.183   -3.917  1.000 14.820 ? 67  LEU AAA C   1 ? 
ATOM   219  O  O   . LEU A 1 28  ? -9.531  7.170   -3.497  1.000 16.886 ? 67  LEU AAA O   1 ? 
ATOM   220  C  CB  . LEU A 1 28  ? -7.611  9.816   -2.513  1.000 15.129 ? 67  LEU AAA CB  1 ? 
ATOM   221  C  CG  . LEU A 1 28  ? -8.570  9.658   -1.314  1.000 16.633 ? 67  LEU AAA CG  1 ? 
ATOM   222  C  CD1 . LEU A 1 28  ? -8.261  8.447   -0.454  1.000 17.788 ? 67  LEU AAA CD1 1 ? 
ATOM   223  C  CD2 . LEU A 1 28  ? -8.489  10.912  -0.460  1.000 18.822 ? 67  LEU AAA CD2 1 ? 
ATOM   224  N  N   . ARG A 1 29  ? -9.518  9.053   -4.751  1.000 14.733 ? 68  ARG AAA N   1 ? 
ATOM   225  C  CA  . ARG A 1 29  ? -10.935 8.936   -5.127  1.000 16.817 ? 68  ARG AAA CA  1 ? 
ATOM   226  C  C   . ARG A 1 29  ? -11.224 7.793   -6.093  1.000 17.627 ? 68  ARG AAA C   1 ? 
ATOM   227  O  O   . ARG A 1 29  ? -12.333 7.222   -6.036  1.000 20.228 ? 68  ARG AAA O   1 ? 
ATOM   228  C  CB  . ARG A 1 29  ? -11.410 10.271  -5.713  1.000 20.988 ? 68  ARG AAA CB  1 ? 
ATOM   229  C  CG  . ARG A 1 29  ? -11.337 11.434  -4.730  1.000 22.425 ? 68  ARG AAA CG  1 ? 
ATOM   230  C  CD  . ARG A 1 29  ? -11.868 12.728  -5.345  1.000 28.332 ? 68  ARG AAA CD  1 ? 
ATOM   231  N  NE  . ARG A 1 29  ? -11.381 13.949  -4.695  0.500 27.737 ? 68  ARG AAA NE  1 ? 
ATOM   232  C  CZ  . ARG A 1 29  ? -11.136 15.130  -5.272  0.500 27.645 ? 68  ARG AAA CZ  1 ? 
ATOM   233  N  NH1 . ARG A 1 29  ? -11.331 15.319  -6.564  0.500 31.290 ? 68  ARG AAA NH1 1 ? 
ATOM   234  N  NH2 . ARG A 1 29  ? -10.703 16.139  -4.539  0.500 31.511 ? 68  ARG AAA NH2 1 ? 
ATOM   235  N  N   . VAL A 1 30  ? -10.250 7.386   -6.910  1.000 15.766 ? 69  VAL AAA N   1 ? 
ATOM   236  C  CA  . VAL A 1 30  ? -10.458 6.316   -7.888  1.000 16.199 ? 69  VAL AAA CA  1 ? 
ATOM   237  C  C   . VAL A 1 30  ? -9.667  5.078   -7.464  1.000 17.385 ? 69  VAL AAA C   1 ? 
ATOM   238  O  O   . VAL A 1 30  ? -10.204 3.970   -7.322  1.000 18.064 ? 69  VAL AAA O   1 ? 
ATOM   239  C  CB  . VAL A 1 30  ? -10.105 6.735   -9.338  1.000 16.222 ? 69  VAL AAA CB  1 ? 
ATOM   240  C  CG1 . VAL A 1 30  ? -10.250 5.585   -10.317 1.000 18.010 ? 69  VAL AAA CG1 1 ? 
ATOM   241  C  CG2 . VAL A 1 30  ? -10.995 7.883   -9.806  1.000 16.771 ? 69  VAL AAA CG2 1 ? 
ATOM   242  N  N   . VAL A 1 31  ? -8.349  5.219   -7.305  1.000 15.071 ? 70  VAL AAA N   1 ? 
ATOM   243  C  CA  . VAL A 1 31  ? -7.497  4.053   -7.177  1.000 14.052 ? 70  VAL AAA CA  1 ? 
ATOM   244  C  C   . VAL A 1 31  ? -7.701  3.375   -5.816  1.000 13.854 ? 70  VAL AAA C   1 ? 
ATOM   245  O  O   . VAL A 1 31  ? -8.034  2.166   -5.744  1.000 15.647 ? 70  VAL AAA O   1 ? 
ATOM   246  C  CB  . VAL A 1 31  ? -6.016  4.353   -7.439  1.000 13.486 ? 70  VAL AAA CB  1 ? 
ATOM   247  C  CG1 . VAL A 1 31  ? -5.158  3.086   -7.302  1.000 15.757 ? 70  VAL AAA CG1 1 ? 
ATOM   248  C  CG2 . VAL A 1 31  ? -5.842  4.969   -8.830  1.000 15.291 ? 70  VAL AAA CG2 1 ? 
ATOM   249  N  N   . LEU A 1 32  ? -7.488  4.117   -4.729  1.000 14.482 ? 71  LEU AAA N   1 ? 
ATOM   250  C  CA  . LEU A 1 32  ? -7.632  3.553   -3.395  1.000 15.400 ? 71  LEU AAA CA  1 ? 
ATOM   251  C  C   . LEU A 1 32  ? -9.059  3.051   -3.210  1.000 16.955 ? 71  LEU AAA C   1 ? 
ATOM   252  O  O   . LEU A 1 32  ? -9.261  1.920   -2.724  1.000 16.498 ? 71  LEU AAA O   1 ? 
ATOM   253  C  CB  . LEU A 1 32  ? -7.243  4.572   -2.332  1.000 16.446 ? 71  LEU AAA CB  1 ? 
ATOM   254  C  CG  . LEU A 1 32  ? -7.349  3.952   -0.935  1.000 19.849 ? 71  LEU AAA CG  1 ? 
ATOM   255  C  CD1 . LEU A 1 32  ? -6.227  2.958   -0.656  1.000 18.003 ? 71  LEU AAA CD1 1 ? 
ATOM   256  C  CD2 . LEU A 1 32  ? -7.554  4.980   0.153   1.000 22.565 ? 71  LEU AAA CD2 1 ? 
ATOM   257  N  N   . LYS A 1 33  ? -10.039 3.843   -3.634  1.000 17.457 ? 72  LYS AAA N   1 ? 
ATOM   258  C  CA  . LYS A 1 33  ? -11.444 3.471   -3.470  1.000 19.605 ? 72  LYS AAA CA  1 ? 
ATOM   259  C  C   . LYS A 1 33  ? -11.736 2.129   -4.146  1.000 19.037 ? 72  LYS AAA C   1 ? 
ATOM   260  O  O   . LYS A 1 33  ? -12.424 1.295   -3.518  1.000 23.244 ? 72  LYS AAA O   1 ? 
ATOM   261  C  CB  . LYS A 1 33  ? -12.376 4.558   -4.034  1.000 21.209 ? 72  LYS AAA CB  1 ? 
ATOM   262  C  CG  . LYS A 1 33  ? -13.862 4.195   -3.972  0.500 21.060 ? 72  LYS AAA CG  1 ? 
ATOM   263  C  CD  . LYS A 1 33  ? -14.796 5.122   -4.761  0.500 22.326 ? 72  LYS AAA CD  1 ? 
ATOM   264  C  CE  . LYS A 1 33  ? -14.855 4.841   -6.249  0.500 25.934 ? 72  LYS AAA CE  1 ? 
ATOM   265  N  NZ  . LYS A 1 33  ? -15.504 3.536   -6.540  0.500 25.053 ? 72  LYS AAA NZ  1 ? 
ATOM   266  N  N   . THR A 1 34  ? -11.262 1.929   -5.380  1.000 17.247 ? 73  THR AAA N   1 ? 
ATOM   267  C  CA  . THR A 1 34  ? -11.478 0.733   -6.203  1.000 19.295 ? 73  THR AAA CA  1 ? 
ATOM   268  C  C   . THR A 1 34  ? -10.852 -0.463  -5.463  1.000 18.037 ? 73  THR AAA C   1 ? 
ATOM   269  O  O   . THR A 1 34  ? -11.420 -1.546  -5.329  1.000 19.329 ? 73  THR AAA O   1 ? 
ATOM   270  C  CB  . THR A 1 34  ? -10.909 0.880   -7.635  1.000 21.788 ? 73  THR AAA CB  1 ? 
ATOM   271  O  OG1 . THR A 1 34  ? -11.708 1.834   -8.335  1.000 24.818 ? 73  THR AAA OG1 1 ? 
ATOM   272  C  CG2 . THR A 1 34  ? -10.944 -0.398  -8.463  1.000 25.117 ? 73  THR AAA CG2 1 ? 
ATOM   273  N  N   . LEU A 1 35  ? -9.589  -0.319  -5.032  1.000 15.199 ? 74  LEU AAA N   1 ? 
ATOM   274  C  CA  . LEU A 1 35  ? -8.891  -1.455  -4.435  1.000 16.280 ? 74  LEU AAA CA  1 ? 
ATOM   275  C  C   . LEU A 1 35  ? -9.440  -1.786  -3.051  1.000 13.981 ? 74  LEU AAA C   1 ? 
ATOM   276  O  O   . LEU A 1 35  ? -9.509  -2.964  -2.732  1.000 15.609 ? 74  LEU AAA O   1 ? 
ATOM   277  C  CB  . LEU A 1 35  ? -7.380  -1.175  -4.356  1.000 14.600 ? 74  LEU AAA CB  1 ? 
ATOM   278  C  CG  . LEU A 1 35  ? -6.604  -1.648  -5.593  1.000 15.829 ? 74  LEU AAA CG  1 ? 
ATOM   279  C  CD1 . LEU A 1 35  ? -6.938  -0.901  -6.886  1.000 17.481 ? 74  LEU AAA CD1 1 ? 
ATOM   280  C  CD2 . LEU A 1 35  ? -5.081  -1.588  -5.358  1.000 16.015 ? 74  LEU AAA CD2 1 ? 
ATOM   281  N  N   . TRP A 1 36  ? -9.848  -0.791  -2.270  1.000 15.368 ? 75  TRP AAA N   1 ? 
ATOM   282  C  CA  . TRP A 1 36  ? -10.212 -0.996  -0.882  1.000 16.135 ? 75  TRP AAA CA  1 ? 
ATOM   283  C  C   . TRP A 1 36  ? -11.448 -1.881  -0.797  1.000 16.473 ? 75  TRP AAA C   1 ? 
ATOM   284  O  O   . TRP A 1 36  ? -11.537 -2.670  0.153   1.000 16.962 ? 75  TRP AAA O   1 ? 
ATOM   285  C  CB  . TRP A 1 36  ? -10.535 0.323   -0.209  1.000 16.081 ? 75  TRP AAA CB  1 ? 
ATOM   286  C  CG  . TRP A 1 36  ? -10.664 0.246   1.271   1.000 16.199 ? 75  TRP AAA CG  1 ? 
ATOM   287  C  CD1 . TRP A 1 36  ? -11.819 0.057   1.979   1.000 18.139 ? 75  TRP AAA CD1 1 ? 
ATOM   288  C  CD2 . TRP A 1 36  ? -9.604  0.339   2.244   1.000 14.672 ? 75  TRP AAA CD2 1 ? 
ATOM   289  N  NE1 . TRP A 1 36  ? -11.538 0.044   3.317   1.000 18.613 ? 75  TRP AAA NE1 1 ? 
ATOM   290  C  CE2 . TRP A 1 36  ? -10.190 0.274   3.516   1.000 15.817 ? 75  TRP AAA CE2 1 ? 
ATOM   291  C  CE3 . TRP A 1 36  ? -8.222  0.541   2.164   1.000 15.433 ? 75  TRP AAA CE3 1 ? 
ATOM   292  C  CZ2 . TRP A 1 36  ? -9.463  0.321   4.695   1.000 15.414 ? 75  TRP AAA CZ2 1 ? 
ATOM   293  C  CZ3 . TRP A 1 36  ? -7.479  0.590   3.329   1.000 15.845 ? 75  TRP AAA CZ3 1 ? 
ATOM   294  C  CH2 . TRP A 1 36  ? -8.093  0.487   4.589   1.000 14.609 ? 75  TRP AAA CH2 1 ? 
ATOM   295  N  N   . LYS A 1 37  ? -12.365 -1.779  -1.777  1.000 17.145 ? 76  LYS AAA N   1 ? 
ATOM   296  C  CA  . LYS A 1 37  ? -13.646 -2.486  -1.641  1.000 16.618 ? 76  LYS AAA CA  1 ? 
ATOM   297  C  C   . LYS A 1 37  ? -13.580 -3.832  -2.357  1.000 19.665 ? 76  LYS AAA C   1 ? 
ATOM   298  O  O   . LYS A 1 37  ? -14.556 -4.604  -2.353  1.000 20.297 ? 76  LYS AAA O   1 ? 
ATOM   299  C  CB  . LYS A 1 37  ? -14.777 -1.610  -2.193  1.000 20.926 ? 76  LYS AAA CB  1 ? 
ATOM   300  C  CG  . LYS A 1 37  ? -14.698 -1.249  -3.666  1.000 24.097 ? 76  LYS AAA CG  1 ? 
ATOM   301  C  CD  . LYS A 1 37  ? -15.979 -0.433  -3.984  1.000 26.977 ? 76  LYS AAA CD  1 ? 
ATOM   302  C  CE  . LYS A 1 37  ? -15.983 0.307   -5.301  1.000 35.179 ? 76  LYS AAA CE  1 ? 
ATOM   303  N  NZ  . LYS A 1 37  ? -15.974 -0.613  -6.457  1.000 36.979 ? 76  LYS AAA NZ  1 ? 
ATOM   304  N  N   . HIS A 1 38  ? -12.444 -4.199  -2.951  1.000 17.627 ? 77  HIS AAA N   1 ? 
ATOM   305  C  CA  . HIS A 1 38  ? -12.329 -5.505  -3.578  1.000 17.609 ? 77  HIS AAA CA  1 ? 
ATOM   306  C  C   . HIS A 1 38  ? -12.459 -6.632  -2.549  1.000 16.518 ? 77  HIS AAA C   1 ? 
ATOM   307  O  O   . HIS A 1 38  ? -12.048 -6.480  -1.427  1.000 16.371 ? 77  HIS AAA O   1 ? 
ATOM   308  C  CB  . HIS A 1 38  ? -10.979 -5.604  -4.278  1.000 16.938 ? 77  HIS AAA CB  1 ? 
ATOM   309  C  CG  . HIS A 1 38  ? -10.896 -6.760  -5.208  1.000 18.089 ? 77  HIS AAA CG  1 ? 
ATOM   310  N  ND1 . HIS A 1 38  ? -10.625 -8.051  -4.769  1.000 16.148 ? 77  HIS AAA ND1 1 ? 
ATOM   311  C  CD2 . HIS A 1 38  ? -11.032 -6.865  -6.554  1.000 19.925 ? 77  HIS AAA CD2 1 ? 
ATOM   312  C  CE1 . HIS A 1 38  ? -10.660 -8.886  -5.781  1.000 17.552 ? 77  HIS AAA CE1 1 ? 
ATOM   313  N  NE2 . HIS A 1 38  ? -10.883 -8.163  -6.898  1.000 20.829 ? 77  HIS AAA NE2 1 ? 
ATOM   314  N  N   . GLN A 1 39  ? -13.086 -7.768  -2.963  1.000 16.044 ? 78  GLN AAA N   1 ? 
ATOM   315  C  CA  . GLN A 1 39  ? -13.288 -8.921  -2.084  1.000 16.717 ? 78  GLN AAA CA  1 ? 
ATOM   316  C  C   . GLN A 1 39  ? -11.979 -9.325  -1.392  1.000 14.185 ? 78  GLN AAA C   1 ? 
ATOM   317  O  O   . GLN A 1 39  ? -11.986 -9.779  -0.262  1.000 14.949 ? 78  GLN AAA O   1 ? 
ATOM   318  C  CB  . GLN A 1 39  ? -13.858 -10.145 -2.825  1.000 18.097 ? 78  GLN AAA CB  1 ? 
ATOM   319  C  CG  . GLN A 1 39  ? -14.170 -11.347 -1.924  1.000 23.077 ? 78  GLN AAA CG  1 ? 
ATOM   320  C  CD  . GLN A 1 39  ? -14.848 -12.478 -2.662  1.000 24.154 ? 78  GLN AAA CD  1 ? 
ATOM   321  O  OE1 . GLN A 1 39  ? -15.890 -13.015 -2.223  1.000 29.618 ? 78  GLN AAA OE1 1 ? 
ATOM   322  N  NE2 . GLN A 1 39  ? -14.255 -12.867 -3.779  1.000 19.018 ? 78  GLN AAA NE2 1 ? 
ATOM   323  N  N   . PHE A 1 40  ? -10.851 -9.192  -2.118  1.000 14.113 ? 79  PHE AAA N   1 ? 
ATOM   324  C  CA  . PHE A 1 40  ? -9.559  -9.687  -1.643  1.000 13.712 ? 79  PHE AAA CA  1 ? 
ATOM   325  C  C   . PHE A 1 40  ? -8.723  -8.595  -0.952  1.000 13.105 ? 79  PHE AAA C   1 ? 
ATOM   326  O  O   . PHE A 1 40  ? -7.516  -8.848  -0.682  1.000 13.438 ? 79  PHE AAA O   1 ? 
ATOM   327  C  CB  . PHE A 1 40  ? -8.780  -10.293 -2.804  1.000 14.276 ? 79  PHE AAA CB  1 ? 
ATOM   328  C  CG  . PHE A 1 40  ? -9.355  -11.554 -3.375  1.000 13.845 ? 79  PHE AAA CG  1 ? 
ATOM   329  C  CD1 . PHE A 1 40  ? -10.251 -12.365 -2.684  1.000 14.424 ? 79  PHE AAA CD1 1 ? 
ATOM   330  C  CD2 . PHE A 1 40  ? -8.964  -11.967 -4.633  1.000 15.236 ? 79  PHE AAA CD2 1 ? 
ATOM   331  C  CE1 . PHE A 1 40  ? -10.747 -13.539 -3.240  1.000 15.888 ? 79  PHE AAA CE1 1 ? 
ATOM   332  C  CE2 . PHE A 1 40  ? -9.422  -13.168 -5.174  1.000 17.722 ? 79  PHE AAA CE2 1 ? 
ATOM   333  C  CZ  . PHE A 1 40  ? -10.320 -13.951 -4.479  1.000 19.068 ? 79  PHE AAA CZ  1 ? 
ATOM   334  N  N   . ALA A 1 41  ? -9.320  -7.426  -0.625  1.000 13.133 ? 80  ALA AAA N   1 ? 
ATOM   335  C  CA  . ALA A 1 41  ? -8.515  -6.350  -0.055  1.000 13.111 ? 80  ALA AAA CA  1 ? 
ATOM   336  C  C   . ALA A 1 41  ? -8.078  -6.569  1.387   1.000 14.747 ? 80  ALA AAA C   1 ? 
ATOM   337  O  O   . ALA A 1 41  ? -7.096  -5.957  1.830   1.000 13.462 ? 80  ALA AAA O   1 ? 
ATOM   338  C  CB  . ALA A 1 41  ? -9.223  -5.015  -0.136  1.000 14.530 ? 80  ALA AAA CB  1 ? 
ATOM   339  N  N   . TRP A 1 42  ? -8.874  -7.316  2.169   1.000 13.849 ? 81  TRP AAA N   1 ? 
ATOM   340  C  CA  . TRP A 1 42  ? -8.747  -7.241  3.615   1.000 13.057 ? 81  TRP AAA CA  1 ? 
ATOM   341  C  C   . TRP A 1 42  ? -7.330  -7.515  4.132   1.000 13.310 ? 81  TRP AAA C   1 ? 
ATOM   342  O  O   . TRP A 1 42  ? -6.937  -6.843  5.090   1.000 13.689 ? 81  TRP AAA O   1 ? 
ATOM   343  C  CB  . TRP A 1 42  ? -9.840  -8.091  4.344   1.000 14.119 ? 81  TRP AAA CB  1 ? 
ATOM   344  C  CG  . TRP A 1 42  ? -9.754  -9.570  4.149   1.000 15.042 ? 81  TRP AAA CG  1 ? 
ATOM   345  C  CD1 . TRP A 1 42  ? -10.387 -10.324 3.192   1.000 15.951 ? 81  TRP AAA CD1 1 ? 
ATOM   346  C  CD2 . TRP A 1 42  ? -8.899  -10.460 4.868   1.000 17.376 ? 81  TRP AAA CD2 1 ? 
ATOM   347  N  NE1 . TRP A 1 42  ? -9.991  -11.626 3.294   1.000 17.705 ? 81  TRP AAA NE1 1 ? 
ATOM   348  C  CE2 . TRP A 1 42  ? -9.082  -11.743 4.311   1.000 17.692 ? 81  TRP AAA CE2 1 ? 
ATOM   349  C  CE3 . TRP A 1 42  ? -8.003  -10.271 5.926   1.000 18.136 ? 81  TRP AAA CE3 1 ? 
ATOM   350  C  CZ2 . TRP A 1 42  ? -8.419  -12.853 4.834   1.000 20.638 ? 81  TRP AAA CZ2 1 ? 
ATOM   351  C  CZ3 . TRP A 1 42  ? -7.320  -11.373 6.394   1.000 20.687 ? 81  TRP AAA CZ3 1 ? 
ATOM   352  C  CH2 . TRP A 1 42  ? -7.546  -12.642 5.872   1.000 19.534 ? 81  TRP AAA CH2 1 ? 
ATOM   353  N  N   . PRO A 1 43  ? -6.546  -8.471  3.607   1.000 11.561 ? 82  PRO AAA N   1 ? 
ATOM   354  C  CA  . PRO A 1 43  ? -5.194  -8.681  4.126   1.000 11.617 ? 82  PRO AAA CA  1 ? 
ATOM   355  C  C   . PRO A 1 43  ? -4.248  -7.495  3.934   1.000 11.094 ? 82  PRO AAA C   1 ? 
ATOM   356  O  O   . PRO A 1 43  ? -3.162  -7.491  4.529   1.000 12.309 ? 82  PRO AAA O   1 ? 
ATOM   357  C  CB  . PRO A 1 43  ? -4.611  -9.854  3.315   1.000 12.498 ? 82  PRO AAA CB  1 ? 
ATOM   358  C  CG  . PRO A 1 43  ? -5.872  -10.556 2.800   1.000 13.011 ? 82  PRO AAA CG  1 ? 
ATOM   359  C  CD  . PRO A 1 43  ? -6.804  -9.417  2.496   1.000 12.250 ? 82  PRO AAA CD  1 ? 
ATOM   360  N  N   . PHE A 1 44  ? -4.687  -6.523  3.122   1.000 11.554 ? 83  PHE AAA N   1 ? 
ATOM   361  C  CA  . PHE A 1 44  ? -3.823  -5.412  2.713   1.000 11.268 ? 83  PHE AAA CA  1 ? 
ATOM   362  C  C   . PHE A 1 44  ? -4.306  -4.126  3.329   1.000 11.583 ? 83  PHE AAA C   1 ? 
ATOM   363  O  O   . PHE A 1 44  ? -3.754  -3.062  3.003   1.000 12.118 ? 83  PHE AAA O   1 ? 
ATOM   364  C  CB  . PHE A 1 44  ? -3.792  -5.306  1.182   1.000 11.799 ? 83  PHE AAA CB  1 ? 
ATOM   365  C  CG  . PHE A 1 44  ? -3.302  -6.578  0.557   1.000 11.230 ? 83  PHE AAA CG  1 ? 
ATOM   366  C  CD1 . PHE A 1 44  ? -1.938  -6.911  0.534   1.000 11.592 ? 83  PHE AAA CD1 1 ? 
ATOM   367  C  CD2 . PHE A 1 44  ? -4.214  -7.502  0.054   1.000 12.778 ? 83  PHE AAA CD2 1 ? 
ATOM   368  C  CE1 . PHE A 1 44  ? -1.493  -8.130  0.022   1.000 13.575 ? 83  PHE AAA CE1 1 ? 
ATOM   369  C  CE2 . PHE A 1 44  ? -3.764  -8.726  -0.459  1.000 12.237 ? 83  PHE AAA CE2 1 ? 
ATOM   370  C  CZ  . PHE A 1 44  ? -2.429  -9.038  -0.471  1.000 13.073 ? 83  PHE AAA CZ  1 ? 
ATOM   371  N  N   . GLN A 1 45  ? -5.307  -4.167  4.195   1.000 11.801 ? 84  GLN AAA N   1 ? 
ATOM   372  C  CA  . GLN A 1 45  ? -5.912  -2.945  4.700   1.000 11.623 ? 84  GLN AAA CA  1 ? 
ATOM   373  C  C   . GLN A 1 45  ? -5.239  -2.403  5.965   1.000 11.832 ? 84  GLN AAA C   1 ? 
ATOM   374  O  O   . GLN A 1 45  ? -5.662  -1.364  6.492   1.000 12.583 ? 84  GLN AAA O   1 ? 
ATOM   375  C  CB  . GLN A 1 45  ? -7.416  -3.153  4.935   1.000 12.209 ? 84  GLN AAA CB  1 ? 
ATOM   376  C  CG  . GLN A 1 45  ? -8.224  -3.221  3.651   1.000 13.820 ? 84  GLN AAA CG  1 ? 
ATOM   377  C  CD  . GLN A 1 45  ? -9.690  -3.486  3.911   1.000 14.907 ? 84  GLN AAA CD  1 ? 
ATOM   378  O  OE1 . GLN A 1 45  ? -10.041 -4.067  4.929   1.000 16.935 ? 84  GLN AAA OE1 1 ? 
ATOM   379  N  NE2 . GLN A 1 45  ? -10.545 -3.116  2.970   1.000 16.038 ? 84  GLN AAA NE2 1 ? 
ATOM   380  N  N   . GLN A 1 46  ? -4.195  -3.099  6.444   1.000 11.310 ? 85  GLN AAA N   1 ? 
ATOM   381  C  CA  . GLN A 1 46  ? -3.485  -2.682  7.649   1.000 11.844 ? 85  GLN AAA CA  1 ? 
ATOM   382  C  C   . GLN A 1 46  ? -2.111  -3.294  7.621   1.000 11.515 ? 85  GLN AAA C   1 ? 
ATOM   383  O  O   . GLN A 1 46  ? -1.876  -4.270  6.928   1.000 11.849 ? 85  GLN AAA O   1 ? 
ATOM   384  C  CB  . GLN A 1 46  ? -4.244  -3.103  8.928   1.000 13.236 ? 85  GLN AAA CB  1 ? 
ATOM   385  C  CG  . GLN A 1 46  ? -4.468  -4.626  9.059   1.000 13.780 ? 85  GLN AAA CG  1 ? 
ATOM   386  C  CD  . GLN A 1 46  ? -5.506  -5.172  8.090   1.000 13.218 ? 85  GLN AAA CD  1 ? 
ATOM   387  O  OE1 . GLN A 1 46  ? -6.622  -4.671  8.039   1.000 15.348 ? 85  GLN AAA OE1 1 ? 
ATOM   388  N  NE2 . GLN A 1 46  ? -5.134  -6.198  7.332   1.000 14.194 ? 85  GLN AAA NE2 1 ? 
ATOM   389  N  N   . PRO A 1 47  ? -1.149  -2.757  8.404   1.000 11.505 ? 86  PRO AAA N   1 ? 
ATOM   390  C  CA  . PRO A 1 47  ? 0.181   -3.371  8.487   1.000 12.164 ? 86  PRO AAA CA  1 ? 
ATOM   391  C  C   . PRO A 1 47  ? 0.084   -4.851  8.881   1.000 11.919 ? 86  PRO AAA C   1 ? 
ATOM   392  O  O   . PRO A 1 47  ? -0.823  -5.255  9.652   1.000 13.050 ? 86  PRO AAA O   1 ? 
ATOM   393  C  CB  . PRO A 1 47  ? 0.885   -2.552  9.617   1.000 13.299 ? 86  PRO AAA CB  1 ? 
ATOM   394  C  CG  . PRO A 1 47  ? 0.224   -1.208  9.459   1.000 14.739 ? 86  PRO AAA CG  1 ? 
ATOM   395  C  CD  . PRO A 1 47  ? -1.242  -1.502  9.183   1.000 13.572 ? 86  PRO AAA CD  1 ? 
ATOM   396  N  N   . VAL A 1 48  ? 1.014   -5.653  8.345   1.000 11.930 ? 87  VAL AAA N   1 ? 
ATOM   397  C  CA  . VAL A 1 48  ? 1.120   -7.047  8.740   1.000 13.452 ? 87  VAL AAA CA  1 ? 
ATOM   398  C  C   . VAL A 1 48  ? 1.421   -7.128  10.248  1.000 13.813 ? 87  VAL AAA C   1 ? 
ATOM   399  O  O   . VAL A 1 48  ? 2.406   -6.568  10.741  1.000 14.490 ? 87  VAL AAA O   1 ? 
ATOM   400  C  CB  . VAL A 1 48  ? 2.180   -7.768  7.891   1.000 13.860 ? 87  VAL AAA CB  1 ? 
ATOM   401  C  CG1 . VAL A 1 48  ? 2.430   -9.157  8.423   1.000 15.992 ? 87  VAL AAA CG1 1 ? 
ATOM   402  C  CG2 . VAL A 1 48  ? 1.728   -7.876  6.441   1.000 14.815 ? 87  VAL AAA CG2 1 ? 
ATOM   403  N  N   . ASP A 1 49  ? 0.564   -7.844  10.991  1.000 14.101 ? 88  ASP AAA N   1 ? 
ATOM   404  C  CA  . ASP A 1 49  ? 0.803   -8.078  12.419  1.000 13.556 ? 88  ASP AAA CA  1 ? 
ATOM   405  C  C   . ASP A 1 49  ? 1.478   -9.448  12.480  1.000 13.217 ? 88  ASP AAA C   1 ? 
ATOM   406  O  O   . ASP A 1 49  ? 0.818   -10.479 12.398  1.000 13.124 ? 88  ASP AAA O   1 ? 
ATOM   407  C  CB  . ASP A 1 49  ? -0.495  -7.964  13.225  1.000 14.493 ? 88  ASP AAA CB  1 ? 
ATOM   408  C  CG  . ASP A 1 49  ? -0.277  -8.225  14.720  1.000 14.793 ? 88  ASP AAA CG  1 ? 
ATOM   409  O  OD1 . ASP A 1 49  ? 0.749   -8.815  15.075  1.000 14.670 ? 88  ASP AAA OD1 1 ? 
ATOM   410  O  OD2 . ASP A 1 49  ? -1.153  -7.818  15.495  1.000 19.889 ? 88  ASP AAA OD2 1 ? 
ATOM   411  N  N   . ALA A 1 50  ? 2.801   -9.433  12.444  1.000 12.963 ? 89  ALA AAA N   1 ? 
ATOM   412  C  CA  . ALA A 1 50  ? 3.603   -10.647 12.394  1.000 14.053 ? 89  ALA AAA CA  1 ? 
ATOM   413  C  C   . ALA A 1 50  ? 3.431   -11.508 13.654  1.000 14.660 ? 89  ALA AAA C   1 ? 
ATOM   414  O  O   . ALA A 1 50  ? 3.717   -12.711 13.622  1.000 14.204 ? 89  ALA AAA O   1 ? 
ATOM   415  C  CB  . ALA A 1 50  ? 5.063   -10.303 12.159  1.000 16.085 ? 89  ALA AAA CB  1 ? 
ATOM   416  N  N   . VAL A 1 51  ? 3.059   -10.896 14.780  1.000 13.711 ? 90  VAL AAA N   1 ? 
ATOM   417  C  CA  . VAL A 1 51  ? 2.837   -11.678 15.991  1.000 13.932 ? 90  VAL AAA CA  1 ? 
ATOM   418  C  C   . VAL A 1 51  ? 1.542   -12.469 15.851  1.000 15.296 ? 90  VAL AAA C   1 ? 
ATOM   419  O  O   . VAL A 1 51  ? 1.526   -13.671 16.044  1.000 14.781 ? 90  VAL AAA O   1 ? 
ATOM   420  C  CB  . VAL A 1 51  ? 2.808   -10.752 17.235  1.000 14.554 ? 90  VAL AAA CB  1 ? 
ATOM   421  C  CG1 . VAL A 1 51  ? 2.540   -11.537 18.522  1.000 18.056 ? 90  VAL AAA CG1 1 ? 
ATOM   422  C  CG2 . VAL A 1 51  ? 4.096   -9.973  17.350  1.000 16.354 ? 90  VAL AAA CG2 1 ? 
ATOM   423  N  N   . LYS A 1 52  ? 0.456   -11.780 15.496  1.000 14.027 ? 91  LYS AAA N   1 ? 
ATOM   424  C  CA  . LYS A 1 52  ? -0.844  -12.422 15.357  1.000 15.712 ? 91  LYS AAA CA  1 ? 
ATOM   425  C  C   . LYS A 1 52  ? -0.765  -13.551 14.321  1.000 15.677 ? 91  LYS AAA C   1 ? 
ATOM   426  O  O   . LYS A 1 52  ? -1.371  -14.618 14.530  1.000 15.974 ? 91  LYS AAA O   1 ? 
ATOM   427  C  CB  . LYS A 1 52  ? -1.856  -11.359 14.935  1.000 19.650 ? 91  LYS AAA CB  1 ? 
ATOM   428  C  CG  . LYS A 1 52  ? -3.237  -11.881 14.586  1.000 27.337 ? 91  LYS AAA CG  1 ? 
ATOM   429  C  CD  . LYS A 1 52  ? -4.030  -10.855 13.780  1.000 33.747 ? 91  LYS AAA CD  1 ? 
ATOM   430  C  CE  . LYS A 1 52  ? -4.226  -9.573  14.560  1.000 38.509 ? 91  LYS AAA CE  1 ? 
ATOM   431  N  NZ  . LYS A 1 52  ? -5.071  -8.616  13.807  1.000 43.798 ? 91  LYS AAA NZ  1 ? 
ATOM   432  N  N   . LEU A 1 53  ? -0.061  -13.333 13.213  1.000 14.874 ? 92  LEU AAA N   1 ? 
ATOM   433  C  CA  . LEU A 1 53  ? 0.066   -14.286 12.113  1.000 16.370 ? 92  LEU AAA CA  1 ? 
ATOM   434  C  C   . LEU A 1 53  ? 1.112   -15.375 12.339  1.000 17.527 ? 92  LEU AAA C   1 ? 
ATOM   435  O  O   . LEU A 1 53  ? 1.297   -16.240 11.483  1.000 18.089 ? 92  LEU AAA O   1 ? 
ATOM   436  C  CB  . LEU A 1 53  ? 0.286   -13.504 10.813  1.000 17.313 ? 92  LEU AAA CB  1 ? 
ATOM   437  C  CG  . LEU A 1 53  ? -0.912  -12.664 10.373  1.000 17.738 ? 92  LEU AAA CG  1 ? 
ATOM   438  C  CD1 . LEU A 1 53  ? -0.583  -11.702 9.237   1.000 21.194 ? 92  LEU AAA CD1 1 ? 
ATOM   439  C  CD2 . LEU A 1 53  ? -2.117  -13.511 10.055  1.000 21.441 ? 92  LEU AAA CD2 1 ? 
ATOM   440  N  N   . ASN A 1 54  ? 1.824   -15.293 13.458  1.000 15.594 ? 93  ASN AAA N   1 ? 
ATOM   441  C  CA  . ASN A 1 54  ? 2.929   -16.199 13.759  1.000 16.167 ? 93  ASN AAA CA  1 ? 
ATOM   442  C  C   . ASN A 1 54  ? 3.937   -16.255 12.623  1.000 17.514 ? 93  ASN AAA C   1 ? 
ATOM   443  O  O   . ASN A 1 54  ? 4.296   -17.342 12.131  1.000 19.094 ? 93  ASN AAA O   1 ? 
ATOM   444  C  CB  . ASN A 1 54  ? 2.417   -17.594 14.135  1.000 19.813 ? 93  ASN AAA CB  1 ? 
ATOM   445  C  CG  . ASN A 1 54  ? 3.558   -18.516 14.518  1.000 23.775 ? 93  ASN AAA CG  1 ? 
ATOM   446  O  OD1 . ASN A 1 54  ? 4.581   -18.091 15.097  1.000 25.017 ? 93  ASN AAA OD1 1 ? 
ATOM   447  N  ND2 . ASN A 1 54  ? 3.381   -19.796 14.231  1.000 28.310 ? 93  ASN AAA ND2 1 ? 
ATOM   448  N  N   . LEU A 1 55  ? 4.389   -15.068 12.187  1.000 14.654 ? 94  LEU AAA N   1 ? 
ATOM   449  C  CA  . LEU A 1 55  ? 5.389   -14.963 11.128  1.000 14.835 ? 94  LEU AAA CA  1 ? 
ATOM   450  C  C   . LEU A 1 55  ? 6.573   -14.205 11.715  1.000 16.008 ? 94  LEU AAA C   1 ? 
ATOM   451  O  O   . LEU A 1 55  ? 6.807   -13.065 11.355  1.000 14.550 ? 94  LEU AAA O   1 ? 
ATOM   452  C  CB  . LEU A 1 55  ? 4.819   -14.168 9.945   1.000 15.909 ? 94  LEU AAA CB  1 ? 
ATOM   453  C  CG  . LEU A 1 55  ? 3.547   -14.744 9.313   1.000 18.214 ? 94  LEU AAA CG  1 ? 
ATOM   454  C  CD1 . LEU A 1 55  ? 3.024   -13.767 8.248   1.000 19.989 ? 94  LEU AAA CD1 1 ? 
ATOM   455  C  CD2 . LEU A 1 55  ? 3.782   -16.114 8.743   1.000 21.796 ? 94  LEU AAA CD2 1 ? 
ATOM   456  N  N   . PRO A 1 56  ? 7.346   -14.796 12.651  1.000 14.961 ? 95  PRO AAA N   1 ? 
ATOM   457  C  CA  . PRO A 1 56  ? 8.366   -14.016 13.354  1.000 14.909 ? 95  PRO AAA CA  1 ? 
ATOM   458  C  C   . PRO A 1 56  ? 9.494   -13.502 12.469  1.000 14.817 ? 95  PRO AAA C   1 ? 
ATOM   459  O  O   . PRO A 1 56  ? 10.145  -12.522 12.789  1.000 17.198 ? 95  PRO AAA O   1 ? 
ATOM   460  C  CB  . PRO A 1 56  ? 8.944   -14.983 14.417  1.000 17.206 ? 95  PRO AAA CB  1 ? 
ATOM   461  C  CG  . PRO A 1 56  ? 8.614   -16.333 13.851  1.000 16.432 ? 95  PRO AAA CG  1 ? 
ATOM   462  C  CD  . PRO A 1 56  ? 7.244   -16.170 13.176  1.000 17.660 ? 95  PRO AAA CD  1 ? 
ATOM   463  N  N   . ASP A 1 57  ? 9.640   -14.098 11.284  1.000 14.991 ? 96  ASP AAA N   1 ? 
ATOM   464  C  CA  . ASP A 1 57  ? 10.660  -13.649 10.341  1.000 14.787 ? 96  ASP AAA CA  1 ? 
ATOM   465  C  C   . ASP A 1 57  ? 10.155  -12.565 9.383   1.000 15.287 ? 96  ASP AAA C   1 ? 
ATOM   466  O  O   . ASP A 1 57  ? 10.966  -12.080 8.575   1.000 17.128 ? 96  ASP AAA O   1 ? 
ATOM   467  C  CB  . ASP A 1 57  ? 11.206  -14.790 9.466   1.000 16.588 ? 96  ASP AAA CB  1 ? 
ATOM   468  C  CG  . ASP A 1 57  ? 10.221  -15.391 8.475   1.000 19.186 ? 96  ASP AAA CG  1 ? 
ATOM   469  O  OD1 . ASP A 1 57  ? 9.025   -15.196 8.631   1.000 19.132 ? 96  ASP AAA OD1 1 ? 
ATOM   470  O  OD2 . ASP A 1 57  ? 10.686  -16.083 7.565   1.000 24.259 ? 96  ASP AAA OD2 1 ? 
ATOM   471  N  N   . TYR A 1 58  ? 8.897   -12.123 9.495   1.000 14.033 ? 97  TYR AAA N   1 ? 
ATOM   472  C  CA  . TYR A 1 58  ? 8.345   -11.260 8.450   1.000 14.568 ? 97  TYR AAA CA  1 ? 
ATOM   473  C  C   . TYR A 1 58  ? 9.172   -9.987  8.304   1.000 15.603 ? 97  TYR AAA C   1 ? 
ATOM   474  O  O   . TYR A 1 58  ? 9.573   -9.618  7.195   1.000 15.628 ? 97  TYR AAA O   1 ? 
ATOM   475  C  CB  . TYR A 1 58  ? 6.870   -10.963 8.694   1.000 14.135 ? 97  TYR AAA CB  1 ? 
ATOM   476  C  CG  . TYR A 1 58  ? 6.290   -10.134 7.556   1.000 14.001 ? 97  TYR AAA CG  1 ? 
ATOM   477  C  CD1 . TYR A 1 58  ? 5.828   -10.742 6.377   1.000 13.447 ? 97  TYR AAA CD1 1 ? 
ATOM   478  C  CD2 . TYR A 1 58  ? 6.233   -8.746  7.628   1.000 14.867 ? 97  TYR AAA CD2 1 ? 
ATOM   479  C  CE1 . TYR A 1 58  ? 5.349   -9.972  5.319   1.000 14.863 ? 97  TYR AAA CE1 1 ? 
ATOM   480  C  CE2 . TYR A 1 58  ? 5.761   -7.944  6.577   1.000 14.935 ? 97  TYR AAA CE2 1 ? 
ATOM   481  C  CZ  . TYR A 1 58  ? 5.321   -8.582  5.419   1.000 14.902 ? 97  TYR AAA CZ  1 ? 
ATOM   482  O  OH  . TYR A 1 58  ? 4.840   -7.792  4.373   1.000 15.624 ? 97  TYR AAA OH  1 ? 
ATOM   483  N  N   . TYR A 1 59  ? 9.384   -9.291  9.425   1.000 15.458 ? 98  TYR AAA N   1 ? 
ATOM   484  C  CA  . TYR A 1 59  ? 10.092  -8.029  9.418   1.000 15.551 ? 98  TYR AAA CA  1 ? 
ATOM   485  C  C   . TYR A 1 59  ? 11.612  -8.216  9.414   1.000 17.161 ? 98  TYR AAA C   1 ? 
ATOM   486  O  O   . TYR A 1 59  ? 12.337  -7.217  9.372   1.000 19.865 ? 98  TYR AAA O   1 ? 
ATOM   487  C  CB  . TYR A 1 59  ? 9.575   -7.129  10.536  1.000 14.645 ? 98  TYR AAA CB  1 ? 
ATOM   488  C  CG  . TYR A 1 59  ? 8.167   -6.659  10.292  1.000 14.414 ? 98  TYR AAA CG  1 ? 
ATOM   489  C  CD1 . TYR A 1 59  ? 7.916   -5.794  9.239   1.000 14.865 ? 98  TYR AAA CD1 1 ? 
ATOM   490  C  CD2 . TYR A 1 59  ? 7.082   -7.121  11.020  1.000 13.795 ? 98  TYR AAA CD2 1 ? 
ATOM   491  C  CE1 . TYR A 1 59  ? 6.650   -5.313  9.007   1.000 14.568 ? 98  TYR AAA CE1 1 ? 
ATOM   492  C  CE2 . TYR A 1 59  ? 5.789   -6.670  10.781  1.000 13.278 ? 98  TYR AAA CE2 1 ? 
ATOM   493  C  CZ  . TYR A 1 59  ? 5.568   -5.755  9.738   1.000 13.794 ? 98  TYR AAA CZ  1 ? 
ATOM   494  O  OH  . TYR A 1 59  ? 4.319   -5.277  9.479   1.000 14.260 ? 98  TYR AAA OH  1 ? 
ATOM   495  N  N   . LYS A 1 60  ? 12.075  -9.465  9.358   1.000 16.551 ? 99  LYS AAA N   1 ? 
ATOM   496  C  CA  . LYS A 1 60  ? 13.476  -9.751  9.037   1.000 19.920 ? 99  LYS AAA CA  1 ? 
ATOM   497  C  C   . LYS A 1 60  ? 13.690  -9.771  7.524   1.000 19.618 ? 99  LYS AAA C   1 ? 
ATOM   498  O  O   . LYS A 1 60  ? 14.775  -9.407  7.056   1.000 22.712 ? 99  LYS AAA O   1 ? 
ATOM   499  C  CB  . LYS A 1 60  ? 13.926  -11.115 9.563   1.000 21.840 ? 99  LYS AAA CB  1 ? 
ATOM   500  C  CG  . LYS A 1 60  ? 13.662  -11.419 11.032  1.000 26.618 ? 99  LYS AAA CG  1 ? 
ATOM   501  C  CD  . LYS A 1 60  ? 14.311  -10.448 11.981  1.000 30.529 ? 99  LYS AAA CD  1 ? 
ATOM   502  C  CE  . LYS A 1 60  ? 13.843  -10.694 13.403  1.000 28.205 ? 99  LYS AAA CE  1 ? 
ATOM   503  N  NZ  . LYS A 1 60  ? 14.614  -9.878  14.354  1.000 35.845 ? 99  LYS AAA NZ  1 ? 
ATOM   504  N  N   A ILE A 1 61  ? 12.675  -10.246 6.777   0.500 16.451 ? 100 ILE AAA N   1 ? 
ATOM   505  N  N   B ILE A 1 61  ? 12.660  -10.176 6.765   0.500 17.388 ? 100 ILE AAA N   1 ? 
ATOM   506  C  CA  A ILE A 1 61  ? 12.690  -10.364 5.324   0.500 16.985 ? 100 ILE AAA CA  1 ? 
ATOM   507  C  CA  B ILE A 1 61  ? 12.735  -10.348 5.319   0.500 18.298 ? 100 ILE AAA CA  1 ? 
ATOM   508  C  C   A ILE A 1 61  ? 12.275  -9.032  4.698   0.500 15.261 ? 100 ILE AAA C   1 ? 
ATOM   509  C  C   B ILE A 1 61  ? 12.187  -9.120  4.601   0.500 16.024 ? 100 ILE AAA C   1 ? 
ATOM   510  O  O   A ILE A 1 61  ? 12.971  -8.478  3.841   0.500 17.086 ? 100 ILE AAA O   1 ? 
ATOM   511  O  O   B ILE A 1 61  ? 12.670  -8.771  3.526   0.500 17.537 ? 100 ILE AAA O   1 ? 
ATOM   512  C  CB  A ILE A 1 61  ? 11.757  -11.524 4.911   0.500 16.341 ? 100 ILE AAA CB  1 ? 
ATOM   513  C  CB  B ILE A 1 61  ? 11.958  -11.621 4.947   0.500 18.657 ? 100 ILE AAA CB  1 ? 
ATOM   514  C  CG1 A ILE A 1 61  ? 12.110  -12.822 5.643   0.500 17.601 ? 100 ILE AAA CG1 1 ? 
ATOM   515  C  CG1 B ILE A 1 61  ? 12.668  -12.867 5.484   0.500 21.050 ? 100 ILE AAA CG1 1 ? 
ATOM   516  C  CG2 A ILE A 1 61  ? 11.835  -11.716 3.403   0.500 18.128 ? 100 ILE AAA CG2 1 ? 
ATOM   517  C  CG2 B ILE A 1 61  ? 11.727  -11.703 3.443   0.500 21.079 ? 100 ILE AAA CG2 1 ? 
ATOM   518  C  CD1 A ILE A 1 61  ? 13.550  -13.194 5.423   0.500 16.486 ? 100 ILE AAA CD1 1 ? 
ATOM   519  C  CD1 B ILE A 1 61  ? 11.803  -14.084 5.446   0.500 21.465 ? 100 ILE AAA CD1 1 ? 
ATOM   520  N  N   . ILE A 1 62  ? 11.137  -8.515  5.171   1.000 14.563 ? 101 ILE AAA N   1 ? 
ATOM   521  C  CA  . ILE A 1 62  ? 10.511  -7.335  4.583   1.000 14.163 ? 101 ILE AAA CA  1 ? 
ATOM   522  C  C   . ILE A 1 62  ? 10.960  -6.114  5.373   1.000 14.808 ? 101 ILE AAA C   1 ? 
ATOM   523  O  O   . ILE A 1 62  ? 10.507  -5.857  6.493   1.000 16.328 ? 101 ILE AAA O   1 ? 
ATOM   524  C  CB  . ILE A 1 62  ? 8.984   -7.513  4.546   1.000 13.850 ? 101 ILE AAA CB  1 ? 
ATOM   525  C  CG1 . ILE A 1 62  ? 8.550   -8.708  3.701   1.000 14.569 ? 101 ILE AAA CG1 1 ? 
ATOM   526  C  CG2 . ILE A 1 62  ? 8.328   -6.223  4.104   1.000 14.689 ? 101 ILE AAA CG2 1 ? 
ATOM   527  C  CD1 . ILE A 1 62  ? 9.161   -8.737  2.278   1.000 14.959 ? 101 ILE AAA CD1 1 ? 
ATOM   528  N  N   . LYS A 1 63  ? 11.876  -5.356  4.766   1.000 14.604 ? 102 LYS AAA N   1 ? 
ATOM   529  C  CA  . LYS A 1 63  ? 12.490  -4.218  5.442   1.000 15.463 ? 102 LYS AAA CA  1 ? 
ATOM   530  C  C   . LYS A 1 63  ? 11.833  -2.907  5.014   1.000 17.379 ? 102 LYS AAA C   1 ? 
ATOM   531  O  O   . LYS A 1 63  ? 12.132  -1.885  5.620   1.000 19.692 ? 102 LYS AAA O   1 ? 
ATOM   532  C  CB  . LYS A 1 63  ? 14.002  -4.187  5.227   1.000 18.004 ? 102 LYS AAA CB  1 ? 
ATOM   533  C  CG  . LYS A 1 63  ? 14.737  -5.382  5.792   1.000 21.328 ? 102 LYS AAA CG  1 ? 
ATOM   534  C  CD  . LYS A 1 63  ? 14.376  -5.566  7.243   1.000 25.815 ? 102 LYS AAA CD  1 ? 
ATOM   535  C  CE  . LYS A 1 63  ? 15.488  -6.076  8.125   1.000 32.111 ? 102 LYS AAA CE  1 ? 
ATOM   536  N  NZ  . LYS A 1 63  ? 14.948  -6.344  9.475   1.000 24.570 ? 102 LYS AAA NZ  1 ? 
ATOM   537  N  N   . THR A 1 64  ? 10.921  -2.893  4.032   1.000 15.688 ? 103 THR AAA N   1 ? 
ATOM   538  C  CA  . THR A 1 64  ? 10.178  -1.693  3.665   1.000 17.572 ? 103 THR AAA CA  1 ? 
ATOM   539  C  C   . THR A 1 64  ? 8.711   -2.084  3.571   1.000 14.916 ? 103 THR AAA C   1 ? 
ATOM   540  O  O   . THR A 1 64  ? 8.112   -2.249  2.494   1.000 14.979 ? 103 THR AAA O   1 ? 
ATOM   541  C  CB  . THR A 1 64  ? 10.628  -1.062  2.345   1.000 22.466 ? 103 THR AAA CB  1 ? 
ATOM   542  O  OG1 . THR A 1 64  ? 10.418  -2.039  1.341   1.000 31.377 ? 103 THR AAA OG1 1 ? 
ATOM   543  C  CG2 . THR A 1 64  ? 12.091  -0.723  2.367   1.000 20.675 ? 103 THR AAA CG2 1 ? 
ATOM   544  N  N   . PRO A 1 65  ? 8.078   -2.302  4.728   1.000 12.914 ? 104 PRO AAA N   1 ? 
ATOM   545  C  CA  . PRO A 1 65  ? 6.689   -2.729  4.722   1.000 13.313 ? 104 PRO AAA CA  1 ? 
ATOM   546  C  C   . PRO A 1 65  ? 5.795   -1.603  4.231   1.000 11.877 ? 104 PRO AAA C   1 ? 
ATOM   547  O  O   . PRO A 1 65  ? 6.084   -0.398  4.352   1.000 13.613 ? 104 PRO AAA O   1 ? 
ATOM   548  C  CB  . PRO A 1 65  ? 6.356   -2.968  6.185   1.000 16.123 ? 104 PRO AAA CB  1 ? 
ATOM   549  C  CG  . PRO A 1 65  ? 7.524   -2.416  6.966   1.000 15.154 ? 104 PRO AAA CG  1 ? 
ATOM   550  C  CD  . PRO A 1 65  ? 8.683   -2.148  6.074   1.000 15.716 ? 104 PRO AAA CD  1 ? 
ATOM   551  N  N   . MET A 1 66  ? 4.671   -2.006  3.631   1.000 11.412 ? 105 MET AAA N   1 ? 
ATOM   552  C  CA  . MET A 1 66  ? 3.690   -1.001  3.224   1.000 10.298 ? 105 MET AAA CA  1 ? 
ATOM   553  C  C   . MET A 1 66  ? 2.356   -1.703  3.076   1.000 10.669 ? 105 MET AAA C   1 ? 
ATOM   554  O  O   . MET A 1 66  ? 2.330   -2.917  2.778   1.000 11.586 ? 105 MET AAA O   1 ? 
ATOM   555  C  CB  . MET A 1 66  ? 4.078   -0.368  1.878   1.000 10.731 ? 105 MET AAA CB  1 ? 
ATOM   556  C  CG  . MET A 1 66  ? 3.206   0.823   1.428   1.000 10.600 ? 105 MET AAA CG  1 ? 
ATOM   557  S  SD  . MET A 1 66  ? 2.914   2.087   2.693   1.000 11.466 ? 105 MET AAA SD  1 ? 
ATOM   558  C  CE  . MET A 1 66  ? 4.567   2.662   3.070   1.000 12.910 ? 105 MET AAA CE  1 ? 
ATOM   559  N  N   . ASP A 1 67  ? 1.261   -0.974  3.274   1.000 10.200 ? 106 ASP AAA N   1 ? 
ATOM   560  C  CA  . ASP A 1 67  ? -0.090  -1.556  3.275   1.000 10.058 ? 106 ASP AAA CA  1 ? 
ATOM   561  C  C   . ASP A 1 67  ? -1.044  -0.442  2.875   1.000 10.963 ? 106 ASP AAA C   1 ? 
ATOM   562  O  O   . ASP A 1 67  ? -0.671  0.734   2.911   1.000 10.437 ? 106 ASP AAA O   1 ? 
ATOM   563  C  CB  . ASP A 1 67  ? -0.429  -2.134  4.663   1.000 10.678 ? 106 ASP AAA CB  1 ? 
ATOM   564  C  CG  . ASP A 1 67  ? -0.550  -1.030  5.695   1.000 10.658 ? 106 ASP AAA CG  1 ? 
ATOM   565  O  OD1 . ASP A 1 67  ? 0.554   -0.582  6.147   1.000 11.355 ? 106 ASP AAA OD1 1 ? 
ATOM   566  O  OD2 . ASP A 1 67  ? -1.643  -0.508  5.877   1.000 11.490 ? 106 ASP AAA OD2 1 ? 
ATOM   567  N  N   . MET A 1 68  ? -2.265  -0.814  2.469   1.000 11.503 ? 107 MET AAA N   1 ? 
ATOM   568  C  CA  . MET A 1 68  ? -3.244  0.177   2.041   1.000 10.692 ? 107 MET AAA CA  1 ? 
ATOM   569  C  C   . MET A 1 68  ? -3.855  1.002   3.163   1.000 11.554 ? 107 MET AAA C   1 ? 
ATOM   570  O  O   . MET A 1 68  ? -4.321  2.102   2.889   1.000 12.405 ? 107 MET AAA O   1 ? 
ATOM   571  C  CB  . MET A 1 68  ? -4.393  -0.440  1.262   1.000 10.961 ? 107 MET AAA CB  1 ? 
ATOM   572  C  CG  . MET A 1 68  ? -3.973  -1.077  -0.029  1.000 12.737 ? 107 MET AAA CG  1 ? 
ATOM   573  S  SD  . MET A 1 68  ? -5.336  -1.290  -1.223  1.000 13.406 ? 107 MET AAA SD  1 ? 
ATOM   574  C  CE  . MET A 1 68  ? -6.432  -2.431  -0.365  1.000 12.724 ? 107 MET AAA CE  1 ? 
ATOM   575  N  N   . GLY A 1 69  ? -3.817  0.514   4.418   1.000 11.129 ? 108 GLY AAA N   1 ? 
ATOM   576  C  CA  . GLY A 1 69  ? -4.241  1.370   5.522   1.000 12.218 ? 108 GLY AAA CA  1 ? 
ATOM   577  C  C   . GLY A 1 69  ? -3.298  2.572   5.662   1.000 11.868 ? 108 GLY AAA C   1 ? 
ATOM   578  O  O   . GLY A 1 69  ? -3.770  3.731   5.818   1.000 12.369 ? 108 GLY AAA O   1 ? 
ATOM   579  N  N   . THR A 1 70  ? -2.011  2.289   5.594   1.000 10.939 ? 109 THR AAA N   1 ? 
ATOM   580  C  CA  . THR A 1 70  ? -1.005  3.368   5.583   1.000 11.220 ? 109 THR AAA CA  1 ? 
ATOM   581  C  C   . THR A 1 70  ? -1.185  4.302   4.390   1.000 11.134 ? 109 THR AAA C   1 ? 
ATOM   582  O  O   . THR A 1 70  ? -1.162  5.535   4.527   1.000 11.279 ? 109 THR AAA O   1 ? 
ATOM   583  C  CB  . THR A 1 70  ? 0.401   2.780   5.618   1.000 11.991 ? 109 THR AAA CB  1 ? 
ATOM   584  O  OG1 . THR A 1 70  ? 0.516   1.982   6.801   1.000 12.520 ? 109 THR AAA OG1 1 ? 
ATOM   585  C  CG2 . THR A 1 70  ? 1.478   3.856   5.576   1.000 12.865 ? 109 THR AAA CG2 1 ? 
ATOM   586  N  N   . ILE A 1 71  ? -1.368  3.717   3.181   1.000 10.542 ? 110 ILE AAA N   1 ? 
ATOM   587  C  CA  . ILE A 1 71  ? -1.548  4.565   2.012   1.000 11.227 ? 110 ILE AAA CA  1 ? 
ATOM   588  C  C   . ILE A 1 71  ? -2.784  5.445   2.146   1.000 11.429 ? 110 ILE AAA C   1 ? 
ATOM   589  O  O   . ILE A 1 71  ? -2.754  6.639   1.796   1.000 11.758 ? 110 ILE AAA O   1 ? 
ATOM   590  C  CB  . ILE A 1 71  ? -1.611  3.700   0.734   1.000 10.464 ? 110 ILE AAA CB  1 ? 
ATOM   591  C  CG1 . ILE A 1 71  ? -0.258  3.055   0.501   1.000 10.651 ? 110 ILE AAA CG1 1 ? 
ATOM   592  C  CG2 . ILE A 1 71  ? -1.994  4.521   -0.502  1.000 12.315 ? 110 ILE AAA CG2 1 ? 
ATOM   593  C  CD1 . ILE A 1 71  ? -0.323  1.893   -0.491  1.000 11.804 ? 110 ILE AAA CD1 1 ? 
ATOM   594  N  N   . LYS A 1 72  ? -3.894  4.852   2.617   1.000 12.281 ? 111 LYS AAA N   1 ? 
ATOM   595  C  CA  . LYS A 1 72  ? -5.131  5.611   2.804   1.000 14.558 ? 111 LYS AAA CA  1 ? 
ATOM   596  C  C   . LYS A 1 72  ? -4.883  6.805   3.726   1.000 13.968 ? 111 LYS AAA C   1 ? 
ATOM   597  O  O   . LYS A 1 72  ? -5.342  7.926   3.428   1.000 14.318 ? 111 LYS AAA O   1 ? 
ATOM   598  C  CB  . LYS A 1 72  ? -6.215  4.683   3.380   1.000 13.607 ? 111 LYS AAA CB  1 ? 
ATOM   599  C  CG  . LYS A 1 72  ? -7.549  5.369   3.615   1.000 17.146 ? 111 LYS AAA CG  1 ? 
ATOM   600  C  CD  . LYS A 1 72  ? -8.579  4.301   3.957   1.000 20.156 ? 111 LYS AAA CD  1 ? 
ATOM   601  C  CE  . LYS A 1 72  ? -9.992  4.858   3.955   1.000 27.114 ? 111 LYS AAA CE  1 ? 
ATOM   602  N  NZ  . LYS A 1 72  ? -10.239 5.459   5.271   1.000 28.392 ? 111 LYS AAA NZ  1 ? 
ATOM   603  N  N   . LYS A 1 73  ? -4.193  6.602   4.840   1.000 14.455 ? 112 LYS AAA N   1 ? 
ATOM   604  C  CA  . LYS A 1 73  ? -3.895  7.693   5.766   1.000 15.690 ? 112 LYS AAA CA  1 ? 
ATOM   605  C  C   . LYS A 1 73  ? -2.987  8.736   5.108   1.000 13.178 ? 112 LYS AAA C   1 ? 
ATOM   606  O  O   . LYS A 1 73  ? -3.183  9.944   5.250   1.000 13.714 ? 112 LYS AAA O   1 ? 
ATOM   607  C  CB  . LYS A 1 73  ? -3.156  7.134   6.998   1.000 16.349 ? 112 LYS AAA CB  1 ? 
ATOM   608  C  CG  . LYS A 1 73  ? -4.030  6.326   7.957   1.000 22.929 ? 112 LYS AAA CG  1 ? 
ATOM   609  C  CD  . LYS A 1 73  ? -3.237  5.862   9.203   1.000 25.679 ? 112 LYS AAA CD  1 ? 
ATOM   610  C  CE  . LYS A 1 73  ? -4.081  5.079   10.185  1.000 30.794 ? 112 LYS AAA CE  1 ? 
ATOM   611  N  NZ  . LYS A 1 73  ? -4.168  3.651   9.790   1.000 37.956 ? 112 LYS AAA NZ  1 ? 
ATOM   612  N  N   . ARG A 1 74  ? -1.990  8.275   4.352   1.000 12.564 ? 113 ARG AAA N   1 ? 
ATOM   613  C  CA  . ARG A 1 74  ? -1.110  9.207   3.648   1.000 11.883 ? 113 ARG AAA CA  1 ? 
ATOM   614  C  C   . ARG A 1 74  ? -1.900  10.054  2.667   1.000 13.011 ? 113 ARG AAA C   1 ? 
ATOM   615  O  O   . ARG A 1 74  ? -1.613  11.251  2.514   1.000 13.422 ? 113 ARG AAA O   1 ? 
ATOM   616  C  CB  . ARG A 1 74  ? 0.009   8.468   2.954   1.000 11.109 ? 113 ARG AAA CB  1 ? 
ATOM   617  C  CG  . ARG A 1 74  ? 1.087   7.998   3.923   1.000 11.915 ? 113 ARG AAA CG  1 ? 
ATOM   618  C  CD  . ARG A 1 74  ? 2.221   7.221   3.235   1.000 11.667 ? 113 ARG AAA CD  1 ? 
ATOM   619  N  NE  . ARG A 1 74  ? 3.302   6.956   4.198   1.000 11.160 ? 113 ARG AAA NE  1 ? 
ATOM   620  C  CZ  . ARG A 1 74  ? 4.508   6.526   3.871   1.000 10.631 ? 113 ARG AAA CZ  1 ? 
ATOM   621  N  NH1 . ARG A 1 74  ? 4.858   6.245   2.617   1.000 13.019 ? 113 ARG AAA NH1 1 ? 
ATOM   622  N  NH2 . ARG A 1 74  ? 5.434   6.460   4.817   1.000 13.534 ? 113 ARG AAA NH2 1 ? 
ATOM   623  N  N   . LEU A 1 75  ? -2.850  9.470   1.941   1.000 11.450 ? 114 LEU AAA N   1 ? 
ATOM   624  C  CA  . LEU A 1 75  ? -3.645  10.249  0.997   1.000 11.710 ? 114 LEU AAA CA  1 ? 
ATOM   625  C  C   . LEU A 1 75  ? -4.617  11.181  1.733   1.000 14.077 ? 114 LEU AAA C   1 ? 
ATOM   626  O  O   . LEU A 1 75  ? -4.723  12.355  1.360   1.000 15.760 ? 114 LEU AAA O   1 ? 
ATOM   627  C  CB  . LEU A 1 75  ? -4.407  9.281   0.079   1.000 11.005 ? 114 LEU AAA CB  1 ? 
ATOM   628  C  CG  . LEU A 1 75  ? -3.537  8.585   -0.964  1.000 11.431 ? 114 LEU AAA CG  1 ? 
ATOM   629  C  CD1 . LEU A 1 75  ? -4.300  7.395   -1.582  1.000 12.329 ? 114 LEU AAA CD1 1 ? 
ATOM   630  C  CD2 . LEU A 1 75  ? -3.143  9.582   -2.056  1.000 11.616 ? 114 LEU AAA CD2 1 ? 
ATOM   631  N  N   . GLU A 1 76  ? -5.305  10.681  2.764   1.000 14.420 ? 115 GLU AAA N   1 ? 
ATOM   632  C  CA  . GLU A 1 76  ? -6.315  11.489  3.441   1.000 16.396 ? 115 GLU AAA CA  1 ? 
ATOM   633  C  C   . GLU A 1 76  ? -5.685  12.605  4.277   1.000 17.326 ? 115 GLU AAA C   1 ? 
ATOM   634  O  O   . GLU A 1 76  ? -6.311  13.658  4.417   1.000 19.776 ? 115 GLU AAA O   1 ? 
ATOM   635  C  CB  . GLU A 1 76  ? -7.187  10.619  4.335   1.000 18.373 ? 115 GLU AAA CB  1 ? 
ATOM   636  C  CG  . GLU A 1 76  ? -8.099  9.710   3.517   1.000 17.972 ? 115 GLU AAA CG  1 ? 
ATOM   637  C  CD  . GLU A 1 76  ? -8.883  8.713   4.337   1.000 22.456 ? 115 GLU AAA CD  1 ? 
ATOM   638  O  OE1 . GLU A 1 76  ? -8.578  8.535   5.505   1.000 25.727 ? 115 GLU AAA OE1 1 ? 
ATOM   639  O  OE2 . GLU A 1 76  ? -9.751  8.088   3.754   1.000 27.368 ? 115 GLU AAA OE2 1 ? 
ATOM   640  N  N   . ASN A 1 77  ? -4.435  12.402  4.753   1.000 17.126 ? 116 ASN AAA N   1 ? 
ATOM   641  C  CA  . ASN A 1 77  ? -3.719  13.417  5.518   1.000 19.426 ? 116 ASN AAA CA  1 ? 
ATOM   642  C  C   . ASN A 1 77  ? -2.726  14.209  4.674   1.000 18.072 ? 116 ASN AAA C   1 ? 
ATOM   643  O  O   . ASN A 1 77  ? -1.848  14.858  5.269   1.000 25.441 ? 116 ASN AAA O   1 ? 
ATOM   644  C  CB  . ASN A 1 77  ? -2.732  12.776  6.496   1.000 25.916 ? 116 ASN AAA CB  1 ? 
ATOM   645  C  CG  . ASN A 1 77  ? -3.330  11.913  7.567   1.000 35.038 ? 116 ASN AAA CG  1 ? 
ATOM   646  O  OD1 . ASN A 1 77  ? -4.553  11.911  7.789   1.000 37.600 ? 116 ASN AAA OD1 1 ? 
ATOM   647  N  ND2 . ASN A 1 77  ? -2.455  11.136  8.185   1.000 32.328 ? 116 ASN AAA ND2 1 ? 
ATOM   648  N  N   A ASN A 1 78  ? -2.765  14.080  3.346   0.500 18.011 ? 117 ASN AAA N   1 ? 
ATOM   649  N  N   B ASN A 1 78  ? -2.961  14.368  3.383   0.500 17.726 ? 117 ASN AAA N   1 ? 
ATOM   650  C  CA  A ASN A 1 78  ? -2.004  14.841  2.352   0.500 16.174 ? 117 ASN AAA CA  1 ? 
ATOM   651  C  CA  B ASN A 1 78  ? -1.897  14.654  2.433   0.500 16.127 ? 117 ASN AAA CA  1 ? 
ATOM   652  C  C   A ASN A 1 78  ? -0.487  14.752  2.557   0.500 16.330 ? 117 ASN AAA C   1 ? 
ATOM   653  C  C   B ASN A 1 78  ? -0.510  14.700  3.041   0.500 15.907 ? 117 ASN AAA C   1 ? 
ATOM   654  O  O   A ASN A 1 78  ? 0.185   15.785  2.425   0.500 18.744 ? 117 ASN AAA O   1 ? 
ATOM   655  O  O   B ASN A 1 78  ? 0.094   15.691  3.478   0.500 14.108 ? 117 ASN AAA O   1 ? 
ATOM   656  C  CB  A ASN A 1 78  ? -2.537  16.282  2.245   0.500 18.939 ? 117 ASN AAA CB  1 ? 
ATOM   657  C  CB  B ASN A 1 78  ? -2.195  15.518  1.227   0.500 19.429 ? 117 ASN AAA CB  1 ? 
ATOM   658  C  CG  A ASN A 1 78  ? -4.002  16.343  1.853   0.500 19.693 ? 117 ASN AAA CG  1 ? 
ATOM   659  C  CG  B ASN A 1 78  ? -1.097  15.362  0.189   0.500 19.043 ? 117 ASN AAA CG  1 ? 
ATOM   660  O  OD1 A ASN A 1 78  ? -4.357  16.013  0.718   0.500 22.084 ? 117 ASN AAA OD1 1 ? 
ATOM   661  O  OD1 B ASN A 1 78  ? -0.761  14.268  -0.327  0.500 15.724 ? 117 ASN AAA OD1 1 ? 
ATOM   662  N  ND2 A ASN A 1 78  ? -4.855  16.740  2.791   0.500 22.997 ? 117 ASN AAA ND2 1 ? 
ATOM   663  N  ND2 B ASN A 1 78  ? -0.492  16.484  -0.105  0.500 21.275 ? 117 ASN AAA ND2 1 ? 
ATOM   664  N  N   . TYR A 1 79  ? 0.066   13.545  2.853   1.000 13.896 ? 118 TYR AAA N   1 ? 
ATOM   665  C  CA  . TYR A 1 79  ? 1.458   13.321  3.190   1.000 13.933 ? 118 TYR AAA CA  1 ? 
ATOM   666  C  C   . TYR A 1 79  ? 2.389   13.459  1.982   1.000 12.090 ? 118 TYR AAA C   1 ? 
ATOM   667  O  O   . TYR A 1 79  ? 3.577   13.630  2.118   1.000 12.138 ? 118 TYR AAA O   1 ? 
ATOM   668  C  CB  . TYR A 1 79  ? 1.523   11.905  3.773   1.000 13.260 ? 118 TYR AAA CB  1 ? 
ATOM   669  C  CG  . TYR A 1 79  ? 2.899   11.425  4.145   1.000 12.112 ? 118 TYR AAA CG  1 ? 
ATOM   670  C  CD1 . TYR A 1 79  ? 3.453   11.781  5.362   1.000 12.968 ? 118 TYR AAA CD1 1 ? 
ATOM   671  C  CD2 . TYR A 1 79  ? 3.627   10.572  3.303   1.000 13.037 ? 118 TYR AAA CD2 1 ? 
ATOM   672  C  CE1 . TYR A 1 79  ? 4.706   11.328  5.729   1.000 14.313 ? 118 TYR AAA CE1 1 ? 
ATOM   673  C  CE2 . TYR A 1 79  ? 4.883   10.130  3.648   1.000 12.977 ? 118 TYR AAA CE2 1 ? 
ATOM   674  C  CZ  . TYR A 1 79  ? 5.429   10.503  4.863   1.000 13.371 ? 118 TYR AAA CZ  1 ? 
ATOM   675  O  OH  . TYR A 1 79  ? 6.667   10.029  5.207   1.000 15.895 ? 118 TYR AAA OH  1 ? 
ATOM   676  N  N   . TYR A 1 80  ? 1.848   13.229  0.763   1.000 12.496 ? 119 TYR AAA N   1 ? 
ATOM   677  C  CA  . TYR A 1 80  ? 2.691   13.061  -0.438  1.000 11.944 ? 119 TYR AAA CA  1 ? 
ATOM   678  C  C   . TYR A 1 80  ? 2.965   14.390  -1.143  1.000 13.563 ? 119 TYR AAA C   1 ? 
ATOM   679  O  O   . TYR A 1 80  ? 2.151   15.310  -1.000  1.000 15.254 ? 119 TYR AAA O   1 ? 
ATOM   680  C  CB  . TYR A 1 80  ? 1.916   12.186  -1.432  1.000 13.272 ? 119 TYR AAA CB  1 ? 
ATOM   681  C  CG  . TYR A 1 80  ? 1.731   10.762  -0.970  1.000 11.291 ? 119 TYR AAA CG  1 ? 
ATOM   682  C  CD1 . TYR A 1 80  ? 2.813   9.912   -0.771  1.000 11.748 ? 119 TYR AAA CD1 1 ? 
ATOM   683  C  CD2 . TYR A 1 80  ? 0.462   10.233  -0.799  1.000 11.881 ? 119 TYR AAA CD2 1 ? 
ATOM   684  C  CE1 . TYR A 1 80  ? 2.669   8.568   -0.444  1.000 10.890 ? 119 TYR AAA CE1 1 ? 
ATOM   685  C  CE2 . TYR A 1 80  ? 0.295   8.899   -0.478  1.000 11.748 ? 119 TYR AAA CE2 1 ? 
ATOM   686  C  CZ  . TYR A 1 80  ? 1.375   8.056   -0.349  1.000 10.943 ? 119 TYR AAA CZ  1 ? 
ATOM   687  O  OH  . TYR A 1 80  ? 1.125   6.748   -0.040  1.000 12.667 ? 119 TYR AAA OH  1 ? 
ATOM   688  N  N   . TRP A 1 81  ? 4.123   14.455  -1.801  1.000 12.455 ? 120 TRP AAA N   1 ? 
ATOM   689  C  CA  . TRP A 1 81  ? 4.400   15.539  -2.735  1.000 13.348 ? 120 TRP AAA CA  1 ? 
ATOM   690  C  C   . TRP A 1 81  ? 3.861   15.251  -4.140  1.000 13.148 ? 120 TRP AAA C   1 ? 
ATOM   691  O  O   . TRP A 1 81  ? 3.435   16.171  -4.862  1.000 13.950 ? 120 TRP AAA O   1 ? 
ATOM   692  C  CB  . TRP A 1 81  ? 5.923   15.783  -2.806  1.000 14.377 ? 120 TRP AAA CB  1 ? 
ATOM   693  C  CG  . TRP A 1 81  ? 6.269   16.960  -3.684  1.000 14.848 ? 120 TRP AAA CG  1 ? 
ATOM   694  C  CD1 . TRP A 1 81  ? 6.726   16.939  -4.987  1.000 14.977 ? 120 TRP AAA CD1 1 ? 
ATOM   695  C  CD2 . TRP A 1 81  ? 6.147   18.337  -3.314  1.000 14.217 ? 120 TRP AAA CD2 1 ? 
ATOM   696  N  NE1 . TRP A 1 81  ? 6.884   18.242  -5.413  1.000 16.664 ? 120 TRP AAA NE1 1 ? 
ATOM   697  C  CE2 . TRP A 1 81  ? 6.498   19.116  -4.450  1.000 14.491 ? 120 TRP AAA CE2 1 ? 
ATOM   698  C  CE3 . TRP A 1 81  ? 5.711   19.020  -2.183  1.000 13.765 ? 120 TRP AAA CE3 1 ? 
ATOM   699  C  CZ2 . TRP A 1 81  ? 6.472   20.506  -4.416  1.000 17.042 ? 120 TRP AAA CZ2 1 ? 
ATOM   700  C  CZ3 . TRP A 1 81  ? 5.674   20.403  -2.148  1.000 15.348 ? 120 TRP AAA CZ3 1 ? 
ATOM   701  C  CH2 . TRP A 1 81  ? 6.058   21.145  -3.277  1.000 16.235 ? 120 TRP AAA CH2 1 ? 
ATOM   702  N  N   . ASN A 1 82  ? 3.898   13.991  -4.565  1.000 13.548 ? 121 ASN AAA N   1 ? 
ATOM   703  C  CA  . ASN A 1 82  ? 3.519   13.697  -5.932  1.000 12.516 ? 121 ASN AAA CA  1 ? 
ATOM   704  C  C   . ASN A 1 82  ? 2.947   12.295  -6.010  1.000 11.909 ? 121 ASN AAA C   1 ? 
ATOM   705  O  O   . ASN A 1 82  ? 3.008   11.472  -5.090  1.000 12.562 ? 121 ASN AAA O   1 ? 
ATOM   706  C  CB  . ASN A 1 82  ? 4.700   13.915  -6.905  1.000 13.454 ? 121 ASN AAA CB  1 ? 
ATOM   707  C  CG  . ASN A 1 82  ? 5.902   13.021  -6.678  1.000 12.752 ? 121 ASN AAA CG  1 ? 
ATOM   708  O  OD1 . ASN A 1 82  ? 5.735   11.870  -6.237  1.000 13.093 ? 121 ASN AAA OD1 1 ? 
ATOM   709  N  ND2 . ASN A 1 82  ? 7.127   13.450  -6.956  1.000 14.353 ? 121 ASN AAA ND2 1 ? 
ATOM   710  N  N   . ALA A 1 83  ? 2.379   11.996  -7.170  1.000 12.010 ? 122 ALA AAA N   1 ? 
ATOM   711  C  CA  . ALA A 1 83  ? 1.749   10.697  -7.379  1.000 12.422 ? 122 ALA AAA CA  1 ? 
ATOM   712  C  C   . ALA A 1 83  ? 2.796   9.590   -7.358  1.000 12.069 ? 122 ALA AAA C   1 ? 
ATOM   713  O  O   . ALA A 1 83  ? 2.454   8.481   -6.879  1.000 11.902 ? 122 ALA AAA O   1 ? 
ATOM   714  C  CB  . ALA A 1 83  ? 1.061   10.691  -8.729  1.000 15.591 ? 122 ALA AAA CB  1 ? 
ATOM   715  N  N   . GLN A 1 84  ? 4.004   9.787   -7.844  1.000 11.589 ? 123 GLN AAA N   1 ? 
ATOM   716  C  CA  . GLN A 1 84  ? 5.034   8.772   -7.877  1.000 13.039 ? 123 GLN AAA CA  1 ? 
ATOM   717  C  C   . GLN A 1 84  ? 5.288   8.222   -6.482  1.000 11.454 ? 123 GLN AAA C   1 ? 
ATOM   718  O  O   . GLN A 1 84  ? 5.493   7.016   -6.309  1.000 11.475 ? 123 GLN AAA O   1 ? 
ATOM   719  C  CB  . GLN A 1 84  ? 6.336   9.276   -8.498  1.000 15.732 ? 123 GLN AAA CB  1 ? 
ATOM   720  C  CG  . GLN A 1 84  ? 7.361   8.138   -8.665  1.000 20.314 ? 123 GLN AAA CG  1 ? 
ATOM   721  C  CD  . GLN A 1 84  ? 6.716   6.894   -9.276  0.500 22.200 ? 123 GLN AAA CD  1 ? 
ATOM   722  O  OE1 . GLN A 1 84  ? 6.659   5.797   -8.680  0.500 24.885 ? 123 GLN AAA OE1 1 ? 
ATOM   723  N  NE2 . GLN A 1 84  ? 6.110   7.067   -10.445 0.500 25.574 ? 123 GLN AAA NE2 1 ? 
ATOM   724  N  N   . GLU A 1 85  ? 5.304   9.072   -5.443  1.000 10.962 ? 124 GLU AAA N   1 ? 
ATOM   725  C  CA  . GLU A 1 85  ? 5.536   8.593   -4.087  1.000 11.333 ? 124 GLU AAA CA  1 ? 
ATOM   726  C  C   . GLU A 1 85  ? 4.444   7.596   -3.681  1.000 10.474 ? 124 GLU AAA C   1 ? 
ATOM   727  O  O   . GLU A 1 85  ? 4.715   6.576   -3.037  1.000 10.774 ? 124 GLU AAA O   1 ? 
ATOM   728  C  CB  . GLU A 1 85  ? 5.536   9.758   -3.078  1.000 11.192 ? 124 GLU AAA CB  1 ? 
ATOM   729  C  CG  . GLU A 1 85  ? 6.755   10.650  -3.218  1.000 12.166 ? 124 GLU AAA CG  1 ? 
ATOM   730  C  CD  . GLU A 1 85  ? 6.796   11.800  -2.254  1.000 14.910 ? 124 GLU AAA CD  1 ? 
ATOM   731  O  OE1 . GLU A 1 85  ? 7.947   12.371  -2.121  1.000 17.628 ? 124 GLU AAA OE1 1 ? 
ATOM   732  O  OE2 . GLU A 1 85  ? 5.798   12.097  -1.679  1.000 16.459 ? 124 GLU AAA OE2 1 ? 
ATOM   733  N  N   . CYS A 1 86  ? 3.196   7.869   -4.030  1.000 10.314 ? 125 CYS AAA N   1 ? 
ATOM   734  C  CA  . CYS A 1 86  ? 2.095   7.003   -3.658  1.000 11.218 ? 125 CYS AAA CA  1 ? 
ATOM   735  C  C   . CYS A 1 86  ? 2.083   5.733   -4.517  1.000 10.869 ? 125 CYS AAA C   1 ? 
ATOM   736  O  O   . CYS A 1 86  ? 1.894   4.632   -3.980  1.000 10.917 ? 125 CYS AAA O   1 ? 
ATOM   737  C  CB  . CYS A 1 86  ? 0.805   7.797   -3.849  1.000 11.501 ? 125 CYS AAA CB  1 ? 
ATOM   738  S  SG  . CYS A 1 86  ? -0.672  6.813   -3.549  1.000 12.908 ? 125 CYS AAA SG  1 ? 
ATOM   739  N  N   . ILE A 1 87  ? 2.313   5.853   -5.818  1.000 10.731 ? 126 ILE AAA N   1 ? 
ATOM   740  C  CA  . ILE A 1 87  ? 2.415   4.675   -6.680  1.000 11.364 ? 126 ILE AAA CA  1 ? 
ATOM   741  C  C   . ILE A 1 87  ? 3.534   3.776   -6.177  1.000 11.432 ? 126 ILE AAA C   1 ? 
ATOM   742  O  O   . ILE A 1 87  ? 3.381   2.545   -6.136  1.000 11.635 ? 126 ILE AAA O   1 ? 
ATOM   743  C  CB  . ILE A 1 87  ? 2.607   5.141   -8.133  1.000 11.673 ? 126 ILE AAA CB  1 ? 
ATOM   744  C  CG1 . ILE A 1 87  ? 1.313   5.776   -8.640  1.000 13.141 ? 126 ILE AAA CG1 1 ? 
ATOM   745  C  CG2 . ILE A 1 87  ? 3.120   4.004   -9.028  1.000 12.089 ? 126 ILE AAA CG2 1 ? 
ATOM   746  C  CD1 . ILE A 1 87  ? 1.525   6.598   -9.939  1.000 15.347 ? 126 ILE AAA CD1 1 ? 
ATOM   747  N  N   . GLN A 1 88  ? 4.662   4.339   -5.755  1.000 11.378 ? 127 GLN AAA N   1 ? 
ATOM   748  C  CA  . GLN A 1 88  ? 5.730   3.532   -5.198  1.000 11.764 ? 127 GLN AAA CA  1 ? 
ATOM   749  C  C   . GLN A 1 88  ? 5.271   2.777   -3.946  1.000 10.566 ? 127 GLN AAA C   1 ? 
ATOM   750  O  O   . GLN A 1 88  ? 5.649   1.628   -3.787  1.000 11.175 ? 127 GLN AAA O   1 ? 
ATOM   751  C  CB  . GLN A 1 88  ? 6.944   4.400   -4.842  1.000 13.261 ? 127 GLN AAA CB  1 ? 
ATOM   752  C  CG  . GLN A 1 88  ? 8.143   3.645   -4.266  1.000 19.273 ? 127 GLN AAA CG  1 ? 
ATOM   753  C  CD  . GLN A 1 88  ? 8.588   2.525   -5.174  1.000 25.056 ? 127 GLN AAA CD  1 ? 
ATOM   754  O  OE1 . GLN A 1 88  ? 8.316   1.329   -4.953  1.000 28.371 ? 127 GLN AAA OE1 1 ? 
ATOM   755  N  NE2 . GLN A 1 88  ? 9.161   2.919   -6.294  1.000 25.580 ? 127 GLN AAA NE2 1 ? 
ATOM   756  N  N   . ASP A 1 89  ? 4.440   3.383   -3.112  1.000 10.822 ? 128 ASP AAA N   1 ? 
ATOM   757  C  CA  . ASP A 1 89  ? 3.958   2.673   -1.931  1.000 10.077 ? 128 ASP AAA CA  1 ? 
ATOM   758  C  C   . ASP A 1 89  ? 3.101   1.483   -2.359  1.000 10.181 ? 128 ASP AAA C   1 ? 
ATOM   759  O  O   . ASP A 1 89  ? 3.241   0.387   -1.818  1.000 10.020 ? 128 ASP AAA O   1 ? 
ATOM   760  C  CB  . ASP A 1 89  ? 3.146   3.605   -1.035  1.000 10.329 ? 128 ASP AAA CB  1 ? 
ATOM   761  C  CG  . ASP A 1 89  ? 4.008   4.585   -0.196  1.000 10.614 ? 128 ASP AAA CG  1 ? 
ATOM   762  O  OD1 . ASP A 1 89  ? 5.207   4.362   -0.100  1.000 12.278 ? 128 ASP AAA OD1 1 ? 
ATOM   763  O  OD2 . ASP A 1 89  ? 3.387   5.552   0.321   1.000 11.961 ? 128 ASP AAA OD2 1 ? 
ATOM   764  N  N   . PHE A 1 90  ? 2.210   1.659   -3.343  1.000 10.713 ? 129 PHE AAA N   1 ? 
ATOM   765  C  CA  . PHE A 1 90  ? 1.428   0.509   -3.810  1.000 10.101 ? 129 PHE AAA CA  1 ? 
ATOM   766  C  C   . PHE A 1 90  ? 2.343   -0.578  -4.388  1.000 10.482 ? 129 PHE AAA C   1 ? 
ATOM   767  O  O   . PHE A 1 90  ? 2.199   -1.746  -4.058  1.000 10.422 ? 129 PHE AAA O   1 ? 
ATOM   768  C  CB  . PHE A 1 90  ? 0.443   0.928   -4.889  1.000 11.506 ? 129 PHE AAA CB  1 ? 
ATOM   769  C  CG  . PHE A 1 90  ? -0.857  1.500   -4.401  1.000 10.826 ? 129 PHE AAA CG  1 ? 
ATOM   770  C  CD1 . PHE A 1 90  ? -1.872  0.665   -3.914  1.000 10.691 ? 129 PHE AAA CD1 1 ? 
ATOM   771  C  CD2 . PHE A 1 90  ? -1.087  2.872   -4.440  1.000 11.483 ? 129 PHE AAA CD2 1 ? 
ATOM   772  C  CE1 . PHE A 1 90  ? -3.081  1.214   -3.521  1.000 11.620 ? 129 PHE AAA CE1 1 ? 
ATOM   773  C  CE2 . PHE A 1 90  ? -2.302  3.418   -3.990  1.000 11.852 ? 129 PHE AAA CE2 1 ? 
ATOM   774  C  CZ  . PHE A 1 90  ? -3.300  2.578   -3.529  1.000 12.685 ? 129 PHE AAA CZ  1 ? 
ATOM   775  N  N   . ASN A 1 91  ? 3.348   -0.212  -5.167  1.000 11.066 ? 130 ASN AAA N   1 ? 
ATOM   776  C  CA  . ASN A 1 91  ? 4.236   -1.190  -5.763  1.000 12.052 ? 130 ASN AAA CA  1 ? 
ATOM   777  C  C   . ASN A 1 91  ? 4.992   -1.912  -4.670  1.000 11.336 ? 130 ASN AAA C   1 ? 
ATOM   778  O  O   . ASN A 1 91  ? 5.250   -3.121  -4.800  1.000 12.391 ? 130 ASN AAA O   1 ? 
ATOM   779  C  CB  . ASN A 1 91  ? 5.106   -0.550  -6.842  1.000 13.547 ? 130 ASN AAA CB  1 ? 
ATOM   780  C  CG  . ASN A 1 91  ? 4.258   -0.233  -8.081  1.000 18.881 ? 130 ASN AAA CG  1 ? 
ATOM   781  O  OD1 . ASN A 1 91  ? 3.292   -0.935  -8.358  1.000 26.353 ? 130 ASN AAA OD1 1 ? 
ATOM   782  N  ND2 . ASN A 1 91  ? 4.574   0.825   -8.769  1.000 23.900 ? 130 ASN AAA ND2 1 ? 
ATOM   783  N  N   . THR A 1 92  ? 5.422   -1.188  -3.649  1.000 11.156 ? 131 THR AAA N   1 ? 
ATOM   784  C  CA  . THR A 1 92  ? 6.159   -1.802  -2.549  1.000 12.312 ? 131 THR AAA CA  1 ? 
ATOM   785  C  C   . THR A 1 92  ? 5.259   -2.829  -1.864  1.000 10.369 ? 131 THR AAA C   1 ? 
ATOM   786  O  O   . THR A 1 92  ? 5.701   -3.944  -1.521  1.000 11.038 ? 131 THR AAA O   1 ? 
ATOM   787  C  CB  . THR A 1 92  ? 6.614   -0.747  -1.539  1.000 12.422 ? 131 THR AAA CB  1 ? 
ATOM   788  O  OG1 . THR A 1 92  ? 7.609   0.054   -2.173  1.000 14.657 ? 131 THR AAA OG1 1 ? 
ATOM   789  C  CG2 . THR A 1 92  ? 7.214   -1.317  -0.273  1.000 14.100 ? 131 THR AAA CG2 1 ? 
ATOM   790  N  N   . MET A 1 93  ? 4.000   -2.478  -1.600  1.000 10.615 ? 132 MET AAA N   1 ? 
ATOM   791  C  CA  . MET A 1 93  ? 3.077   -3.419  -0.962  1.000 11.222 ? 132 MET AAA CA  1 ? 
ATOM   792  C  C   . MET A 1 93  ? 2.954   -4.700  -1.785  1.000 10.098 ? 132 MET AAA C   1 ? 
ATOM   793  O  O   . MET A 1 93  ? 3.050   -5.803  -1.235  1.000 10.829 ? 132 MET AAA O   1 ? 
ATOM   794  C  CB  . MET A 1 93  ? 1.729   -2.751  -0.858  1.000 10.704 ? 132 MET AAA CB  1 ? 
ATOM   795  C  CG  . MET A 1 93  ? 0.624   -3.682  -0.294  1.000 12.814 ? 132 MET AAA CG  1 ? 
ATOM   796  S  SD  . MET A 1 93  ? -0.969  -2.872  -0.203  1.000 11.656 ? 132 MET AAA SD  1 ? 
ATOM   797  C  CE  . MET A 1 93  ? -1.473  -3.098  -1.900  1.000 14.749 ? 132 MET AAA CE  1 ? 
ATOM   798  N  N   . PHE A 1 94  ? 2.795   -4.581  -3.103  1.000 10.528 ? 133 PHE AAA N   1 ? 
ATOM   799  C  CA  . PHE A 1 94  ? 2.679   -5.791  -3.922  1.000 11.246 ? 133 PHE AAA CA  1 ? 
ATOM   800  C  C   . PHE A 1 94  ? 3.975   -6.581  -3.920  1.000 11.186 ? 133 PHE AAA C   1 ? 
ATOM   801  O  O   . PHE A 1 94  ? 3.944   -7.823  -3.727  1.000 11.510 ? 133 PHE AAA O   1 ? 
ATOM   802  C  CB  . PHE A 1 94  ? 2.270   -5.421  -5.352  1.000 10.677 ? 133 PHE AAA CB  1 ? 
ATOM   803  C  CG  . PHE A 1 94  ? 0.892   -4.810  -5.464  1.000 11.144 ? 133 PHE AAA CG  1 ? 
ATOM   804  C  CD1 . PHE A 1 94  ? -0.211  -5.466  -4.917  1.000 13.427 ? 133 PHE AAA CD1 1 ? 
ATOM   805  C  CD2 . PHE A 1 94  ? 0.657   -3.612  -6.127  1.000 11.705 ? 133 PHE AAA CD2 1 ? 
ATOM   806  C  CE1 . PHE A 1 94  ? -1.492  -4.938  -5.007  1.000 14.875 ? 133 PHE AAA CE1 1 ? 
ATOM   807  C  CE2 . PHE A 1 94  ? -0.625  -3.074  -6.192  1.000 13.005 ? 133 PHE AAA CE2 1 ? 
ATOM   808  C  CZ  . PHE A 1 94  ? -1.695  -3.735  -5.644  1.000 13.775 ? 133 PHE AAA CZ  1 ? 
ATOM   809  N  N   . THR A 1 95  ? 5.111   -5.904  -4.136  1.000 11.957 ? 134 THR AAA N   1 ? 
ATOM   810  C  CA  A THR A 1 95  ? 6.367   -6.623  -4.231  0.500 13.042 ? 134 THR AAA CA  1 ? 
ATOM   811  C  CA  B THR A 1 95  ? 6.418   -6.548  -4.184  0.500 11.698 ? 134 THR AAA CA  1 ? 
ATOM   812  C  C   . THR A 1 95  ? 6.663   -7.302  -2.890  1.000 12.178 ? 134 THR AAA C   1 ? 
ATOM   813  O  O   . THR A 1 95  ? 7.165   -8.429  -2.894  1.000 12.945 ? 134 THR AAA O   1 ? 
ATOM   814  C  CB  A THR A 1 95  ? 7.432   -5.766  -4.934  0.500 14.563 ? 134 THR AAA CB  1 ? 
ATOM   815  C  CB  B THR A 1 95  ? 7.570   -5.550  -4.377  0.500 10.671 ? 134 THR AAA CB  1 ? 
ATOM   816  O  OG1 A THR A 1 95  ? 7.565   -4.619  -4.110  0.500 20.369 ? 134 THR AAA OG1 1 ? 
ATOM   817  O  OG1 B THR A 1 95  ? 7.312   -4.938  -5.636  0.500 13.425 ? 134 THR AAA OG1 1 ? 
ATOM   818  C  CG2 A THR A 1 95  ? 7.030   -5.377  -6.342  0.500 15.080 ? 134 THR AAA CG2 1 ? 
ATOM   819  C  CG2 B THR A 1 95  ? 8.921   -6.233  -4.427  0.500 11.950 ? 134 THR AAA CG2 1 ? 
ATOM   820  N  N   . ASN A 1 96  ? 6.357   -6.683  -1.743  1.000 11.384 ? 135 ASN AAA N   1 ? 
ATOM   821  C  CA  . ASN A 1 96  ? 6.605   -7.354  -0.477  1.000 12.446 ? 135 ASN AAA CA  1 ? 
ATOM   822  C  C   . ASN A 1 96  ? 5.865   -8.691  -0.406  1.000 11.194 ? 135 ASN AAA C   1 ? 
ATOM   823  O  O   . ASN A 1 96  ? 6.394   -9.699  0.057   1.000 12.107 ? 135 ASN AAA O   1 ? 
ATOM   824  C  CB  . ASN A 1 96  ? 6.113   -6.478  0.668   1.000 12.798 ? 135 ASN AAA CB  1 ? 
ATOM   825  C  CG  . ASN A 1 96  ? 6.953   -5.227  0.954   1.000 12.951 ? 135 ASN AAA CG  1 ? 
ATOM   826  O  OD1 . ASN A 1 96  ? 8.061   -5.119  0.470   1.000 15.178 ? 135 ASN AAA OD1 1 ? 
ATOM   827  N  ND2 . ASN A 1 96  ? 6.345   -4.353  1.723   1.000 16.158 ? 135 ASN AAA ND2 1 ? 
ATOM   828  N  N   . CYS A 1 97  ? 4.623   -8.702  -0.873  1.000 11.188 ? 136 CYS AAA N   1 ? 
ATOM   829  C  CA  . CYS A 1 97  ? 3.782   -9.894  -0.845  1.000 10.938 ? 136 CYS AAA CA  1 ? 
ATOM   830  C  C   . CYS A 1 97  ? 4.422   -10.991 -1.714  1.000 10.687 ? 136 CYS AAA C   1 ? 
ATOM   831  O  O   . CYS A 1 97  ? 4.505   -12.151 -1.308  1.000 11.419 ? 136 CYS AAA O   1 ? 
ATOM   832  C  CB  . CYS A 1 97  ? 2.380   -9.523  -1.299  1.000 11.127 ? 136 CYS AAA CB  1 ? 
ATOM   833  S  SG  . CYS A 1 97  ? 1.235   -10.894 -1.141  1.000 13.388 ? 136 CYS AAA SG  1 ? 
ATOM   834  N  N   . TYR A 1 98  ? 4.890   -10.579 -2.890  1.000 10.884 ? 137 TYR AAA N   1 ? 
ATOM   835  C  CA  . TYR A 1 98  ? 5.454   -11.533 -3.833  1.000 12.533 ? 137 TYR AAA CA  1 ? 
ATOM   836  C  C   . TYR A 1 98  ? 6.807   -12.054 -3.380  1.000 13.583 ? 137 TYR AAA C   1 ? 
ATOM   837  O  O   . TYR A 1 98  ? 7.167   -13.191 -3.746  1.000 15.787 ? 137 TYR AAA O   1 ? 
ATOM   838  C  CB  . TYR A 1 98  ? 5.571   -10.957 -5.240  1.000 12.416 ? 137 TYR AAA CB  1 ? 
ATOM   839  C  CG  . TYR A 1 98  ? 4.262   -10.428 -5.760  1.000 12.026 ? 137 TYR AAA CG  1 ? 
ATOM   840  C  CD1 . TYR A 1 98  ? 3.042   -10.987 -5.430  1.000 12.115 ? 137 TYR AAA CD1 1 ? 
ATOM   841  C  CD2 . TYR A 1 98  ? 4.275   -9.338  -6.596  1.000 11.625 ? 137 TYR AAA CD2 1 ? 
ATOM   842  C  CE1 . TYR A 1 98  ? 1.841   -10.495 -5.926  1.000 12.993 ? 137 TYR AAA CE1 1 ? 
ATOM   843  C  CE2 . TYR A 1 98  ? 3.088   -8.829  -7.110  1.000 13.310 ? 137 TYR AAA CE2 1 ? 
ATOM   844  C  CZ  . TYR A 1 98  ? 1.867   -9.389  -6.756  1.000 12.309 ? 137 TYR AAA CZ  1 ? 
ATOM   845  O  OH  . TYR A 1 98  ? 0.644   -8.908  -7.204  1.000 15.569 ? 137 TYR AAA OH  1 ? 
ATOM   846  N  N   . ILE A 1 99  ? 7.554   -11.274 -2.612  1.000 12.324 ? 138 ILE AAA N   1 ? 
ATOM   847  C  CA  . ILE A 1 99  ? 8.860   -11.725 -2.123  1.000 14.521 ? 138 ILE AAA CA  1 ? 
ATOM   848  C  C   . ILE A 1 99  ? 8.690   -12.638 -0.926  1.000 14.005 ? 138 ILE AAA C   1 ? 
ATOM   849  O  O   . ILE A 1 99  ? 9.386   -13.653 -0.865  1.000 16.056 ? 138 ILE AAA O   1 ? 
ATOM   850  C  CB  . ILE A 1 99  ? 9.716   -10.495 -1.728  1.000 16.885 ? 138 ILE AAA CB  1 ? 
ATOM   851  C  CG1 . ILE A 1 99  ? 10.177  -9.784  -2.993  1.000 19.953 ? 138 ILE AAA CG1 1 ? 
ATOM   852  C  CG2 . ILE A 1 99  ? 10.898  -10.830 -0.807  1.000 19.239 ? 138 ILE AAA CG2 1 ? 
ATOM   853  C  CD1 . ILE A 1 99  ? 11.012  -8.570  -2.751  1.000 25.965 ? 138 ILE AAA CD1 1 ? 
ATOM   854  N  N   . TYR A 1 100 ? 7.751   -12.320 -0.037  1.000 13.252 ? 139 TYR AAA N   1 ? 
ATOM   855  C  CA  . TYR A 1 100 ? 7.640   -13.080 1.204   1.000 12.214 ? 139 TYR AAA CA  1 ? 
ATOM   856  C  C   . TYR A 1 100 ? 6.974   -14.436 0.966   1.000 14.014 ? 139 TYR AAA C   1 ? 
ATOM   857  O  O   . TYR A 1 100 ? 7.344   -15.427 1.631   1.000 14.118 ? 139 TYR AAA O   1 ? 
ATOM   858  C  CB  . TYR A 1 100 ? 6.871   -12.301 2.276   1.000 13.519 ? 139 TYR AAA CB  1 ? 
ATOM   859  C  CG  . TYR A 1 100 ? 6.906   -13.043 3.582   1.000 13.723 ? 139 TYR AAA CG  1 ? 
ATOM   860  C  CD1 . TYR A 1 100 ? 8.072   -13.063 4.360   1.000 14.123 ? 139 TYR AAA CD1 1 ? 
ATOM   861  C  CD2 . TYR A 1 100 ? 5.788   -13.715 4.042   1.000 14.092 ? 139 TYR AAA CD2 1 ? 
ATOM   862  C  CE1 . TYR A 1 100 ? 8.138   -13.791 5.533   1.000 14.655 ? 139 TYR AAA CE1 1 ? 
ATOM   863  C  CE2 . TYR A 1 100 ? 5.824   -14.467 5.222   1.000 14.374 ? 139 TYR AAA CE2 1 ? 
ATOM   864  C  CZ  . TYR A 1 100 ? 7.011   -14.471 5.962   1.000 14.175 ? 139 TYR AAA CZ  1 ? 
ATOM   865  O  OH  . TYR A 1 100 ? 7.033   -15.234 7.115   1.000 17.360 ? 139 TYR AAA OH  1 ? 
ATOM   866  N  N   . ASN A 1 101 ? 5.963   -14.489 0.096   1.000 13.845 ? 140 ASN AAA N   1 ? 
ATOM   867  C  CA  . ASN A 1 101 ? 5.033   -15.630 -0.010  1.000 13.704 ? 140 ASN AAA CA  1 ? 
ATOM   868  C  C   . ASN A 1 101 ? 5.366   -16.456 -1.255  1.000 15.335 ? 140 ASN AAA C   1 ? 
ATOM   869  O  O   . ASN A 1 101 ? 5.922   -15.968 -2.245  1.000 19.371 ? 140 ASN AAA O   1 ? 
ATOM   870  C  CB  . ASN A 1 101 ? 3.584   -15.134 -0.020  1.000 12.347 ? 140 ASN AAA CB  1 ? 
ATOM   871  C  CG  . ASN A 1 101 ? 3.262   -14.379 1.247   1.000 12.549 ? 140 ASN AAA CG  1 ? 
ATOM   872  O  OD1 . ASN A 1 101 ? 3.112   -14.988 2.302   1.000 14.245 ? 140 ASN AAA OD1 1 ? 
ATOM   873  N  ND2 . ASN A 1 101 ? 3.138   -13.068 1.156   1.000 13.325 ? 140 ASN AAA ND2 1 ? 
ATOM   874  N  N   . LYS A 1 102 ? 4.968   -17.715 -1.277  1.000 15.955 ? 141 LYS AAA N   1 ? 
ATOM   875  C  CA  . LYS A 1 102 ? 5.178   -18.616 -2.411  1.000 16.024 ? 141 LYS AAA CA  1 ? 
ATOM   876  C  C   . LYS A 1 102 ? 4.239   -18.252 -3.559  1.000 14.958 ? 141 LYS AAA C   1 ? 
ATOM   877  O  O   . LYS A 1 102 ? 3.065   -17.905 -3.338  1.000 14.472 ? 141 LYS AAA O   1 ? 
ATOM   878  C  CB  . LYS A 1 102 ? 4.946   -20.057 -1.970  1.000 17.430 ? 141 LYS AAA CB  1 ? 
ATOM   879  C  CG  . LYS A 1 102 ? 6.077   -20.603 -1.094  1.000 26.367 ? 141 LYS AAA CG  1 ? 
ATOM   880  C  CD  . LYS A 1 102 ? 5.930   -22.013 -0.585  0.500 26.988 ? 141 LYS AAA CD  1 ? 
ATOM   881  C  CE  . LYS A 1 102 ? 6.339   -22.098 0.869   0.500 30.905 ? 141 LYS AAA CE  1 ? 
ATOM   882  N  NZ  . LYS A 1 102 ? 6.307   -23.485 1.380   1.000 39.788 ? 141 LYS AAA NZ  1 ? 
ATOM   883  N  N   . PRO A 1 103 ? 4.664   -18.342 -4.835  1.000 15.042 ? 142 PRO AAA N   1 ? 
ATOM   884  C  CA  . PRO A 1 103 ? 3.770   -18.091 -5.952  1.000 16.464 ? 142 PRO AAA CA  1 ? 
ATOM   885  C  C   . PRO A 1 103 ? 2.581   -19.033 -5.858  1.000 17.740 ? 142 PRO AAA C   1 ? 
ATOM   886  O  O   . PRO A 1 103 ? 2.722   -20.179 -5.448  1.000 19.336 ? 142 PRO AAA O   1 ? 
ATOM   887  C  CB  . PRO A 1 103 ? 4.606   -18.437 -7.211  1.000 19.329 ? 142 PRO AAA CB  1 ? 
ATOM   888  C  CG  . PRO A 1 103 ? 6.022   -18.408 -6.752  1.000 19.959 ? 142 PRO AAA CG  1 ? 
ATOM   889  C  CD  . PRO A 1 103 ? 6.031   -18.721 -5.270  1.000 17.289 ? 142 PRO AAA CD  1 ? 
ATOM   890  N  N   . GLY A 1 104 ? 1.399   -18.542 -6.209  1.000 21.126 ? 143 GLY AAA N   1 ? 
ATOM   891  C  CA  . GLY A 1 104 ? 0.274   -19.450 -6.064  1.000 21.159 ? 143 GLY AAA CA  1 ? 
ATOM   892  C  C   . GLY A 1 104 ? -0.342  -19.553 -4.662  1.000 20.608 ? 143 GLY AAA C   1 ? 
ATOM   893  O  O   . GLY A 1 104 ? -1.469  -20.049 -4.583  1.000 23.473 ? 143 GLY AAA O   1 ? 
ATOM   894  N  N   . ASP A 1 105 ? 0.313   -19.072 -3.584  1.000 16.950 ? 144 ASP AAA N   1 ? 
ATOM   895  C  CA  . ASP A 1 105 ? -0.323  -18.978 -2.287  1.000 17.403 ? 144 ASP AAA CA  1 ? 
ATOM   896  C  C   . ASP A 1 105 ? -1.555  -18.075 -2.375  1.000 14.517 ? 144 ASP AAA C   1 ? 
ATOM   897  O  O   . ASP A 1 105 ? -1.614  -17.129 -3.166  1.000 13.234 ? 144 ASP AAA O   1 ? 
ATOM   898  C  CB  . ASP A 1 105 ? 0.544   -18.320 -1.207  1.000 18.180 ? 144 ASP AAA CB  1 ? 
ATOM   899  C  CG  . ASP A 1 105 ? 1.633   -19.177 -0.602  1.000 23.132 ? 144 ASP AAA CG  1 ? 
ATOM   900  O  OD1 . ASP A 1 105 ? 1.633   -20.367 -0.897  1.000 22.956 ? 144 ASP AAA OD1 1 ? 
ATOM   901  O  OD2 . ASP A 1 105 ? 2.454   -18.608 0.175   1.000 23.377 ? 144 ASP AAA OD2 1 ? 
ATOM   902  N  N   . ASP A 1 106 ? -2.617  -18.332 -1.586  1.000 13.462 ? 145 ASP AAA N   1 ? 
ATOM   903  C  CA  . ASP A 1 106 ? -3.810  -17.503 -1.604  1.000 13.003 ? 145 ASP AAA CA  1 ? 
ATOM   904  C  C   . ASP A 1 106 ? -3.446  -16.019 -1.509  1.000 13.261 ? 145 ASP AAA C   1 ? 
ATOM   905  O  O   . ASP A 1 106 ? -4.038  -15.216 -2.226  1.000 13.721 ? 145 ASP AAA O   1 ? 
ATOM   906  C  CB  . ASP A 1 106 ? -4.756  -17.850 -0.444  1.000 13.782 ? 145 ASP AAA CB  1 ? 
ATOM   907  C  CG  . ASP A 1 106 ? -5.539  -19.139 -0.665  1.000 16.013 ? 145 ASP AAA CG  1 ? 
ATOM   908  O  OD1 . ASP A 1 106 ? -5.524  -19.672 -1.787  1.000 14.284 ? 145 ASP AAA OD1 1 ? 
ATOM   909  O  OD2 . ASP A 1 106 ? -6.062  -19.628 0.365   1.000 16.415 ? 145 ASP AAA OD2 1 ? 
ATOM   910  N  N   . ILE A 1 107 ? -2.514  -15.650 -0.621  1.000 12.164 ? 146 ILE AAA N   1 ? 
ATOM   911  C  CA  . ILE A 1 107 ? -2.276  -14.209 -0.410  1.000 13.191 ? 146 ILE AAA CA  1 ? 
ATOM   912  C  C   . ILE A 1 107 ? -1.690  -13.584 -1.683  1.000 11.807 ? 146 ILE AAA C   1 ? 
ATOM   913  O  O   . ILE A 1 107 ? -2.010  -12.444 -2.027  1.000 11.818 ? 146 ILE AAA O   1 ? 
ATOM   914  C  CB  . ILE A 1 107 ? -1.395  -13.979 0.829   1.000 13.601 ? 146 ILE AAA CB  1 ? 
ATOM   915  C  CG1 . ILE A 1 107 ? -1.282  -12.487 1.160   1.000 16.652 ? 146 ILE AAA CG1 1 ? 
ATOM   916  C  CG2 . ILE A 1 107 ? -0.017  -14.600 0.656   1.000 14.777 ? 146 ILE AAA CG2 1 ? 
ATOM   917  C  CD1 . ILE A 1 107 ? -2.474  -11.924 1.877   1.000 16.979 ? 146 ILE AAA CD1 1 ? 
ATOM   918  N  N   . VAL A 1 108 ? -0.921  -14.378 -2.429  1.000 11.229 ? 147 VAL AAA N   1 ? 
ATOM   919  C  CA  . VAL A 1 108 ? -0.348  -13.887 -3.669  1.000 11.578 ? 147 VAL AAA CA  1 ? 
ATOM   920  C  C   . VAL A 1 108 ? -1.429  -13.755 -4.728  1.000 11.354 ? 147 VAL AAA C   1 ? 
ATOM   921  O  O   . VAL A 1 108 ? -1.461  -12.761 -5.456  1.000 11.581 ? 147 VAL AAA O   1 ? 
ATOM   922  C  CB  . VAL A 1 108 ? 0.774   -14.809 -4.137  1.000 11.450 ? 147 VAL AAA CB  1 ? 
ATOM   923  C  CG1 . VAL A 1 108 ? 1.262   -14.481 -5.537  1.000 12.041 ? 147 VAL AAA CG1 1 ? 
ATOM   924  C  CG2 . VAL A 1 108 ? 1.935   -14.709 -3.143  1.000 13.507 ? 147 VAL AAA CG2 1 ? 
ATOM   925  N  N   . LEU A 1 109 ? -2.364  -14.716 -4.802  1.000 12.058 ? 148 LEU AAA N   1 ? 
ATOM   926  C  CA  . LEU A 1 109 ? -3.452  -14.571 -5.782  1.000 12.890 ? 148 LEU AAA CA  1 ? 
ATOM   927  C  C   . LEU A 1 109 ? -4.326  -13.367 -5.431  1.000 12.031 ? 148 LEU AAA C   1 ? 
ATOM   928  O  O   . LEU A 1 109 ? -4.788  -12.658 -6.328  1.000 12.226 ? 148 LEU AAA O   1 ? 
ATOM   929  C  CB  . LEU A 1 109 ? -4.339  -15.827 -5.722  1.000 14.357 ? 148 LEU AAA CB  1 ? 
ATOM   930  C  CG  . LEU A 1 109 ? -3.671  -17.127 -6.178  1.000 17.477 ? 148 LEU AAA CG  1 ? 
ATOM   931  C  CD1 . LEU A 1 109 ? -4.642  -18.295 -5.894  1.000 18.132 ? 148 LEU AAA CD1 1 ? 
ATOM   932  C  CD2 . LEU A 1 109 ? -3.281  -17.020 -7.652  1.000 23.022 ? 148 LEU AAA CD2 1 ? 
ATOM   933  N  N   . MET A 1 110 ? -4.478  -13.063 -4.139  1.000 11.887 ? 149 MET AAA N   1 ? 
ATOM   934  C  CA  . MET A 1 110 ? -5.246  -11.903 -3.728  1.000 11.529 ? 149 MET AAA CA  1 ? 
ATOM   935  C  C   . MET A 1 110 ? -4.549  -10.611 -4.144  1.000 11.051 ? 149 MET AAA C   1 ? 
ATOM   936  O  O   . MET A 1 110 ? -5.158  -9.708  -4.711  1.000 11.253 ? 149 MET AAA O   1 ? 
ATOM   937  C  CB  . MET A 1 110 ? -5.486  -11.924 -2.223  1.000 11.711 ? 149 MET AAA CB  1 ? 
ATOM   938  C  CG  . MET A 1 110 ? -6.405  -13.139 -1.851  1.000 12.875 ? 149 MET AAA CG  1 ? 
ATOM   939  S  SD  . MET A 1 110 ? -6.434  -13.510 -0.067  1.000 14.735 ? 149 MET AAA SD  1 ? 
ATOM   940  C  CE  . MET A 1 110 ? -7.756  -12.421 0.377   1.000 15.115 ? 149 MET AAA CE  1 ? 
ATOM   941  N  N   . ALA A 1 111 ? -3.235  -10.527 -3.840  1.000 10.921 ? 150 ALA AAA N   1 ? 
ATOM   942  C  CA  . ALA A 1 111 ? -2.440  -9.375  -4.251  1.000 10.426 ? 150 ALA AAA CA  1 ? 
ATOM   943  C  C   . ALA A 1 111 ? -2.511  -9.234  -5.767  1.000 11.189 ? 150 ALA AAA C   1 ? 
ATOM   944  O  O   . ALA A 1 111 ? -2.598  -8.112  -6.274  1.000 12.203 ? 150 ALA AAA O   1 ? 
ATOM   945  C  CB  . ALA A 1 111 ? -0.988  -9.480  -3.821  1.000 10.887 ? 150 ALA AAA CB  1 ? 
ATOM   946  N  N   . GLU A 1 112 ? -2.374  -10.300 -6.538  1.000 11.840 ? 151 GLU AAA N   1 ? 
ATOM   947  C  CA  . GLU A 1 112 ? -2.375  -10.191 -7.982  1.000 12.967 ? 151 GLU AAA CA  1 ? 
ATOM   948  C  C   . GLU A 1 112 ? -3.688  -9.639  -8.517  1.000 11.955 ? 151 GLU AAA C   1 ? 
ATOM   949  O  O   . GLU A 1 112 ? -3.680  -8.886  -9.484  1.000 12.909 ? 151 GLU AAA O   1 ? 
ATOM   950  C  CB  . GLU A 1 112 ? -2.159  -11.548 -8.647  1.000 14.180 ? 151 GLU AAA CB  1 ? 
ATOM   951  C  CG  . GLU A 1 112 ? -0.717  -11.986 -8.503  1.000 16.170 ? 151 GLU AAA CG  1 ? 
ATOM   952  C  CD  . GLU A 1 112 ? -0.368  -13.394 -8.962  1.000 18.877 ? 151 GLU AAA CD  1 ? 
ATOM   953  O  OE1 . GLU A 1 112 ? -1.282  -14.213 -9.039  1.000 23.529 ? 151 GLU AAA OE1 1 ? 
ATOM   954  O  OE2 . GLU A 1 112 ? 0.825   -13.634 -9.219  1.000 25.184 ? 151 GLU AAA OE2 1 ? 
ATOM   955  N  N   . ALA A 1 113 ? -4.830  -9.980  -7.902  1.000 12.077 ? 152 ALA AAA N   1 ? 
ATOM   956  C  CA  . ALA A 1 113 ? -6.117  -9.418  -8.288  1.000 12.728 ? 152 ALA AAA CA  1 ? 
ATOM   957  C  C   . ALA A 1 113 ? -6.171  -7.909  -8.070  1.000 12.246 ? 152 ALA AAA C   1 ? 
ATOM   958  O  O   . ALA A 1 113 ? -6.627  -7.138  -8.938  1.000 13.061 ? 152 ALA AAA O   1 ? 
ATOM   959  C  CB  . ALA A 1 113 ? -7.243  -10.124 -7.563  1.000 14.566 ? 152 ALA AAA CB  1 ? 
ATOM   960  N  N   A LEU A 1 114 ? -5.682  -7.469  -6.903  0.500 11.787 ? 153 LEU AAA N   1 ? 
ATOM   961  N  N   B LEU A 1 114 ? -5.695  -7.458  -6.895  0.500 11.468 ? 153 LEU AAA N   1 ? 
ATOM   962  C  CA  A LEU A 1 114 ? -5.609  -6.041  -6.626  0.500 12.121 ? 153 LEU AAA CA  1 ? 
ATOM   963  C  CA  B LEU A 1 114 ? -5.637  -6.021  -6.638  0.500 11.554 ? 153 LEU AAA CA  1 ? 
ATOM   964  C  C   A LEU A 1 114 ? -4.654  -5.336  -7.590  0.500 11.513 ? 153 LEU AAA C   1 ? 
ATOM   965  C  C   B LEU A 1 114 ? -4.655  -5.329  -7.587  0.500 11.242 ? 153 LEU AAA C   1 ? 
ATOM   966  O  O   A LEU A 1 114 ? -4.948  -4.226  -8.039  0.500 11.771 ? 153 LEU AAA O   1 ? 
ATOM   967  O  O   B LEU A 1 114 ? -4.937  -4.215  -8.029  0.500 11.631 ? 153 LEU AAA O   1 ? 
ATOM   968  C  CB  A LEU A 1 114 ? -5.151  -5.845  -5.170  0.500 13.067 ? 153 LEU AAA CB  1 ? 
ATOM   969  C  CB  B LEU A 1 114 ? -5.273  -5.723  -5.165  0.500 12.007 ? 153 LEU AAA CB  1 ? 
ATOM   970  C  CG  A LEU A 1 114 ? -6.096  -6.425  -4.115  0.500 13.207 ? 153 LEU AAA CG  1 ? 
ATOM   971  C  CG  B LEU A 1 114 ? -6.449  -5.578  -4.182  0.500 11.418 ? 153 LEU AAA CG  1 ? 
ATOM   972  C  CD1 A LEU A 1 114 ? -5.532  -6.274  -2.723  0.500 14.650 ? 153 LEU AAA CD1 1 ? 
ATOM   973  C  CD1 B LEU A 1 114 ? -7.190  -6.899  -3.996  0.500 12.010 ? 153 LEU AAA CD1 1 ? 
ATOM   974  C  CD2 A LEU A 1 114 ? -7.493  -5.811  -4.229  0.500 13.691 ? 153 LEU AAA CD2 1 ? 
ATOM   975  C  CD2 B LEU A 1 114 ? -5.962  -5.046  -2.839  0.500 11.719 ? 153 LEU AAA CD2 1 ? 
ATOM   976  N  N   . GLU A 1 115 ? -3.526  -5.969  -7.915  1.000 11.680 ? 154 GLU AAA N   1 ? 
ATOM   977  C  CA  . GLU A 1 115 ? -2.524  -5.319  -8.764  1.000 12.198 ? 154 GLU AAA CA  1 ? 
ATOM   978  C  C   . GLU A 1 115 ? -3.062  -5.182  -10.188 1.000 12.273 ? 154 GLU AAA C   1 ? 
ATOM   979  O  O   . GLU A 1 115 ? -2.797  -4.190  -10.851 1.000 11.767 ? 154 GLU AAA O   1 ? 
ATOM   980  C  CB  . GLU A 1 115 ? -1.263  -6.147  -8.778  1.000 12.621 ? 154 GLU AAA CB  1 ? 
ATOM   981  C  CG  . GLU A 1 115 ? -0.167  -5.410  -9.562  1.000 14.246 ? 154 GLU AAA CG  1 ? 
ATOM   982  C  CD  . GLU A 1 115 ? 1.152   -6.142  -9.590  1.000 16.972 ? 154 GLU AAA CD  1 ? 
ATOM   983  O  OE1 . GLU A 1 115 ? 1.177   -7.349  -9.404  1.000 17.355 ? 154 GLU AAA OE1 1 ? 
ATOM   984  O  OE2 . GLU A 1 115 ? 2.177   -5.435  -9.872  1.000 22.300 ? 154 GLU AAA OE2 1 ? 
ATOM   985  N  N   . LYS A 1 116 ? -3.846  -6.151  -10.666 1.000 11.571 ? 155 LYS AAA N   1 ? 
ATOM   986  C  CA  . LYS A 1 116 ? -4.418  -6.030  -11.997 1.000 12.684 ? 155 LYS AAA CA  1 ? 
ATOM   987  C  C   . LYS A 1 116 ? -5.338  -4.814  -12.058 1.000 12.619 ? 155 LYS AAA C   1 ? 
ATOM   988  O  O   . LYS A 1 116 ? -5.316  -4.046  -13.019 1.000 12.563 ? 155 LYS AAA O   1 ? 
ATOM   989  C  CB  . LYS A 1 116 ? -5.208  -7.310  -12.301 1.000 15.357 ? 155 LYS AAA CB  1 ? 
ATOM   990  C  CG  . LYS A 1 116 ? -5.825  -7.277  -13.688 1.000 17.072 ? 155 LYS AAA CG  1 ? 
ATOM   991  C  CD  . LYS A 1 116 ? -6.335  -8.671  -14.034 1.000 19.560 ? 155 LYS AAA CD  1 ? 
ATOM   992  C  CE  . LYS A 1 116 ? -6.873  -8.743  -15.457 1.000 22.677 ? 155 LYS AAA CE  1 ? 
ATOM   993  N  NZ  . LYS A 1 116 ? -7.828  -9.859  -15.574 1.000 34.339 ? 155 LYS AAA NZ  1 ? 
ATOM   994  N  N   A LEU A 1 117 ? -6.158  -4.617  -11.026 0.500 12.265 ? 156 LEU AAA N   1 ? 
ATOM   995  N  N   B LEU A 1 117 ? -6.147  -4.603  -11.020 0.500 12.675 ? 156 LEU AAA N   1 ? 
ATOM   996  C  CA  A LEU A 1 117 ? -7.033  -3.456  -10.981 0.500 12.795 ? 156 LEU AAA CA  1 ? 
ATOM   997  C  CA  B LEU A 1 117 ? -7.036  -3.452  -10.985 0.500 13.517 ? 156 LEU AAA CA  1 ? 
ATOM   998  C  C   A LEU A 1 117 ? -6.189  -2.189  -10.929 0.500 12.587 ? 156 LEU AAA C   1 ? 
ATOM   999  C  C   B LEU A 1 117 ? -6.206  -2.176  -10.909 0.500 12.986 ? 156 LEU AAA C   1 ? 
ATOM   1000 O  O   A LEU A 1 117 ? -6.489  -1.180  -11.581 0.500 12.565 ? 156 LEU AAA O   1 ? 
ATOM   1001 O  O   B LEU A 1 117 ? -6.534  -1.151  -11.520 0.500 12.464 ? 156 LEU AAA O   1 ? 
ATOM   1002 C  CB  A LEU A 1 117 ? -7.951  -3.545  -9.756  0.500 14.396 ? 156 LEU AAA CB  1 ? 
ATOM   1003 C  CB  B LEU A 1 117 ? -7.955  -3.564  -9.765  0.500 15.869 ? 156 LEU AAA CB  1 ? 
ATOM   1004 C  CG  A LEU A 1 117 ? -9.233  -4.355  -9.903  0.500 17.902 ? 156 LEU AAA CG  1 ? 
ATOM   1005 C  CG  B LEU A 1 117 ? -9.433  -3.286  -9.998  0.500 22.103 ? 156 LEU AAA CG  1 ? 
ATOM   1006 C  CD1 A LEU A 1 117 ? -9.718  -4.728  -8.521  0.500 20.891 ? 156 LEU AAA CD1 1 ? 
ATOM   1007 C  CD1 B LEU A 1 117 ? -10.019 -4.372  -10.920 0.500 20.727 ? 156 LEU AAA CD1 1 ? 
ATOM   1008 C  CD2 A LEU A 1 117 ? -10.283 -3.483  -10.616 0.500 19.882 ? 156 LEU AAA CD2 1 ? 
ATOM   1009 C  CD2 B LEU A 1 117 ? -10.142 -3.315  -8.651  0.500 23.811 ? 156 LEU AAA CD2 1 ? 
ATOM   1010 N  N   . PHE A 1 118 ? -5.189  -2.210  -10.039 1.000 12.017 ? 157 PHE AAA N   1 ? 
ATOM   1011 C  CA  . PHE A 1 118 ? -4.278  -1.076  -9.878  1.000 12.850 ? 157 PHE AAA CA  1 ? 
ATOM   1012 C  C   . PHE A 1 118 ? -3.730  -0.623  -11.217 1.000 11.381 ? 157 PHE AAA C   1 ? 
ATOM   1013 O  O   . PHE A 1 118 ? -3.703  0.587   -11.504 1.000 12.754 ? 157 PHE AAA O   1 ? 
ATOM   1014 C  CB  . PHE A 1 118 ? -3.181  -1.405  -8.843  1.000 12.543 ? 157 PHE AAA CB  1 ? 
ATOM   1015 C  CG  . PHE A 1 118 ? -2.173  -0.302  -8.652  1.000 12.057 ? 157 PHE AAA CG  1 ? 
ATOM   1016 C  CD1 . PHE A 1 118 ? -2.502  0.797   -7.880  1.000 13.524 ? 157 PHE AAA CD1 1 ? 
ATOM   1017 C  CD2 . PHE A 1 118 ? -0.923  -0.388  -9.228  1.000 15.584 ? 157 PHE AAA CD2 1 ? 
ATOM   1018 C  CE1 . PHE A 1 118 ? -1.574  1.840   -7.709  1.000 14.512 ? 157 PHE AAA CE1 1 ? 
ATOM   1019 C  CE2 . PHE A 1 118 ? 0.021   0.627   -9.014  1.000 18.379 ? 157 PHE AAA CE2 1 ? 
ATOM   1020 C  CZ  . PHE A 1 118 ? -0.334  1.720   -8.261  1.000 18.104 ? 157 PHE AAA CZ  1 ? 
ATOM   1021 N  N   . LEU A 1 119 ? -3.177  -1.556  -11.955 1.000 12.561 ? 158 LEU AAA N   1 ? 
ATOM   1022 C  CA  . LEU A 1 119 ? -2.503  -1.249  -13.214 1.000 14.219 ? 158 LEU AAA CA  1 ? 
ATOM   1023 C  C   . LEU A 1 119 ? -3.486  -0.599  -14.191 1.000 15.134 ? 158 LEU AAA C   1 ? 
ATOM   1024 O  O   . LEU A 1 119 ? -3.149  0.400   -14.860 1.000 14.816 ? 158 LEU AAA O   1 ? 
ATOM   1025 C  CB  . LEU A 1 119 ? -1.817  -2.485  -13.805 1.000 17.212 ? 158 LEU AAA CB  1 ? 
ATOM   1026 C  CG  . LEU A 1 119 ? -1.085  -2.285  -15.139 1.000 22.962 ? 158 LEU AAA CG  1 ? 
ATOM   1027 C  CD1 . LEU A 1 119 ? -0.091  -1.146  -14.977 1.000 25.628 ? 158 LEU AAA CD1 1 ? 
ATOM   1028 C  CD2 . LEU A 1 119 ? -0.354  -3.572  -15.511 1.000 24.147 ? 158 LEU AAA CD2 1 ? 
ATOM   1029 N  N   . GLN A 1 120 ? -4.697  -1.132  -14.262 1.000 13.499 ? 159 GLN AAA N   1 ? 
ATOM   1030 C  CA  . GLN A 1 120 ? -5.708  -0.585  -15.174 1.000 15.268 ? 159 GLN AAA CA  1 ? 
ATOM   1031 C  C   . GLN A 1 120 ? -5.967  0.870   -14.792 1.000 14.971 ? 159 GLN AAA C   1 ? 
ATOM   1032 O  O   . GLN A 1 120 ? -6.029  1.765   -15.666 1.000 15.911 ? 159 GLN AAA O   1 ? 
ATOM   1033 C  CB  . GLN A 1 120 ? -7.016  -1.376  -14.998 1.000 17.897 ? 159 GLN AAA CB  1 ? 
ATOM   1034 C  CG  . GLN A 1 120 ? -7.076  -2.801  -15.544 1.000 25.340 ? 159 GLN AAA CG  1 ? 
ATOM   1035 C  CD  . GLN A 1 120 ? -8.375  -3.532  -15.275 0.500 26.797 ? 159 GLN AAA CD  1 ? 
ATOM   1036 O  OE1 . GLN A 1 120 ? -9.267  -3.071  -14.550 0.500 32.042 ? 159 GLN AAA OE1 1 ? 
ATOM   1037 N  NE2 . GLN A 1 120 ? -8.505  -4.706  -15.883 0.500 28.717 ? 159 GLN AAA NE2 1 ? 
ATOM   1038 N  N   . LYS A 1 121 ? -6.077  1.153   -13.486 1.000 14.616 ? 160 LYS AAA N   1 ? 
ATOM   1039 C  CA  . LYS A 1 121 ? -6.417  2.498   -13.049 1.000 14.578 ? 160 LYS AAA CA  1 ? 
ATOM   1040 C  C   . LYS A 1 121 ? -5.210  3.409   -13.223 1.000 15.873 ? 160 LYS AAA C   1 ? 
ATOM   1041 O  O   . LYS A 1 121 ? -5.390  4.580   -13.612 1.000 15.413 ? 160 LYS AAA O   1 ? 
ATOM   1042 C  CB  . LYS A 1 121 ? -6.883  2.527   -11.591 1.000 15.984 ? 160 LYS AAA CB  1 ? 
ATOM   1043 C  CG  . LYS A 1 121 ? -8.120  1.715   -11.288 1.000 19.955 ? 160 LYS AAA CG  1 ? 
ATOM   1044 C  CD  . LYS A 1 121 ? -9.235  2.171   -12.184 1.000 24.083 ? 160 LYS AAA CD  1 ? 
ATOM   1045 C  CE  . LYS A 1 121 ? -10.585 1.764   -11.649 1.000 25.465 ? 160 LYS AAA CE  1 ? 
ATOM   1046 N  NZ  . LYS A 1 121 ? -11.587 2.090   -12.680 1.000 32.474 ? 160 LYS AAA NZ  1 ? 
ATOM   1047 N  N   . ILE A 1 122 ? -3.976  2.931   -13.015 1.000 13.439 ? 161 ILE AAA N   1 ? 
ATOM   1048 C  CA  . ILE A 1 122 ? -2.800  3.788   -13.133 1.000 14.635 ? 161 ILE AAA CA  1 ? 
ATOM   1049 C  C   . ILE A 1 122 ? -2.466  4.108   -14.593 1.000 13.467 ? 161 ILE AAA C   1 ? 
ATOM   1050 O  O   . ILE A 1 122 ? -1.919  5.185   -14.906 1.000 14.309 ? 161 ILE AAA O   1 ? 
ATOM   1051 C  CB  . ILE A 1 122 ? -1.638  3.195   -12.335 1.000 16.904 ? 161 ILE AAA CB  1 ? 
ATOM   1052 C  CG1 . ILE A 1 122 ? -0.917  4.305   -11.575 1.000 22.433 ? 161 ILE AAA CG1 1 ? 
ATOM   1053 C  CG2 . ILE A 1 122 ? -0.703  2.330   -13.103 1.000 20.112 ? 161 ILE AAA CG2 1 ? 
ATOM   1054 C  CD1 . ILE A 1 122 ? -1.751  4.838   -10.437 1.000 23.199 ? 161 ILE AAA CD1 1 ? 
ATOM   1055 N  N   . ASN A 1 123 ? -2.853  3.224   -15.530 1.000 14.965 ? 162 ASN AAA N   1 ? 
ATOM   1056 C  CA  . ASN A 1 123 ? -2.700  3.528   -16.949 1.000 15.343 ? 162 ASN AAA CA  1 ? 
ATOM   1057 C  C   . ASN A 1 123 ? -3.529  4.757   -17.314 1.000 15.874 ? 162 ASN AAA C   1 ? 
ATOM   1058 O  O   . ASN A 1 123 ? -3.203  5.445   -18.303 1.000 16.506 ? 162 ASN AAA O   1 ? 
ATOM   1059 C  CB  . ASN A 1 123 ? -3.033  2.334   -17.846 1.000 17.995 ? 162 ASN AAA CB  1 ? 
ATOM   1060 C  CG  . ASN A 1 123 ? -1.933  1.302   -17.792 1.000 17.455 ? 162 ASN AAA CG  1 ? 
ATOM   1061 O  OD1 . ASN A 1 123 ? -0.781  1.591   -17.486 1.000 20.576 ? 162 ASN AAA OD1 1 ? 
ATOM   1062 N  ND2 . ASN A 1 123 ? -2.293  0.093   -18.178 1.000 19.565 ? 162 ASN AAA ND2 1 ? 
ATOM   1063 N  N   . GLU A 1 124 ? -4.592  5.032   -16.567 1.000 14.227 ? 163 GLU AAA N   1 ? 
ATOM   1064 C  CA  . GLU A 1 124 ? -5.495  6.161   -16.763 1.000 16.229 ? 163 GLU AAA CA  1 ? 
ATOM   1065 C  C   . GLU A 1 124 ? -5.195  7.321   -15.814 1.000 15.930 ? 163 GLU AAA C   1 ? 
ATOM   1066 O  O   . GLU A 1 124 ? -5.991  8.253   -15.725 1.000 16.226 ? 163 GLU AAA O   1 ? 
ATOM   1067 C  CB  . GLU A 1 124 ? -6.954  5.692   -16.667 1.000 17.712 ? 163 GLU AAA CB  1 ? 
ATOM   1068 C  CG  . GLU A 1 124 ? -7.393  4.832   -17.880 1.000 18.774 ? 163 GLU AAA CG  1 ? 
ATOM   1069 C  CD  . GLU A 1 124 ? -7.617  5.571   -19.191 1.000 19.115 ? 163 GLU AAA CD  1 ? 
ATOM   1070 O  OE1 . GLU A 1 124 ? -7.295  6.747   -19.297 1.000 20.435 ? 163 GLU AAA OE1 1 ? 
ATOM   1071 O  OE2 . GLU A 1 124 ? -8.132  4.909   -20.130 1.000 24.194 ? 163 GLU AAA OE2 1 ? 
ATOM   1072 N  N   . LEU A 1 125 ? -4.068  7.271   -15.092 1.000 14.343 ? 164 LEU AAA N   1 ? 
ATOM   1073 C  CA  . LEU A 1 125 ? -3.756  8.391   -14.203 1.000 15.320 ? 164 LEU AAA CA  1 ? 
ATOM   1074 C  C   . LEU A 1 125 ? -3.823  9.656   -15.056 1.000 14.730 ? 164 LEU AAA C   1 ? 
ATOM   1075 O  O   . LEU A 1 125 ? -3.212  9.717   -16.115 1.000 14.563 ? 164 LEU AAA O   1 ? 
ATOM   1076 C  CB  . LEU A 1 125 ? -2.326  8.199   -13.703 1.000 16.116 ? 164 LEU AAA CB  1 ? 
ATOM   1077 C  CG  . LEU A 1 125 ? -1.817  9.224   -12.679 1.000 14.131 ? 164 LEU AAA CG  1 ? 
ATOM   1078 C  CD1 . LEU A 1 125 ? -2.579  9.015   -11.344 1.000 15.901 ? 164 LEU AAA CD1 1 ? 
ATOM   1079 C  CD2 . LEU A 1 125 ? -0.297  9.101   -12.535 1.000 17.296 ? 164 LEU AAA CD2 1 ? 
ATOM   1080 N  N   . PRO A 1 126 ? -4.565  10.693  -14.648 1.000 15.224 ? 165 PRO AAA N   1 ? 
ATOM   1081 C  CA  . PRO A 1 126 ? -4.733  11.864  -15.493 1.000 14.902 ? 165 PRO AAA CA  1 ? 
ATOM   1082 C  C   . PRO A 1 126 ? -3.475  12.685  -15.644 1.000 14.640 ? 165 PRO AAA C   1 ? 
ATOM   1083 O  O   . PRO A 1 126 ? -2.609  12.768  -14.755 1.000 14.579 ? 165 PRO AAA O   1 ? 
ATOM   1084 C  CB  . PRO A 1 126 ? -5.785  12.720  -14.812 1.000 17.780 ? 165 PRO AAA CB  1 ? 
ATOM   1085 C  CG  . PRO A 1 126 ? -5.665  12.304  -13.369 1.000 22.098 ? 165 PRO AAA CG  1 ? 
ATOM   1086 C  CD  . PRO A 1 126 ? -5.383  10.806  -13.410 1.000 16.890 ? 165 PRO AAA CD  1 ? 
ATOM   1087 N  N   . THR A 1 127 ? -3.425  13.373  -16.790 1.000 15.802 ? 166 THR AAA N   1 ? 
ATOM   1088 C  CA  . THR A 1 127 ? -2.358  14.337  -16.976 1.000 16.340 ? 166 THR AAA CA  1 ? 
ATOM   1089 C  C   . THR A 1 127 ? -2.405  15.337  -15.804 1.000 15.963 ? 166 THR AAA C   1 ? 
ATOM   1090 O  O   . THR A 1 127 ? -3.493  15.764  -15.401 1.000 17.245 ? 166 THR AAA O   1 ? 
ATOM   1091 C  CB  . THR A 1 127 ? -2.562  15.083  -18.304 1.000 17.812 ? 166 THR AAA CB  1 ? 
ATOM   1092 O  OG1 . THR A 1 127 ? -2.859  14.122  -19.312 1.000 18.487 ? 166 THR AAA OG1 1 ? 
ATOM   1093 C  CG2 . THR A 1 127 ? -1.364  15.949  -18.631 1.000 21.357 ? 166 THR AAA CG2 1 ? 
ATOM   1094 N  N   . GLU A 1 128 ? -1.225  15.637  -15.273 1.000 18.209 ? 167 GLU AAA N   1 ? 
ATOM   1095 C  CA  . GLU A 1 128 ? -1.128  16.597  -14.182 1.000 21.483 ? 167 GLU AAA CA  1 ? 
ATOM   1096 C  C   . GLU A 1 128 ? -1.564  17.981  -14.667 1.000 24.841 ? 167 GLU AAA C   1 ? 
ATOM   1097 O  O   . GLU A 1 128 ? -1.148  18.432  -15.734 1.000 26.726 ? 167 GLU AAA O   1 ? 
ATOM   1098 C  CB  . GLU A 1 128 ? 0.309   16.636  -13.646 1.000 24.836 ? 167 GLU AAA CB  1 ? 
ATOM   1099 C  CG  . GLU A 1 128 ? 0.539   17.667  -12.560 1.000 30.787 ? 167 GLU AAA CG  1 ? 
ATOM   1100 C  CD  . GLU A 1 128 ? 1.769   17.391  -11.715 1.000 32.691 ? 167 GLU AAA CD  1 ? 
ATOM   1101 O  OE1 . GLU A 1 128 ? 2.744   16.867  -12.278 1.000 33.860 ? 167 GLU AAA OE1 1 ? 
ATOM   1102 O  OE2 . GLU A 1 128 ? 1.747   17.683  -10.499 1.000 40.057 ? 167 GLU AAA OE2 1 ? 
ATOM   1103 N  N   . GLU A 1 129 ? -2.450  18.638  -13.898 1.000 23.307 ? 168 GLU AAA N   1 ? 
ATOM   1104 C  CA  . GLU A 1 129 ? -2.880  19.956  -14.322 1.000 29.211 ? 168 GLU AAA CA  1 ? 
ATOM   1105 C  C   . GLU A 1 129 ? -2.613  20.943  -13.186 1.000 38.372 ? 168 GLU AAA C   1 ? 
ATOM   1106 O  O   . GLU A 1 129 ? -1.863  20.661  -12.235 1.000 43.572 ? 168 GLU AAA O   1 ? 
ATOM   1107 C  CB  . GLU A 1 129 ? -4.349  19.913  -14.746 1.000 36.685 ? 168 GLU AAA CB  1 ? 
ATOM   1108 C  CG  . GLU A 1 129 ? -5.293  19.815  -13.566 1.000 40.656 ? 168 GLU AAA CG  1 ? 
ATOM   1109 C  CD  . GLU A 1 129 ? -6.607  19.108  -13.824 1.000 49.551 ? 168 GLU AAA CD  1 ? 
ATOM   1110 O  OE1 . GLU A 1 129 ? -6.758  18.488  -14.921 1.000 48.531 ? 168 GLU AAA OE1 1 ? 
ATOM   1111 O  OE2 . GLU A 1 129 ? -7.479  19.169  -12.926 1.000 49.944 ? 168 GLU AAA OE2 1 ? 
ATOM   1112 O  OXT . GLU A 1 129 ? -3.161  22.039  -13.264 1.000 40.506 ? 168 GLU AAA OXT 1 ? 
HETATM 1113 C  C1  . GOL B 2 .   ? 12.631  -6.646  1.449   1.000 34.841 ? 201 GOL AAA C1  1 ? 
HETATM 1114 O  O1  . GOL B 2 .   ? 13.233  -5.712  2.342   1.000 30.618 ? 201 GOL AAA O1  1 ? 
HETATM 1115 C  C2  . GOL B 2 .   ? 11.996  -5.898  0.308   1.000 38.373 ? 201 GOL AAA C2  1 ? 
HETATM 1116 O  O2  . GOL B 2 .   ? 10.956  -6.675  -0.285  1.000 47.406 ? 201 GOL AAA O2  1 ? 
HETATM 1117 C  C3  . GOL B 2 .   ? 11.437  -4.584  0.785   1.000 35.807 ? 201 GOL AAA C3  1 ? 
HETATM 1118 O  O3  . GOL B 2 .   ? 10.510  -4.835  1.839   1.000 23.092 ? 201 GOL AAA O3  1 ? 
HETATM 1119 C  C4  . IJX C 3 .   ? 1.593   -12.950 4.662   1.000 20.446 ? 202 IJX AAA C4  1 ? 
HETATM 1120 C  C5  . IJX C 3 .   ? 1.646   -14.295 4.962   1.000 19.573 ? 202 IJX AAA C5  1 ? 
HETATM 1121 C  C6  . IJX C 3 .   ? 0.498   -14.887 5.472   1.000 21.117 ? 202 IJX AAA C6  1 ? 
HETATM 1122 C  C7  . IJX C 3 .   ? -0.692  -14.197 5.613   1.000 25.035 ? 202 IJX AAA C7  1 ? 
HETATM 1123 C  C8  . IJX C 3 .   ? -0.756  -12.875 5.238   1.000 22.829 ? 202 IJX AAA C8  1 ? 
HETATM 1124 N  N1  . IJX C 3 .   ? 0.254   -10.885 4.436   1.000 19.034 ? 202 IJX AAA N1  1 ? 
HETATM 1125 C  C3  . IJX C 3 .   ? 0.396   -12.242 4.769   1.000 21.389 ? 202 IJX AAA C3  1 ? 
HETATM 1126 C  C1  . IJX C 3 .   ? 0.479   -8.822  3.260   1.000 20.789 ? 202 IJX AAA C1  1 ? 
HETATM 1127 C  C2  . IJX C 3 .   ? 0.968   -10.232 3.514   1.000 19.590 ? 202 IJX AAA C2  1 ? 
HETATM 1128 O  O1  . IJX C 3 .   ? 1.967   -10.814 2.957   1.000 20.717 ? 202 IJX AAA O1  1 ? 
HETATM 1129 BR BR1 . IJX C 3 .   ? 0.508   -16.723 5.964   1.000 30.146 ? 202 IJX AAA BR1 1 ? 
HETATM 1130 O  O   . HOH D 4 .   ? 2.344   15.476  7.860   1.000 16.407 ? 301 HOH AAA O   1 ? 
HETATM 1131 O  O   . HOH D 4 .   ? -15.461 -1.825  -7.806  1.000 32.098 ? 302 HOH AAA O   1 ? 
HETATM 1132 O  O   . HOH D 4 .   ? 7.536   15.909  0.212   1.000 26.757 ? 303 HOH AAA O   1 ? 
HETATM 1133 O  O   . HOH D 4 .   ? 8.189   1.512   -7.809  1.000 39.919 ? 304 HOH AAA O   1 ? 
HETATM 1134 O  O   . HOH D 4 .   ? -1.309  16.077  -10.640 1.000 29.876 ? 305 HOH AAA O   1 ? 
HETATM 1135 O  O   . HOH D 4 .   ? -3.450  -14.432 -10.265 1.000 35.383 ? 306 HOH AAA O   1 ? 
HETATM 1136 O  O   . HOH D 4 .   ? -3.587  1.332   9.021   1.000 27.002 ? 307 HOH AAA O   1 ? 
HETATM 1137 O  O   . HOH D 4 .   ? 5.141   -16.070 16.521  1.000 32.746 ? 308 HOH AAA O   1 ? 
HETATM 1138 O  O   . HOH D 4 .   ? 9.634   -17.087 5.473   1.000 28.457 ? 309 HOH AAA O   1 ? 
HETATM 1139 O  O   . HOH D 4 .   ? 0.001   -17.170 9.479   1.000 29.666 ? 310 HOH AAA O   1 ? 
HETATM 1140 O  O   . HOH D 4 .   ? -1.872  -4.335  11.807  1.000 19.416 ? 311 HOH AAA O   1 ? 
HETATM 1141 O  O   . HOH D 4 .   ? 3.190   12.132  -11.940 1.000 32.813 ? 312 HOH AAA O   1 ? 
HETATM 1142 O  O   . HOH D 4 .   ? -7.892  9.307   -17.144 1.000 38.588 ? 313 HOH AAA O   1 ? 
HETATM 1143 O  O   . HOH D 4 .   ? 3.742   -8.902  2.286   1.000 15.739 ? 314 HOH AAA O   1 ? 
HETATM 1144 O  O   . HOH D 4 .   ? 4.607   -19.238 1.503   1.000 31.513 ? 315 HOH AAA O   1 ? 
HETATM 1145 O  O   . HOH D 4 .   ? 10.216  11.212  -2.709  1.000 25.381 ? 316 HOH AAA O   1 ? 
HETATM 1146 O  O   . HOH D 4 .   ? -6.379  -5.965  -16.738 1.000 39.757 ? 317 HOH AAA O   1 ? 
HETATM 1147 O  O   . HOH D 4 .   ? 17.166  -9.308  14.431  1.000 24.258 ? 318 HOH AAA O   1 ? 
HETATM 1148 O  O   . HOH D 4 .   ? 3.820   19.281  -10.620 1.000 38.744 ? 319 HOH AAA O   1 ? 
HETATM 1149 O  O   . HOH D 4 .   ? -2.407  -15.392 16.830  1.000 27.705 ? 320 HOH AAA O   1 ? 
HETATM 1150 O  O   . HOH D 4 .   ? -1.658  -17.076 13.588  1.000 30.491 ? 321 HOH AAA O   1 ? 
HETATM 1151 O  O   . HOH D 4 .   ? -5.853  16.226  -16.530 1.000 24.021 ? 322 HOH AAA O   1 ? 
HETATM 1152 O  O   . HOH D 4 .   ? 3.526   14.158  13.631  1.000 33.084 ? 323 HOH AAA O   1 ? 
HETATM 1153 O  O   . HOH D 4 .   ? -7.805  -3.124  9.862   1.000 32.866 ? 324 HOH AAA O   1 ? 
HETATM 1154 O  O   . HOH D 4 .   ? 14.000  -9.751  1.427   1.000 37.856 ? 325 HOH AAA O   1 ? 
HETATM 1155 O  O   . HOH D 4 .   ? -13.753 1.901   -1.279  1.000 31.608 ? 326 HOH AAA O   1 ? 
HETATM 1156 O  O   . HOH D 4 .   ? -3.792  -20.881 -3.546  1.000 27.419 ? 327 HOH AAA O   1 ? 
HETATM 1157 O  O   . HOH D 4 .   ? -0.789  19.966  -17.908 1.000 44.457 ? 328 HOH AAA O   1 ? 
HETATM 1158 O  O   . HOH D 4 .   ? 6.390   2.793   -8.475  1.000 33.667 ? 329 HOH AAA O   1 ? 
HETATM 1159 O  O   . HOH D 4 .   ? -7.701  -0.493  8.024   1.000 31.750 ? 330 HOH AAA O   1 ? 
HETATM 1160 O  O   . HOH D 4 .   ? -5.139  14.982  -20.469 1.000 31.964 ? 331 HOH AAA O   1 ? 
HETATM 1161 O  O   . HOH D 4 .   ? 1.185   -17.401 2.230   1.000 25.522 ? 332 HOH AAA O   1 ? 
HETATM 1162 O  O   . HOH D 4 .   ? 7.220   -9.086  14.247  1.000 20.795 ? 333 HOH AAA O   1 ? 
HETATM 1163 O  O   . HOH D 4 .   ? 8.549   -17.206 10.373  1.000 34.716 ? 334 HOH AAA O   1 ? 
HETATM 1164 O  O   . HOH D 4 .   ? 1.155   -5.339  3.053   1.000 15.613 ? 335 HOH AAA O   1 ? 
HETATM 1165 O  O   . HOH D 4 .   ? -9.816  5.690   -14.647 1.000 22.359 ? 336 HOH AAA O   1 ? 
HETATM 1166 O  O   . HOH D 4 .   ? -7.075  8.166   -21.606 1.000 25.957 ? 337 HOH AAA O   1 ? 
HETATM 1167 O  O   . HOH D 4 .   ? 0.961   3.365   9.100   1.000 32.422 ? 338 HOH AAA O   1 ? 
HETATM 1168 O  O   . HOH D 4 .   ? -1.939  -9.470  5.941   1.000 17.899 ? 339 HOH AAA O   1 ? 
HETATM 1169 O  O   . HOH D 4 .   ? -0.336  14.296  10.093  1.000 49.870 ? 340 HOH AAA O   1 ? 
HETATM 1170 O  O   . HOH D 4 .   ? 8.181   0.852   5.576   1.000 21.631 ? 341 HOH AAA O   1 ? 
HETATM 1171 O  O   . HOH D 4 .   ? -5.672  19.129  -6.371  1.000 43.498 ? 342 HOH AAA O   1 ? 
HETATM 1172 O  O   . HOH D 4 .   ? 10.382  -8.660  16.090  1.000 24.872 ? 343 HOH AAA O   1 ? 
HETATM 1173 O  O   . HOH D 4 .   ? 5.729   -13.508 15.300  1.000 22.024 ? 344 HOH AAA O   1 ? 
HETATM 1174 O  O   . HOH D 4 .   ? 5.557   -15.068 -4.932  1.000 18.352 ? 345 HOH AAA O   1 ? 
HETATM 1175 O  O   . HOH D 4 .   ? 9.750   -1.603  -2.620  1.000 32.698 ? 346 HOH AAA O   1 ? 
HETATM 1176 O  O   . HOH D 4 .   ? 2.182   -6.870  1.144   1.000 19.240 ? 347 HOH AAA O   1 ? 
HETATM 1177 O  O   . HOH D 4 .   ? 1.789   5.947   10.905  1.000 24.279 ? 348 HOH AAA O   1 ? 
HETATM 1178 O  O   . HOH D 4 .   ? 6.565   -0.552  9.413   1.000 15.069 ? 349 HOH AAA O   1 ? 
HETATM 1179 O  O   . HOH D 4 .   ? -1.107  14.214  -21.443 1.000 20.433 ? 350 HOH AAA O   1 ? 
HETATM 1180 O  O   . HOH D 4 .   ? -3.327  13.523  -1.021  1.000 29.778 ? 351 HOH AAA O   1 ? 
HETATM 1181 O  O   . HOH D 4 .   ? -10.590 -9.205  -9.441  1.000 37.680 ? 352 HOH AAA O   1 ? 
HETATM 1182 O  O   . HOH D 4 .   ? 3.323   -1.266  15.522  1.000 24.687 ? 353 HOH AAA O   1 ? 
HETATM 1183 O  O   . HOH D 4 .   ? -0.529  10.236  11.484  1.000 36.225 ? 354 HOH AAA O   1 ? 
HETATM 1184 O  O   . HOH D 4 .   ? 2.602   -4.496  12.568  1.000 15.932 ? 355 HOH AAA O   1 ? 
HETATM 1185 O  O   . HOH D 4 .   ? -1.664  -9.120  -11.370 1.000 17.232 ? 356 HOH AAA O   1 ? 
HETATM 1186 O  O   . HOH D 4 .   ? 7.239   2.541   -0.605  1.000 19.353 ? 357 HOH AAA O   1 ? 
HETATM 1187 O  O   . HOH D 4 .   ? 8.555   -2.471  -5.918  1.000 31.192 ? 358 HOH AAA O   1 ? 
HETATM 1188 O  O   . HOH D 4 .   ? 4.156   -5.162  3.800   1.000 17.147 ? 359 HOH AAA O   1 ? 
HETATM 1189 O  O   . HOH D 4 .   ? 3.080   -1.662  6.578   1.000 13.404 ? 360 HOH AAA O   1 ? 
HETATM 1190 O  O   . HOH D 4 .   ? 9.373   -4.446  -1.986  1.000 28.482 ? 361 HOH AAA O   1 ? 
HETATM 1191 O  O   . HOH D 4 .   ? 11.294  -14.483 1.011   1.000 27.210 ? 362 HOH AAA O   1 ? 
HETATM 1192 O  O   . HOH D 4 .   ? -9.243  -5.353  7.317   1.000 23.858 ? 363 HOH AAA O   1 ? 
HETATM 1193 O  O   . HOH D 4 .   ? 8.659   -15.950 -2.859  1.000 33.859 ? 364 HOH AAA O   1 ? 
HETATM 1194 O  O   . HOH D 4 .   ? 0.430   -16.796 -8.180  1.000 29.150 ? 365 HOH AAA O   1 ? 
HETATM 1195 O  O   . HOH D 4 .   ? -5.216  12.405  -2.331  1.000 23.858 ? 366 HOH AAA O   1 ? 
HETATM 1196 O  O   . HOH D 4 .   ? -1.117  2.536   9.016   1.000 27.060 ? 367 HOH AAA O   1 ? 
HETATM 1197 O  O   . HOH D 4 .   ? 2.684   -2.858  17.398  1.000 26.142 ? 368 HOH AAA O   1 ? 
HETATM 1198 O  O   . HOH D 4 .   ? 8.259   1.282   3.772   1.000 34.336 ? 369 HOH AAA O   1 ? 
HETATM 1199 O  O   . HOH D 4 .   ? 0.676   13.738  6.494   1.000 19.586 ? 370 HOH AAA O   1 ? 
HETATM 1200 O  O   . HOH D 4 .   ? 8.503   14.550  -0.292  1.000 16.940 ? 371 HOH AAA O   1 ? 
HETATM 1201 O  O   . HOH D 4 .   ? -4.324  -4.789  -15.545 1.000 19.135 ? 372 HOH AAA O   1 ? 
HETATM 1202 O  O   . HOH D 4 .   ? -12.505 -12.025 -5.822  1.000 28.972 ? 373 HOH AAA O   1 ? 
HETATM 1203 O  O   . HOH D 4 .   ? 3.675   -2.007  11.852  1.000 16.451 ? 374 HOH AAA O   1 ? 
HETATM 1204 O  O   . HOH D 4 .   ? -0.861  -5.823  4.804   1.000 13.333 ? 375 HOH AAA O   1 ? 
HETATM 1205 O  O   . HOH D 4 .   ? -13.288 -0.442  5.477   1.000 34.933 ? 376 HOH AAA O   1 ? 
HETATM 1206 O  O   . HOH D 4 .   ? -6.285  3.751   7.100   1.000 24.487 ? 377 HOH AAA O   1 ? 
HETATM 1207 O  O   . HOH D 4 .   ? 1.372   14.227  -8.931  1.000 15.714 ? 378 HOH AAA O   1 ? 
HETATM 1208 O  O   . HOH D 4 .   ? -8.392  14.158  -10.049 1.000 25.527 ? 379 HOH AAA O   1 ? 
HETATM 1209 O  O   . HOH D 4 .   ? 5.508   5.502   12.777  1.000 24.563 ? 380 HOH AAA O   1 ? 
HETATM 1210 O  O   . HOH D 4 .   ? -9.091  -0.351  -15.322 1.000 33.925 ? 381 HOH AAA O   1 ? 
HETATM 1211 O  O   . HOH D 4 .   ? -5.321  -13.373 -9.019  1.000 26.662 ? 382 HOH AAA O   1 ? 
HETATM 1212 O  O   . HOH D 4 .   ? 6.488   6.792   -0.830  1.000 17.387 ? 383 HOH AAA O   1 ? 
HETATM 1213 O  O   . HOH D 4 .   ? -11.822 -7.618  1.580   1.000 18.871 ? 384 HOH AAA O   1 ? 
HETATM 1214 O  O   . HOH D 4 .   ? -8.660  -8.095  -10.681 1.000 20.281 ? 385 HOH AAA O   1 ? 
HETATM 1215 O  O   . HOH D 4 .   ? -11.294 6.809   -1.290  1.000 29.461 ? 386 HOH AAA O   1 ? 
HETATM 1216 O  O   . HOH D 4 .   ? 9.051   -9.942  12.280  1.000 18.832 ? 387 HOH AAA O   1 ? 
HETATM 1217 O  O   . HOH D 4 .   ? -9.358  -11.066 -13.491 1.000 32.456 ? 388 HOH AAA O   1 ? 
HETATM 1218 O  O   . HOH D 4 .   ? -16.106 -4.725  -4.747  1.000 26.017 ? 389 HOH AAA O   1 ? 
HETATM 1219 O  O   . HOH D 4 .   ? 10.175  -11.537 15.472  1.000 26.018 ? 390 HOH AAA O   1 ? 
HETATM 1220 O  O   . HOH D 4 .   ? 3.647   15.680  -9.732  1.000 20.550 ? 391 HOH AAA O   1 ? 
HETATM 1221 O  O   . HOH D 4 .   ? -12.829 -5.114  0.972   1.000 22.129 ? 392 HOH AAA O   1 ? 
HETATM 1222 O  O   . HOH D 4 .   ? 0.826   4.926   -15.707 1.000 32.496 ? 393 HOH AAA O   1 ? 
HETATM 1223 O  O   . HOH D 4 .   ? -2.675  19.477  -9.743  1.000 23.035 ? 394 HOH AAA O   1 ? 
HETATM 1224 O  O   . HOH D 4 .   ? 3.423   9.153   11.470  1.000 22.872 ? 395 HOH AAA O   1 ? 
HETATM 1225 O  O   . HOH D 4 .   ? 7.757   18.788  -8.112  1.000 15.744 ? 396 HOH AAA O   1 ? 
HETATM 1226 O  O   . HOH D 4 .   ? -2.184  -8.263  10.187  1.000 21.205 ? 397 HOH AAA O   1 ? 
HETATM 1227 O  O   . HOH D 4 .   ? 2.951   -11.710 -8.738  1.000 32.762 ? 398 HOH AAA O   1 ? 
HETATM 1228 O  O   . HOH D 4 .   ? -14.345 -7.724  -5.590  1.000 23.183 ? 399 HOH AAA O   1 ? 
HETATM 1229 O  O   . HOH D 4 .   ? -9.929  6.466   -21.817 1.000 38.494 ? 400 HOH AAA O   1 ? 
HETATM 1230 O  O   . HOH D 4 .   ? 1.195   14.390  -16.316 1.000 25.278 ? 401 HOH AAA O   1 ? 
HETATM 1231 O  O   . HOH D 4 .   ? 3.130   0.810   -11.305 1.000 27.822 ? 402 HOH AAA O   1 ? 
HETATM 1232 O  O   . HOH D 4 .   ? -4.819  -0.142  -19.624 1.000 31.286 ? 403 HOH AAA O   1 ? 
HETATM 1233 O  O   . HOH D 4 .   ? -13.414 -3.569  3.273   1.000 26.078 ? 404 HOH AAA O   1 ? 
HETATM 1234 O  O   . HOH D 4 .   ? 8.876   -1.811  18.839  1.000 27.886 ? 405 HOH AAA O   1 ? 
HETATM 1235 O  O   . HOH D 4 .   ? -1.593  -17.337 1.606   1.000 18.097 ? 406 HOH AAA O   1 ? 
HETATM 1236 O  O   . HOH D 4 .   ? -14.214 3.037   -11.757 1.000 25.467 ? 407 HOH AAA O   1 ? 
HETATM 1237 O  O   . HOH D 4 .   ? 9.269   11.424  -6.958  1.000 28.886 ? 408 HOH AAA O   1 ? 
HETATM 1238 O  O   . HOH D 4 .   ? 2.676   -4.380  6.259   1.000 16.417 ? 409 HOH AAA O   1 ? 
HETATM 1239 O  O   . HOH D 4 .   ? 9.578   5.812   -6.760  1.000 29.595 ? 410 HOH AAA O   1 ? 
HETATM 1240 O  O   . HOH D 4 .   ? 7.637   5.269   2.937   1.000 29.487 ? 411 HOH AAA O   1 ? 
HETATM 1241 O  O   . HOH D 4 .   ? 8.620   15.479  12.807  1.000 28.905 ? 412 HOH AAA O   1 ? 
HETATM 1242 O  O   . HOH D 4 .   ? 4.747   11.993  -9.692  1.000 17.559 ? 413 HOH AAA O   1 ? 
HETATM 1243 O  O   . HOH D 4 .   ? -16.342 -4.233  -0.004  1.000 27.567 ? 414 HOH AAA O   1 ? 
HETATM 1244 O  O   . HOH D 4 .   ? -2.339  -7.201  7.705   1.000 20.505 ? 415 HOH AAA O   1 ? 
HETATM 1245 O  O   . HOH D 4 .   ? 5.375   21.341  1.648   1.000 22.689 ? 416 HOH AAA O   1 ? 
HETATM 1246 O  O   . HOH D 4 .   ? -1.255  21.980  -2.160  1.000 26.920 ? 417 HOH AAA O   1 ? 
HETATM 1247 O  O   . HOH D 4 .   ? 8.412   9.539   2.755   1.000 31.705 ? 418 HOH AAA O   1 ? 
HETATM 1248 O  O   . HOH D 4 .   ? 1.198   -20.789 12.338  1.000 39.630 ? 419 HOH AAA O   1 ? 
HETATM 1249 O  O   . HOH D 4 .   ? -8.739  1.058   -16.931 1.000 39.107 ? 420 HOH AAA O   1 ? 
HETATM 1250 O  O   . HOH D 4 .   ? -7.875  15.130  -12.919 1.000 29.552 ? 421 HOH AAA O   1 ? 
HETATM 1251 O  O   . HOH D 4 .   ? 4.336   -2.188  9.191   1.000 14.007 ? 422 HOH AAA O   1 ? 
HETATM 1252 O  O   . HOH D 4 .   ? -0.172  -2.101  -18.792 1.000 36.052 ? 423 HOH AAA O   1 ? 
HETATM 1253 O  O   . HOH D 4 .   ? 10.055  12.337  6.057   1.000 29.238 ? 424 HOH AAA O   1 ? 
HETATM 1254 O  O   . HOH D 4 .   ? 5.497   2.566   -11.221 1.000 33.079 ? 425 HOH AAA O   1 ? 
HETATM 1255 O  O   . HOH D 4 .   ? 10.214  22.680  10.318  1.000 43.616 ? 426 HOH AAA O   1 ? 
HETATM 1256 O  O   . HOH D 4 .   ? -12.241 -2.899  -13.391 1.000 32.494 ? 427 HOH AAA O   1 ? 
HETATM 1257 O  O   . HOH D 4 .   ? -12.773 -0.582  -11.372 1.000 34.108 ? 428 HOH AAA O   1 ? 
HETATM 1258 O  O   . HOH D 4 .   ? 8.181   5.643   6.738   1.000 25.442 ? 429 HOH AAA O   1 ? 
HETATM 1259 O  O   . HOH D 4 .   ? -10.666 -8.767  -14.293 1.000 35.311 ? 430 HOH AAA O   1 ? 
HETATM 1260 O  O   . HOH D 4 .   ? -7.940  5.895   7.615   1.000 40.480 ? 431 HOH AAA O   1 ? 
HETATM 1261 O  O   . HOH D 4 .   ? 8.894   7.621   11.024  1.000 24.972 ? 432 HOH AAA O   1 ? 
HETATM 1262 O  O   . HOH D 4 .   ? 14.835  -0.379  4.292   1.000 36.699 ? 433 HOH AAA O   1 ? 
HETATM 1263 O  O   . HOH D 4 .   ? -3.679  -2.929  -17.360 1.000 30.329 ? 434 HOH AAA O   1 ? 
HETATM 1264 O  O   . HOH D 4 .   ? -13.551 -10.269 -7.329  1.000 38.298 ? 435 HOH AAA O   1 ? 
HETATM 1265 O  O   . HOH D 4 .   ? 6.379   1.324   17.503  1.000 22.780 ? 436 HOH AAA O   1 ? 
HETATM 1266 O  O   . HOH D 4 .   ? 9.004   5.700   9.200   1.000 29.277 ? 437 HOH AAA O   1 ? 
HETATM 1267 O  O   . HOH D 4 .   ? -8.228  -3.125  -19.110 1.000 41.045 ? 438 HOH AAA O   1 ? 
HETATM 1268 O  O   . HOH D 4 .   ? -1.194  -6.936  -13.020 1.000 20.182 ? 439 HOH AAA O   1 ? 
HETATM 1269 O  O   . HOH D 4 .   ? -5.577  -11.589 -11.243 1.000 25.685 ? 440 HOH AAA O   1 ? 
HETATM 1270 O  O   . HOH D 4 .   ? -9.655  -6.806  -13.003 1.000 30.486 ? 441 HOH AAA O   1 ? 
HETATM 1271 O  O   . HOH D 4 .   ? -11.518 10.950  2.056   1.000 38.927 ? 442 HOH AAA O   1 ? 
HETATM 1272 O  O   . HOH D 4 .   ? -7.479  14.278  -2.037  1.000 29.920 ? 443 HOH AAA O   1 ? 
HETATM 1273 O  O   . HOH D 4 .   ? 6.742   9.160   0.628   1.000 25.851 ? 444 HOH AAA O   1 ? 
HETATM 1274 O  O   . HOH D 4 .   ? -3.193  -10.826 -12.799 1.000 26.104 ? 445 HOH AAA O   1 ? 
HETATM 1275 O  O   . HOH D 4 .   ? 6.485   18.812  -10.547 1.000 32.538 ? 446 HOH AAA O   1 ? 
HETATM 1276 O  O   . HOH D 4 .   ? 1.654   8.908   13.434  1.000 40.569 ? 447 HOH AAA O   1 ? 
HETATM 1277 O  O   . HOH D 4 .   ? 2.991   20.807  -12.972 1.000 40.739 ? 448 HOH AAA O   1 ? 
HETATM 1278 O  O   . HOH D 4 .   ? -8.400  -8.238  8.559   1.000 46.676 ? 449 HOH AAA O   1 ? 
HETATM 1279 O  O   . HOH D 4 .   ? 1.345   -1.094  13.108  1.000 26.399 ? 450 HOH AAA O   1 ? 
HETATM 1280 O  O   . HOH D 4 .   ? -0.284  4.317   10.931  1.000 28.575 ? 451 HOH AAA O   1 ? 
HETATM 1281 O  O   . HOH D 4 .   ? 7.277   -11.340 15.885  1.000 20.055 ? 452 HOH AAA O   1 ? 
HETATM 1282 O  O   . HOH D 4 .   ? 8.087   -18.326 17.446  1.000 27.719 ? 453 HOH AAA O   1 ? 
HETATM 1283 O  O   . HOH D 4 .   ? 8.521   2.737   1.961   1.000 29.225 ? 454 HOH AAA O   1 ? 
HETATM 1284 O  O   . HOH D 4 .   ? 0.158   -3.887  13.545  1.000 22.182 ? 455 HOH AAA O   1 ? 
HETATM 1285 O  O   . HOH D 4 .   ? -10.229 7.977   -16.089 1.000 34.177 ? 456 HOH AAA O   1 ? 
HETATM 1286 O  O   . HOH D 4 .   ? -18.588 -3.595  -1.370  1.000 23.533 ? 457 HOH AAA O   1 ? 
HETATM 1287 O  O   . HOH D 4 .   ? 9.423   3.985   -1.782  1.000 40.355 ? 458 HOH AAA O   1 ? 
HETATM 1288 O  O   . HOH D 4 .   ? 1.197   -19.306 8.453   1.000 43.566 ? 459 HOH AAA O   1 ? 
HETATM 1289 O  O   . HOH D 4 .   ? -7.915  -10.740 -11.321 1.000 26.562 ? 460 HOH AAA O   1 ? 
HETATM 1290 O  O   . HOH D 4 .   ? 10.141  10.179  -5.199  1.000 26.630 ? 461 HOH AAA O   1 ? 
HETATM 1291 O  O   . HOH D 4 .   ? -2.860  6.893   12.507  1.000 52.049 ? 462 HOH AAA O   1 ? 
HETATM 1292 O  O   . HOH D 4 .   ? -11.540 3.720   0.825   1.000 36.198 ? 463 HOH AAA O   1 ? 
HETATM 1293 O  O   . HOH D 4 .   ? -3.534  -2.062  12.508  1.000 32.872 ? 464 HOH AAA O   1 ? 
HETATM 1294 O  O   . HOH D 4 .   ? -8.051  -16.217 -7.258  1.000 23.792 ? 465 HOH AAA O   1 ? 
HETATM 1295 O  O   . HOH D 4 .   ? -0.549  0.712   12.754  1.000 31.484 ? 466 HOH AAA O   1 ? 
HETATM 1296 O  O   . HOH D 4 .   ? -8.883  -12.716 -9.438  1.000 32.032 ? 467 HOH AAA O   1 ? 
# 
